data_2YVO
# 
_entry.id   2YVO 
# 
_audit_conform.dict_name       mmcif_pdbx.dic 
_audit_conform.dict_version    5.380 
_audit_conform.dict_location   http://mmcif.pdb.org/dictionaries/ascii/mmcif_pdbx.dic 
# 
loop_
_database_2.database_id 
_database_2.database_code 
_database_2.pdbx_database_accession 
_database_2.pdbx_DOI 
PDB   2YVO         pdb_00002yvo 10.2210/pdb2yvo/pdb 
RCSB  RCSB027192   ?            ?                   
WWPDB D_1000027192 ?            ?                   
# 
loop_
_pdbx_database_related.db_name 
_pdbx_database_related.db_id 
_pdbx_database_related.details 
_pdbx_database_related.content_type 
PDB      2YVM           . unspecified 
PDB      2YVN           . unspecified 
PDB      2YVP           . unspecified 
TargetDB ttk003001256.2 . unspecified 
# 
_pdbx_database_status.status_code                     REL 
_pdbx_database_status.entry_id                        2YVO 
_pdbx_database_status.recvd_initial_deposition_date   2007-04-13 
_pdbx_database_status.deposit_site                    PDBJ 
_pdbx_database_status.process_site                    PDBJ 
_pdbx_database_status.status_code_sf                  REL 
_pdbx_database_status.status_code_mr                  ? 
_pdbx_database_status.SG_entry                        Y 
_pdbx_database_status.pdb_format_compatible           Y 
_pdbx_database_status.status_code_cs                  ? 
_pdbx_database_status.status_code_nmr_data            ? 
_pdbx_database_status.methods_development_category    ? 
# 
loop_
_audit_author.name 
_audit_author.pdbx_ordinal 
'Wakamatsu, T.'                                          1 
'Nakagawa, N.'                                           2 
'Kuramitsu, S.'                                          3 
'Yokoyama, S.'                                           4 
'Masui, R.'                                              5 
'RIKEN Structural Genomics/Proteomics Initiative (RSGI)' 6 
# 
_citation.id                        primary 
_citation.title                     
'Structural basis for different substrate specificities of two ADP-ribose pyrophosphatases from Thermus thermophilus HB8' 
_citation.journal_abbrev            J.Bacteriol. 
_citation.journal_volume            190 
_citation.page_first                1108 
_citation.page_last                 1117 
_citation.year                      2008 
_citation.journal_id_ASTM           JOBAAY 
_citation.country                   US 
_citation.journal_id_ISSN           0021-9193 
_citation.journal_id_CSD            0767 
_citation.book_publisher            ? 
_citation.pdbx_database_id_PubMed   18039767 
_citation.pdbx_database_id_DOI      10.1128/JB.01522-07 
# 
loop_
_citation_author.citation_id 
_citation_author.name 
_citation_author.ordinal 
_citation_author.identifier_ORCID 
primary 'Wakamatsu, T.' 1 ? 
primary 'Nakagawa, N.'  2 ? 
primary 'Kuramitsu, S.' 3 ? 
primary 'Masui, R.'     4 ? 
# 
_cell.entry_id           2YVO 
_cell.length_a           40.699 
_cell.length_b           100.899 
_cell.length_c           97.172 
_cell.angle_alpha        90.00 
_cell.angle_beta         90.00 
_cell.angle_gamma        90.00 
_cell.Z_PDB              8 
_cell.pdbx_unique_axis   ? 
_cell.length_a_esd       ? 
_cell.length_b_esd       ? 
_cell.length_c_esd       ? 
_cell.angle_alpha_esd    ? 
_cell.angle_beta_esd     ? 
_cell.angle_gamma_esd    ? 
# 
_symmetry.entry_id                         2YVO 
_symmetry.space_group_name_H-M             'C 2 2 21' 
_symmetry.pdbx_full_space_group_name_H-M   ? 
_symmetry.cell_setting                     ? 
_symmetry.Int_Tables_number                20 
_symmetry.space_group_name_Hall            ? 
# 
loop_
_entity.id 
_entity.type 
_entity.src_method 
_entity.pdbx_description 
_entity.formula_weight 
_entity.pdbx_number_of_molecules 
_entity.pdbx_ec 
_entity.pdbx_mutation 
_entity.pdbx_fragment 
_entity.details 
1 polymer     man 'MutT/nudix family protein' 20336.439 1   3.6.1.- ? ? ? 
2 non-polymer syn 'MAGNESIUM ION'             24.305    3   ?       ? ? ? 
3 non-polymer syn 'ADENOSINE MONOPHOSPHATE'   347.221   1   ?       ? ? ? 
4 water       nat water                       18.015    138 ?       ? ? ? 
# 
_entity_name_com.entity_id   1 
_entity_name_com.name        NDX2 
# 
_entity_poly.entity_id                      1 
_entity_poly.type                           'polypeptide(L)' 
_entity_poly.nstd_linkage                   no 
_entity_poly.nstd_monomer                   no 
_entity_poly.pdbx_seq_one_letter_code       
;MSPWERILLEEILSEPVRLVKERVRTHTGRELTYVYRPGPVAASFVLPVTERGTALLVRQYRHPTGKFLLEVPAGKVDEG
ETPEAAARRELREEVGAEAETLIPLPSFHPQPSFTAVVFHPFLALKARVVTPPTLEEGELLESLELPLTEVYALLAKGEI
QDASTALTLFYAEPHLKRLGLL
;
_entity_poly.pdbx_seq_one_letter_code_can   
;MSPWERILLEEILSEPVRLVKERVRTHTGRELTYVYRPGPVAASFVLPVTERGTALLVRQYRHPTGKFLLEVPAGKVDEG
ETPEAAARRELREEVGAEAETLIPLPSFHPQPSFTAVVFHPFLALKARVVTPPTLEEGELLESLELPLTEVYALLAKGEI
QDASTALTLFYAEPHLKRLGLL
;
_entity_poly.pdbx_strand_id                 A 
_entity_poly.pdbx_target_identifier         ttk003001256.2 
# 
loop_
_entity_poly_seq.entity_id 
_entity_poly_seq.num 
_entity_poly_seq.mon_id 
_entity_poly_seq.hetero 
1 1   MET n 
1 2   SER n 
1 3   PRO n 
1 4   TRP n 
1 5   GLU n 
1 6   ARG n 
1 7   ILE n 
1 8   LEU n 
1 9   LEU n 
1 10  GLU n 
1 11  GLU n 
1 12  ILE n 
1 13  LEU n 
1 14  SER n 
1 15  GLU n 
1 16  PRO n 
1 17  VAL n 
1 18  ARG n 
1 19  LEU n 
1 20  VAL n 
1 21  LYS n 
1 22  GLU n 
1 23  ARG n 
1 24  VAL n 
1 25  ARG n 
1 26  THR n 
1 27  HIS n 
1 28  THR n 
1 29  GLY n 
1 30  ARG n 
1 31  GLU n 
1 32  LEU n 
1 33  THR n 
1 34  TYR n 
1 35  VAL n 
1 36  TYR n 
1 37  ARG n 
1 38  PRO n 
1 39  GLY n 
1 40  PRO n 
1 41  VAL n 
1 42  ALA n 
1 43  ALA n 
1 44  SER n 
1 45  PHE n 
1 46  VAL n 
1 47  LEU n 
1 48  PRO n 
1 49  VAL n 
1 50  THR n 
1 51  GLU n 
1 52  ARG n 
1 53  GLY n 
1 54  THR n 
1 55  ALA n 
1 56  LEU n 
1 57  LEU n 
1 58  VAL n 
1 59  ARG n 
1 60  GLN n 
1 61  TYR n 
1 62  ARG n 
1 63  HIS n 
1 64  PRO n 
1 65  THR n 
1 66  GLY n 
1 67  LYS n 
1 68  PHE n 
1 69  LEU n 
1 70  LEU n 
1 71  GLU n 
1 72  VAL n 
1 73  PRO n 
1 74  ALA n 
1 75  GLY n 
1 76  LYS n 
1 77  VAL n 
1 78  ASP n 
1 79  GLU n 
1 80  GLY n 
1 81  GLU n 
1 82  THR n 
1 83  PRO n 
1 84  GLU n 
1 85  ALA n 
1 86  ALA n 
1 87  ALA n 
1 88  ARG n 
1 89  ARG n 
1 90  GLU n 
1 91  LEU n 
1 92  ARG n 
1 93  GLU n 
1 94  GLU n 
1 95  VAL n 
1 96  GLY n 
1 97  ALA n 
1 98  GLU n 
1 99  ALA n 
1 100 GLU n 
1 101 THR n 
1 102 LEU n 
1 103 ILE n 
1 104 PRO n 
1 105 LEU n 
1 106 PRO n 
1 107 SER n 
1 108 PHE n 
1 109 HIS n 
1 110 PRO n 
1 111 GLN n 
1 112 PRO n 
1 113 SER n 
1 114 PHE n 
1 115 THR n 
1 116 ALA n 
1 117 VAL n 
1 118 VAL n 
1 119 PHE n 
1 120 HIS n 
1 121 PRO n 
1 122 PHE n 
1 123 LEU n 
1 124 ALA n 
1 125 LEU n 
1 126 LYS n 
1 127 ALA n 
1 128 ARG n 
1 129 VAL n 
1 130 VAL n 
1 131 THR n 
1 132 PRO n 
1 133 PRO n 
1 134 THR n 
1 135 LEU n 
1 136 GLU n 
1 137 GLU n 
1 138 GLY n 
1 139 GLU n 
1 140 LEU n 
1 141 LEU n 
1 142 GLU n 
1 143 SER n 
1 144 LEU n 
1 145 GLU n 
1 146 LEU n 
1 147 PRO n 
1 148 LEU n 
1 149 THR n 
1 150 GLU n 
1 151 VAL n 
1 152 TYR n 
1 153 ALA n 
1 154 LEU n 
1 155 LEU n 
1 156 ALA n 
1 157 LYS n 
1 158 GLY n 
1 159 GLU n 
1 160 ILE n 
1 161 GLN n 
1 162 ASP n 
1 163 ALA n 
1 164 SER n 
1 165 THR n 
1 166 ALA n 
1 167 LEU n 
1 168 THR n 
1 169 LEU n 
1 170 PHE n 
1 171 TYR n 
1 172 ALA n 
1 173 GLU n 
1 174 PRO n 
1 175 HIS n 
1 176 LEU n 
1 177 LYS n 
1 178 ARG n 
1 179 LEU n 
1 180 GLY n 
1 181 LEU n 
1 182 LEU n 
# 
_entity_src_gen.entity_id                          1 
_entity_src_gen.pdbx_src_id                        1 
_entity_src_gen.pdbx_alt_source_flag               sample 
_entity_src_gen.pdbx_seq_type                      ? 
_entity_src_gen.pdbx_beg_seq_num                   ? 
_entity_src_gen.pdbx_end_seq_num                   ? 
_entity_src_gen.gene_src_common_name               ? 
_entity_src_gen.gene_src_genus                     Thermus 
_entity_src_gen.pdbx_gene_src_gene                 ndx2 
_entity_src_gen.gene_src_species                   'Thermus thermophilus' 
_entity_src_gen.gene_src_strain                    HB8 
_entity_src_gen.gene_src_tissue                    ? 
_entity_src_gen.gene_src_tissue_fraction           ? 
_entity_src_gen.gene_src_details                   ? 
_entity_src_gen.pdbx_gene_src_fragment             ? 
_entity_src_gen.pdbx_gene_src_scientific_name      'Thermus thermophilus' 
_entity_src_gen.pdbx_gene_src_ncbi_taxonomy_id     300852 
_entity_src_gen.pdbx_gene_src_variant              ? 
_entity_src_gen.pdbx_gene_src_cell_line            ? 
_entity_src_gen.pdbx_gene_src_atcc                 ? 
_entity_src_gen.pdbx_gene_src_organ                ? 
_entity_src_gen.pdbx_gene_src_organelle            ? 
_entity_src_gen.pdbx_gene_src_cell                 ? 
_entity_src_gen.pdbx_gene_src_cellular_location    ? 
_entity_src_gen.host_org_common_name               ? 
_entity_src_gen.pdbx_host_org_scientific_name      'Escherichia coli BL21(DE3)' 
_entity_src_gen.pdbx_host_org_ncbi_taxonomy_id     469008 
_entity_src_gen.host_org_genus                     Escherichia 
_entity_src_gen.pdbx_host_org_gene                 ? 
_entity_src_gen.pdbx_host_org_organ                ? 
_entity_src_gen.host_org_species                   'Escherichia coli' 
_entity_src_gen.pdbx_host_org_tissue               ? 
_entity_src_gen.pdbx_host_org_tissue_fraction      ? 
_entity_src_gen.pdbx_host_org_strain               'BL21(DE3)' 
_entity_src_gen.pdbx_host_org_variant              ? 
_entity_src_gen.pdbx_host_org_cell_line            ? 
_entity_src_gen.pdbx_host_org_atcc                 ? 
_entity_src_gen.pdbx_host_org_culture_collection   ? 
_entity_src_gen.pdbx_host_org_cell                 ? 
_entity_src_gen.pdbx_host_org_organelle            ? 
_entity_src_gen.pdbx_host_org_cellular_location    ? 
_entity_src_gen.pdbx_host_org_vector_type          PLASMID 
_entity_src_gen.pdbx_host_org_vector               ? 
_entity_src_gen.host_org_details                   ? 
_entity_src_gen.expression_system_id               ? 
_entity_src_gen.plasmid_name                       pET11a 
_entity_src_gen.plasmid_details                    ? 
_entity_src_gen.pdbx_description                   ? 
# 
_struct_ref.id                         1 
_struct_ref.db_name                    UNP 
_struct_ref.db_code                    Q5SJY9_THET8 
_struct_ref.entity_id                  1 
_struct_ref.pdbx_seq_one_letter_code   
;MSPWERILLEEILSEPVRLVKERVRTHTGRELTYVYRPGPVAASFVLPVTERGTALLVRQYRHPTGKFLLEVPAGKVDEG
ETPEAAARRELREEVGAEAETLIPLPSFHPQPSFTAVVFHPFLALKARVVTPPTLEEGELLESLELPLTEVYALLAKGEI
QDASTALTLFYAEPHLKRLGLL
;
_struct_ref.pdbx_align_begin           1 
_struct_ref.pdbx_db_accession          Q5SJY9 
_struct_ref.pdbx_db_isoform            ? 
# 
_struct_ref_seq.align_id                      1 
_struct_ref_seq.ref_id                        1 
_struct_ref_seq.pdbx_PDB_id_code              2YVO 
_struct_ref_seq.pdbx_strand_id                A 
_struct_ref_seq.seq_align_beg                 1 
_struct_ref_seq.pdbx_seq_align_beg_ins_code   ? 
_struct_ref_seq.seq_align_end                 182 
_struct_ref_seq.pdbx_seq_align_end_ins_code   ? 
_struct_ref_seq.pdbx_db_accession             Q5SJY9 
_struct_ref_seq.db_align_beg                  1 
_struct_ref_seq.pdbx_db_align_beg_ins_code    ? 
_struct_ref_seq.db_align_end                  182 
_struct_ref_seq.pdbx_db_align_end_ins_code    ? 
_struct_ref_seq.pdbx_auth_seq_align_beg       1 
_struct_ref_seq.pdbx_auth_seq_align_end       182 
# 
loop_
_chem_comp.id 
_chem_comp.type 
_chem_comp.mon_nstd_flag 
_chem_comp.name 
_chem_comp.pdbx_synonyms 
_chem_comp.formula 
_chem_comp.formula_weight 
ALA 'L-peptide linking' y ALANINE                   ? 'C3 H7 N O2'      89.093  
AMP non-polymer         . 'ADENOSINE MONOPHOSPHATE' ? 'C10 H14 N5 O7 P' 347.221 
ARG 'L-peptide linking' y ARGININE                  ? 'C6 H15 N4 O2 1'  175.209 
ASP 'L-peptide linking' y 'ASPARTIC ACID'           ? 'C4 H7 N O4'      133.103 
GLN 'L-peptide linking' y GLUTAMINE                 ? 'C5 H10 N2 O3'    146.144 
GLU 'L-peptide linking' y 'GLUTAMIC ACID'           ? 'C5 H9 N O4'      147.129 
GLY 'peptide linking'   y GLYCINE                   ? 'C2 H5 N O2'      75.067  
HIS 'L-peptide linking' y HISTIDINE                 ? 'C6 H10 N3 O2 1'  156.162 
HOH non-polymer         . WATER                     ? 'H2 O'            18.015  
ILE 'L-peptide linking' y ISOLEUCINE                ? 'C6 H13 N O2'     131.173 
LEU 'L-peptide linking' y LEUCINE                   ? 'C6 H13 N O2'     131.173 
LYS 'L-peptide linking' y LYSINE                    ? 'C6 H15 N2 O2 1'  147.195 
MET 'L-peptide linking' y METHIONINE                ? 'C5 H11 N O2 S'   149.211 
MG  non-polymer         . 'MAGNESIUM ION'           ? 'Mg 2'            24.305  
PHE 'L-peptide linking' y PHENYLALANINE             ? 'C9 H11 N O2'     165.189 
PRO 'L-peptide linking' y PROLINE                   ? 'C5 H9 N O2'      115.130 
SER 'L-peptide linking' y SERINE                    ? 'C3 H7 N O3'      105.093 
THR 'L-peptide linking' y THREONINE                 ? 'C4 H9 N O3'      119.119 
TRP 'L-peptide linking' y TRYPTOPHAN                ? 'C11 H12 N2 O2'   204.225 
TYR 'L-peptide linking' y TYROSINE                  ? 'C9 H11 N O3'     181.189 
VAL 'L-peptide linking' y VALINE                    ? 'C5 H11 N O2'     117.146 
# 
_exptl.entry_id          2YVO 
_exptl.method            'X-RAY DIFFRACTION' 
_exptl.crystals_number   1 
# 
_exptl_crystal.id                    1 
_exptl_crystal.density_meas          ? 
_exptl_crystal.density_Matthews      2.45 
_exptl_crystal.density_percent_sol   49.81 
_exptl_crystal.description           ? 
_exptl_crystal.F_000                 ? 
_exptl_crystal.preparation           ? 
# 
_exptl_crystal_grow.crystal_id      1 
_exptl_crystal_grow.method          'VAPOR DIFFUSION, HANGING DROP' 
_exptl_crystal_grow.temp            293 
_exptl_crystal_grow.temp_details    ? 
_exptl_crystal_grow.pH              6.9 
_exptl_crystal_grow.pdbx_details    
;0.033M MES, 0.053M MAGNESIUM ACETATE, 4.7%(W/V) PEG8000, 6.7%(W/V) GLYCEROL, 3.3mM AMP, pH 6.9, VAPOR DIFFUSION, HANGING DROP, temperature 293K
;
_exptl_crystal_grow.pdbx_pH_range   . 
# 
_diffrn.id                     1 
_diffrn.ambient_temp           95 
_diffrn.ambient_temp_details   ? 
_diffrn.crystal_id             1 
# 
_diffrn_detector.diffrn_id              1 
_diffrn_detector.detector               CCD 
_diffrn_detector.type                   'ADSC QUANTUM 210' 
_diffrn_detector.pdbx_collection_date   2004-11-30 
_diffrn_detector.details                ? 
# 
_diffrn_radiation.diffrn_id                        1 
_diffrn_radiation.wavelength_id                    1 
_diffrn_radiation.pdbx_monochromatic_or_laue_m_l   M 
_diffrn_radiation.monochromator                    'TRANSPARENT DIAMOND DOUBLE CRYSTAL' 
_diffrn_radiation.pdbx_diffrn_protocol             'SINGLE WAVELENGTH' 
_diffrn_radiation.pdbx_scattering_type             x-ray 
# 
_diffrn_radiation_wavelength.id           1 
_diffrn_radiation_wavelength.wavelength   1.0000 
_diffrn_radiation_wavelength.wt           1.0 
# 
_diffrn_source.diffrn_id                   1 
_diffrn_source.source                      SYNCHROTRON 
_diffrn_source.type                        'SPRING-8 BEAMLINE BL44B2' 
_diffrn_source.pdbx_synchrotron_site       SPring-8 
_diffrn_source.pdbx_synchrotron_beamline   BL44B2 
_diffrn_source.pdbx_wavelength             ? 
_diffrn_source.pdbx_wavelength_list        1.0000 
# 
_reflns.entry_id                     2YVO 
_reflns.observed_criterion_sigma_I   -3 
_reflns.observed_criterion_sigma_F   ? 
_reflns.d_resolution_low             50 
_reflns.d_resolution_high            1.67 
_reflns.number_obs                   23468 
_reflns.number_all                   23468 
_reflns.percent_possible_obs         99.1 
_reflns.pdbx_Rmerge_I_obs            0.031 
_reflns.pdbx_Rsym_value              ? 
_reflns.pdbx_netI_over_sigmaI        48.2 
_reflns.B_iso_Wilson_estimate        12.5 
_reflns.pdbx_redundancy              4.9 
_reflns.R_free_details               ? 
_reflns.limit_h_max                  ? 
_reflns.limit_h_min                  ? 
_reflns.limit_k_max                  ? 
_reflns.limit_k_min                  ? 
_reflns.limit_l_max                  ? 
_reflns.limit_l_min                  ? 
_reflns.observed_criterion_F_max     ? 
_reflns.observed_criterion_F_min     ? 
_reflns.pdbx_chi_squared             ? 
_reflns.pdbx_scaling_rejects         ? 
_reflns.pdbx_ordinal                 1 
_reflns.pdbx_diffrn_id               1 
# 
_reflns_shell.d_res_high             1.67 
_reflns_shell.d_res_low              1.73 
_reflns_shell.percent_possible_all   97.6 
_reflns_shell.Rmerge_I_obs           0.107 
_reflns_shell.pdbx_Rsym_value        ? 
_reflns_shell.meanI_over_sigI_obs    14.1 
_reflns_shell.pdbx_redundancy        4.7 
_reflns_shell.percent_possible_obs   ? 
_reflns_shell.number_unique_all      2264 
_reflns_shell.number_measured_all    ? 
_reflns_shell.number_measured_obs    ? 
_reflns_shell.number_unique_obs      ? 
_reflns_shell.pdbx_chi_squared       ? 
_reflns_shell.pdbx_ordinal           1 
_reflns_shell.pdbx_diffrn_id         1 
# 
_refine.entry_id                                 2YVO 
_refine.ls_number_reflns_obs                     23202 
_refine.ls_number_reflns_all                     23202 
_refine.pdbx_ls_sigma_I                          ? 
_refine.pdbx_ls_sigma_F                          0.0 
_refine.pdbx_data_cutoff_high_absF               ? 
_refine.pdbx_data_cutoff_low_absF                ? 
_refine.pdbx_data_cutoff_high_rms_absF           ? 
_refine.ls_d_res_low                             27.26 
_refine.ls_d_res_high                            1.67 
_refine.ls_percent_reflns_obs                    97.9 
_refine.ls_R_factor_obs                          ? 
_refine.ls_R_factor_all                          ? 
_refine.ls_R_factor_R_work                       0.180 
_refine.ls_R_factor_R_free                       0.205 
_refine.ls_R_factor_R_free_error                 ? 
_refine.ls_R_factor_R_free_error_details         ? 
_refine.ls_percent_reflns_R_free                 ? 
_refine.ls_number_reflns_R_free                  2292 
_refine.ls_number_parameters                     ? 
_refine.ls_number_restraints                     ? 
_refine.occupancy_min                            ? 
_refine.occupancy_max                            ? 
_refine.correlation_coeff_Fo_to_Fc               ? 
_refine.correlation_coeff_Fo_to_Fc_free          ? 
_refine.B_iso_mean                               14.3 
_refine.aniso_B[1][1]                            3.18 
_refine.aniso_B[2][2]                            -1.47 
_refine.aniso_B[3][3]                            -1.71 
_refine.aniso_B[1][2]                            0.00 
_refine.aniso_B[1][3]                            0.00 
_refine.aniso_B[2][3]                            0.00 
_refine.solvent_model_details                    ? 
_refine.solvent_model_param_ksol                 ? 
_refine.solvent_model_param_bsol                 ? 
_refine.pdbx_solvent_vdw_probe_radii             ? 
_refine.pdbx_solvent_ion_probe_radii             ? 
_refine.pdbx_solvent_shrinkage_radii             ? 
_refine.pdbx_ls_cross_valid_method               THROUGHOUT 
_refine.details                                  ? 
_refine.pdbx_starting_model                      'PDB ENTRY 2YVM' 
_refine.pdbx_method_to_determine_struct          'MOLECULAR REPLACEMENT' 
_refine.pdbx_isotropic_thermal_model             RESTRAINED 
_refine.pdbx_stereochemistry_target_values       'Engh & Huber' 
_refine.pdbx_stereochem_target_val_spec_case     ? 
_refine.pdbx_R_Free_selection_details            RANDOM 
_refine.pdbx_overall_ESU_R                       ? 
_refine.pdbx_overall_ESU_R_Free                  ? 
_refine.overall_SU_ML                            ? 
_refine.overall_SU_B                             ? 
_refine.ls_redundancy_reflns_obs                 ? 
_refine.B_iso_min                                ? 
_refine.B_iso_max                                ? 
_refine.overall_SU_R_Cruickshank_DPI             ? 
_refine.overall_SU_R_free                        ? 
_refine.ls_wR_factor_R_free                      ? 
_refine.ls_wR_factor_R_work                      ? 
_refine.overall_FOM_free_R_set                   ? 
_refine.overall_FOM_work_R_set                   ? 
_refine.pdbx_overall_phase_error                 ? 
_refine.pdbx_refine_id                           'X-RAY DIFFRACTION' 
_refine.pdbx_diffrn_id                           1 
_refine.pdbx_TLS_residual_ADP_flag               ? 
_refine.pdbx_overall_SU_R_free_Cruickshank_DPI   ? 
_refine.pdbx_overall_SU_R_Blow_DPI               ? 
_refine.pdbx_overall_SU_R_free_Blow_DPI          ? 
# 
_refine_analyze.entry_id                        2YVO 
_refine_analyze.Luzzati_coordinate_error_obs    0.16 
_refine_analyze.Luzzati_sigma_a_obs             -0.04 
_refine_analyze.Luzzati_d_res_low_obs           5.00 
_refine_analyze.Luzzati_coordinate_error_free   0.18 
_refine_analyze.Luzzati_sigma_a_free            0.03 
_refine_analyze.Luzzati_d_res_low_free          ? 
_refine_analyze.number_disordered_residues      ? 
_refine_analyze.occupancy_sum_hydrogen          ? 
_refine_analyze.occupancy_sum_non_hydrogen      ? 
_refine_analyze.pdbx_Luzzati_d_res_high_obs     ? 
_refine_analyze.pdbx_refine_id                  'X-RAY DIFFRACTION' 
# 
_refine_hist.pdbx_refine_id                   'X-RAY DIFFRACTION' 
_refine_hist.cycle_id                         LAST 
_refine_hist.pdbx_number_atoms_protein        1437 
_refine_hist.pdbx_number_atoms_nucleic_acid   0 
_refine_hist.pdbx_number_atoms_ligand         26 
_refine_hist.number_atoms_solvent             138 
_refine_hist.number_atoms_total               1601 
_refine_hist.d_res_high                       1.67 
_refine_hist.d_res_low                        27.26 
# 
loop_
_refine_ls_restr.type 
_refine_ls_restr.dev_ideal 
_refine_ls_restr.dev_ideal_target 
_refine_ls_restr.weight 
_refine_ls_restr.number 
_refine_ls_restr.pdbx_refine_id 
_refine_ls_restr.pdbx_restraint_function 
c_bond_d           0.008 ? ? ? 'X-RAY DIFFRACTION' ? 
c_angle_deg        1.6   ? ? ? 'X-RAY DIFFRACTION' ? 
c_dihedral_angle_d 24.6  ? ? ? 'X-RAY DIFFRACTION' ? 
c_improper_angle_d 1.01  ? ? ? 'X-RAY DIFFRACTION' ? 
c_mcbond_it        0.90  ? ? ? 'X-RAY DIFFRACTION' ? 
c_mcangle_it       1.48  ? ? ? 'X-RAY DIFFRACTION' ? 
c_scbond_it        1.58  ? ? ? 'X-RAY DIFFRACTION' ? 
c_scangle_it       2.40  ? ? ? 'X-RAY DIFFRACTION' ? 
# 
_refine_ls_shell.pdbx_total_number_of_bins_used   ? 
_refine_ls_shell.d_res_high                       1.67 
_refine_ls_shell.d_res_low                        1.77 
_refine_ls_shell.number_reflns_R_work             ? 
_refine_ls_shell.R_factor_R_work                  0.175 
_refine_ls_shell.percent_reflns_obs               94.4 
_refine_ls_shell.R_factor_R_free                  0.211 
_refine_ls_shell.R_factor_R_free_error            0.011 
_refine_ls_shell.percent_reflns_R_free            ? 
_refine_ls_shell.number_reflns_R_free             367 
_refine_ls_shell.number_reflns_all                ? 
_refine_ls_shell.R_factor_all                     ? 
_refine_ls_shell.number_reflns_obs                3313 
_refine_ls_shell.redundancy_reflns_obs            ? 
_refine_ls_shell.pdbx_refine_id                   'X-RAY DIFFRACTION' 
# 
_struct.entry_id                  2YVO 
_struct.title                     'Crystal structure of NDX2 in complex with MG2+ and AMP from thermus thermophilus HB8' 
_struct.pdbx_model_details        ? 
_struct.pdbx_CASP_flag            ? 
_struct.pdbx_model_type_details   ? 
# 
_struct_keywords.entry_id        2YVO 
_struct_keywords.pdbx_keywords   HYDROLASE 
_struct_keywords.text            
;NUDIX PROTEIN, ADP-RIBOSE, FAD, THERMUS THERMOPHILUS, HYDROLASE, Structural Genomics, NPPSFA, National Project on Protein Structural and Functional Analyses, RIKEN Structural Genomics/Proteomics Initiative, RSGI
;
# 
loop_
_struct_asym.id 
_struct_asym.pdbx_blank_PDB_chainid_flag 
_struct_asym.pdbx_modified 
_struct_asym.entity_id 
_struct_asym.details 
A N N 1 ? 
B N N 2 ? 
C N N 2 ? 
D N N 2 ? 
E N N 3 ? 
F N N 4 ? 
# 
_struct_biol.id        1 
_struct_biol.details   ? 
# 
loop_
_struct_conf.conf_type_id 
_struct_conf.id 
_struct_conf.pdbx_PDB_helix_id 
_struct_conf.beg_label_comp_id 
_struct_conf.beg_label_asym_id 
_struct_conf.beg_label_seq_id 
_struct_conf.pdbx_beg_PDB_ins_code 
_struct_conf.end_label_comp_id 
_struct_conf.end_label_asym_id 
_struct_conf.end_label_seq_id 
_struct_conf.pdbx_end_PDB_ins_code 
_struct_conf.beg_auth_comp_id 
_struct_conf.beg_auth_asym_id 
_struct_conf.beg_auth_seq_id 
_struct_conf.end_auth_comp_id 
_struct_conf.end_auth_asym_id 
_struct_conf.end_auth_seq_id 
_struct_conf.pdbx_PDB_helix_class 
_struct_conf.details 
_struct_conf.pdbx_PDB_helix_length 
HELX_P HELX_P1 1 THR A 82  ? GLY A 96  ? THR A 82  GLY A 96  1 ? 15 
HELX_P HELX_P2 2 LEU A 148 ? LYS A 157 ? LEU A 148 LYS A 157 1 ? 10 
HELX_P HELX_P3 3 ASP A 162 ? LEU A 179 ? ASP A 162 LEU A 179 1 ? 18 
# 
_struct_conf_type.id          HELX_P 
_struct_conf_type.criteria    ? 
_struct_conf_type.reference   ? 
# 
loop_
_struct_mon_prot_cis.pdbx_id 
_struct_mon_prot_cis.label_comp_id 
_struct_mon_prot_cis.label_seq_id 
_struct_mon_prot_cis.label_asym_id 
_struct_mon_prot_cis.label_alt_id 
_struct_mon_prot_cis.pdbx_PDB_ins_code 
_struct_mon_prot_cis.auth_comp_id 
_struct_mon_prot_cis.auth_seq_id 
_struct_mon_prot_cis.auth_asym_id 
_struct_mon_prot_cis.pdbx_label_comp_id_2 
_struct_mon_prot_cis.pdbx_label_seq_id_2 
_struct_mon_prot_cis.pdbx_label_asym_id_2 
_struct_mon_prot_cis.pdbx_PDB_ins_code_2 
_struct_mon_prot_cis.pdbx_auth_comp_id_2 
_struct_mon_prot_cis.pdbx_auth_seq_id_2 
_struct_mon_prot_cis.pdbx_auth_asym_id_2 
_struct_mon_prot_cis.pdbx_PDB_model_num 
_struct_mon_prot_cis.pdbx_omega_angle 
1 GLU 15 A . ? GLU 15 A PRO 16 A ? PRO 16 A 1 0.23 
2 GLY 39 A . ? GLY 39 A PRO 40 A ? PRO 40 A 1 0.05 
# 
loop_
_struct_sheet.id 
_struct_sheet.type 
_struct_sheet.number_strands 
_struct_sheet.details 
A ? 3 ? 
B ? 4 ? 
C ? 3 ? 
D ? 2 ? 
# 
loop_
_struct_sheet_order.sheet_id 
_struct_sheet_order.range_id_1 
_struct_sheet_order.range_id_2 
_struct_sheet_order.offset 
_struct_sheet_order.sense 
A 1 2 ? anti-parallel 
A 2 3 ? anti-parallel 
B 1 2 ? anti-parallel 
B 2 3 ? parallel      
B 3 4 ? anti-parallel 
C 1 2 ? anti-parallel 
C 2 3 ? anti-parallel 
D 1 2 ? anti-parallel 
# 
loop_
_struct_sheet_range.sheet_id 
_struct_sheet_range.id 
_struct_sheet_range.beg_label_comp_id 
_struct_sheet_range.beg_label_asym_id 
_struct_sheet_range.beg_label_seq_id 
_struct_sheet_range.pdbx_beg_PDB_ins_code 
_struct_sheet_range.end_label_comp_id 
_struct_sheet_range.end_label_asym_id 
_struct_sheet_range.end_label_seq_id 
_struct_sheet_range.pdbx_end_PDB_ins_code 
_struct_sheet_range.beg_auth_comp_id 
_struct_sheet_range.beg_auth_asym_id 
_struct_sheet_range.beg_auth_seq_id 
_struct_sheet_range.end_auth_comp_id 
_struct_sheet_range.end_auth_asym_id 
_struct_sheet_range.end_auth_seq_id 
A 1 GLU A 5   ? LEU A 13  ? GLU A 5   LEU A 13  
A 2 LEU A 19  ? ARG A 25  ? LEU A 19  ARG A 25  
A 3 GLU A 31  ? TYR A 36  ? GLU A 31  TYR A 36  
B 1 ALA A 74  ? LYS A 76  ? ALA A 74  LYS A 76  
B 2 ALA A 42  ? PRO A 48  ? ALA A 42  PRO A 48  
B 3 VAL A 118 ? ALA A 124 ? VAL A 118 ALA A 124 
B 4 LEU A 102 ? PRO A 104 ? LEU A 102 PRO A 104 
C 1 PHE A 68  ? GLU A 71  ? PHE A 68  GLU A 71  
C 2 THR A 54  ? TYR A 61  ? THR A 54  TYR A 61  
C 3 LEU A 141 ? PRO A 147 ? LEU A 141 PRO A 147 
D 1 ALA A 97  ? GLU A 98  ? ALA A 97  GLU A 98  
D 2 ARG A 128 ? VAL A 129 ? ARG A 128 VAL A 129 
# 
loop_
_pdbx_struct_sheet_hbond.sheet_id 
_pdbx_struct_sheet_hbond.range_id_1 
_pdbx_struct_sheet_hbond.range_id_2 
_pdbx_struct_sheet_hbond.range_1_label_atom_id 
_pdbx_struct_sheet_hbond.range_1_label_comp_id 
_pdbx_struct_sheet_hbond.range_1_label_asym_id 
_pdbx_struct_sheet_hbond.range_1_label_seq_id 
_pdbx_struct_sheet_hbond.range_1_PDB_ins_code 
_pdbx_struct_sheet_hbond.range_1_auth_atom_id 
_pdbx_struct_sheet_hbond.range_1_auth_comp_id 
_pdbx_struct_sheet_hbond.range_1_auth_asym_id 
_pdbx_struct_sheet_hbond.range_1_auth_seq_id 
_pdbx_struct_sheet_hbond.range_2_label_atom_id 
_pdbx_struct_sheet_hbond.range_2_label_comp_id 
_pdbx_struct_sheet_hbond.range_2_label_asym_id 
_pdbx_struct_sheet_hbond.range_2_label_seq_id 
_pdbx_struct_sheet_hbond.range_2_PDB_ins_code 
_pdbx_struct_sheet_hbond.range_2_auth_atom_id 
_pdbx_struct_sheet_hbond.range_2_auth_comp_id 
_pdbx_struct_sheet_hbond.range_2_auth_asym_id 
_pdbx_struct_sheet_hbond.range_2_auth_seq_id 
A 1 2 N ILE A 7   ? N ILE A 7   O ARG A 23  ? O ARG A 23  
A 2 3 N GLU A 22  ? N GLU A 22  O TYR A 34  ? O TYR A 34  
B 1 2 O GLY A 75  ? O GLY A 75  N SER A 44  ? N SER A 44  
B 2 3 N LEU A 47  ? N LEU A 47  O ALA A 124 ? O ALA A 124 
B 3 4 O LEU A 123 ? O LEU A 123 N ILE A 103 ? N ILE A 103 
C 1 2 O LEU A 69  ? O LEU A 69  N GLN A 60  ? N GLN A 60  
C 2 3 N ARG A 59  ? N ARG A 59  O GLU A 142 ? O GLU A 142 
D 1 2 N GLU A 98  ? N GLU A 98  O ARG A 128 ? O ARG A 128 
# 
loop_
_struct_site.id 
_struct_site.pdbx_evidence_code 
_struct_site.pdbx_auth_asym_id 
_struct_site.pdbx_auth_comp_id 
_struct_site.pdbx_auth_seq_id 
_struct_site.pdbx_auth_ins_code 
_struct_site.pdbx_num_residues 
_struct_site.details 
AC1 Software A MG  1001 ? 5  'BINDING SITE FOR RESIDUE MG A 1001'  
AC2 Software A MG  1002 ? 6  'BINDING SITE FOR RESIDUE MG A 1002'  
AC3 Software A MG  1003 ? 5  'BINDING SITE FOR RESIDUE MG A 1003'  
AC4 Software A AMP 2001 ? 24 'BINDING SITE FOR RESIDUE AMP A 2001' 
# 
loop_
_struct_site_gen.id 
_struct_site_gen.site_id 
_struct_site_gen.pdbx_num_res 
_struct_site_gen.label_comp_id 
_struct_site_gen.label_asym_id 
_struct_site_gen.label_seq_id 
_struct_site_gen.pdbx_auth_ins_code 
_struct_site_gen.auth_comp_id 
_struct_site_gen.auth_asym_id 
_struct_site_gen.auth_seq_id 
_struct_site_gen.label_atom_id 
_struct_site_gen.label_alt_id 
_struct_site_gen.symmetry 
_struct_site_gen.details 
1  AC1 5  GLU A 90  ? GLU A 90   . ? 1_555 ? 
2  AC1 5  GLU A 94  ? GLU A 94   . ? 1_555 ? 
3  AC1 5  GLU A 139 ? GLU A 139  . ? 1_555 ? 
4  AC1 5  HOH F .   ? HOH A 2003 . ? 1_555 ? 
5  AC1 5  HOH F .   ? HOH A 2004 . ? 1_555 ? 
6  AC2 6  ALA A 74  ? ALA A 74   . ? 1_555 ? 
7  AC2 6  GLU A 94  ? GLU A 94   . ? 1_555 ? 
8  AC2 6  GLU A 139 ? GLU A 139  . ? 1_555 ? 
9  AC2 6  HOH F .   ? HOH A 2002 . ? 1_555 ? 
10 AC2 6  HOH F .   ? HOH A 2006 . ? 1_555 ? 
11 AC2 6  HOH F .   ? HOH A 2009 . ? 1_555 ? 
12 AC3 5  GLU A 90  ? GLU A 90   . ? 1_555 ? 
13 AC3 5  HOH F .   ? HOH A 2004 . ? 1_555 ? 
14 AC3 5  HOH F .   ? HOH A 2007 . ? 1_555 ? 
15 AC3 5  HOH F .   ? HOH A 2011 . ? 1_555 ? 
16 AC3 5  HOH F .   ? HOH A 2027 . ? 1_555 ? 
17 AC4 24 PRO A 16  ? PRO A 16   . ? 1_555 ? 
18 AC4 24 THR A 33  ? THR A 33   . ? 3_656 ? 
19 AC4 24 TYR A 34  ? TYR A 34   . ? 3_656 ? 
20 AC4 24 ALA A 74  ? ALA A 74   . ? 1_555 ? 
21 AC4 24 GLY A 75  ? GLY A 75   . ? 1_555 ? 
22 AC4 24 LYS A 76  ? LYS A 76   . ? 1_555 ? 
23 AC4 24 GLU A 90  ? GLU A 90   . ? 1_555 ? 
24 AC4 24 GLU A 94  ? GLU A 94   . ? 1_555 ? 
25 AC4 24 SER A 113 ? SER A 113  . ? 3_656 ? 
26 AC4 24 PHE A 114 ? PHE A 114  . ? 3_656 ? 
27 AC4 24 GLU A 136 ? GLU A 136  . ? 1_555 ? 
28 AC4 24 GLU A 137 ? GLU A 137  . ? 1_555 ? 
29 AC4 24 GLY A 138 ? GLY A 138  . ? 1_555 ? 
30 AC4 24 GLU A 139 ? GLU A 139  . ? 1_555 ? 
31 AC4 24 HOH F .   ? HOH A 2004 . ? 1_555 ? 
32 AC4 24 HOH F .   ? HOH A 2006 . ? 1_555 ? 
33 AC4 24 HOH F .   ? HOH A 2009 . ? 1_555 ? 
34 AC4 24 HOH F .   ? HOH A 2011 . ? 1_555 ? 
35 AC4 24 HOH F .   ? HOH A 2015 . ? 1_555 ? 
36 AC4 24 HOH F .   ? HOH A 2027 . ? 1_555 ? 
37 AC4 24 HOH F .   ? HOH A 2034 . ? 1_555 ? 
38 AC4 24 HOH F .   ? HOH A 2058 . ? 1_555 ? 
39 AC4 24 HOH F .   ? HOH A 2061 . ? 1_555 ? 
40 AC4 24 HOH F .   ? HOH A 2137 . ? 1_555 ? 
# 
_atom_sites.entry_id                    2YVO 
_atom_sites.fract_transf_matrix[1][1]   -0.01284010 
_atom_sites.fract_transf_matrix[1][2]   0.01322622 
_atom_sites.fract_transf_matrix[1][3]   -0.01624602 
_atom_sites.fract_transf_matrix[2][1]   -0.00807314 
_atom_sites.fract_transf_matrix[2][2]   -0.00539399 
_atom_sites.fract_transf_matrix[2][3]   0.00198928 
_atom_sites.fract_transf_matrix[3][1]   -0.00259132 
_atom_sites.fract_transf_matrix[3][2]   0.00662191 
_atom_sites.fract_transf_matrix[3][3]   0.00743909 
_atom_sites.fract_transf_vector[1]      0.333061 
_atom_sites.fract_transf_vector[2]      0.249563 
_atom_sites.fract_transf_vector[3]      0.693624 
# 
loop_
_atom_type.symbol 
C  
MG 
N  
O  
P  
S  
# 
loop_
_atom_site.group_PDB 
_atom_site.id 
_atom_site.type_symbol 
_atom_site.label_atom_id 
_atom_site.label_alt_id 
_atom_site.label_comp_id 
_atom_site.label_asym_id 
_atom_site.label_entity_id 
_atom_site.label_seq_id 
_atom_site.pdbx_PDB_ins_code 
_atom_site.Cartn_x 
_atom_site.Cartn_y 
_atom_site.Cartn_z 
_atom_site.occupancy 
_atom_site.B_iso_or_equiv 
_atom_site.pdbx_formal_charge 
_atom_site.auth_seq_id 
_atom_site.auth_comp_id 
_atom_site.auth_asym_id 
_atom_site.auth_atom_id 
_atom_site.pdbx_PDB_model_num 
ATOM   1    N  N     . MET A 1 1   ? -11.421 9.104   25.031  1.00 33.40 ? 1    MET A N     1 
ATOM   2    C  CA    . MET A 1 1   ? -11.893 10.509  24.862  1.00 32.69 ? 1    MET A CA    1 
ATOM   3    C  C     . MET A 1 1   ? -12.526 10.730  23.491  1.00 31.45 ? 1    MET A C     1 
ATOM   4    O  O     . MET A 1 1   ? -12.499 11.849  22.967  1.00 32.19 ? 1    MET A O     1 
ATOM   5    C  CB    . MET A 1 1   ? -10.725 11.483  25.036  1.00 34.18 ? 1    MET A CB    1 
ATOM   6    C  CG    . MET A 1 1   ? -10.137 11.536  26.441  1.00 35.67 ? 1    MET A CG    1 
ATOM   7    S  SD    . MET A 1 1   ? -11.267 12.248  27.656  1.00 37.53 ? 1    MET A SD    1 
ATOM   8    C  CE    . MET A 1 1   ? -10.736 13.944  27.678  1.00 37.04 ? 1    MET A CE    1 
ATOM   9    N  N     . SER A 1 2   ? -13.099 9.680   22.910  1.00 29.06 ? 2    SER A N     1 
ATOM   10   C  CA    . SER A 1 2   ? -13.721 9.809   21.596  1.00 26.13 ? 2    SER A CA    1 
ATOM   11   C  C     . SER A 1 2   ? -14.835 10.835  21.610  1.00 23.36 ? 2    SER A C     1 
ATOM   12   O  O     . SER A 1 2   ? -15.651 10.882  22.533  1.00 22.94 ? 2    SER A O     1 
ATOM   13   C  CB    . SER A 1 2   ? -14.295 8.475   21.105  1.00 27.29 ? 2    SER A CB    1 
ATOM   14   O  OG    . SER A 1 2   ? -14.884 8.643   19.815  1.00 27.97 ? 2    SER A OG    1 
ATOM   15   N  N     . PRO A 1 3   ? -14.883 11.685  20.580  1.00 20.27 ? 3    PRO A N     1 
ATOM   16   C  CA    . PRO A 1 3   ? -15.935 12.696  20.525  1.00 18.65 ? 3    PRO A CA    1 
ATOM   17   C  C     . PRO A 1 3   ? -17.295 12.082  20.189  1.00 17.13 ? 3    PRO A C     1 
ATOM   18   O  O     . PRO A 1 3   ? -18.330 12.707  20.398  1.00 15.72 ? 3    PRO A O     1 
ATOM   19   C  CB    . PRO A 1 3   ? -15.438 13.659  19.447  1.00 19.25 ? 3    PRO A CB    1 
ATOM   20   C  CG    . PRO A 1 3   ? -14.634 12.790  18.554  1.00 19.70 ? 3    PRO A CG    1 
ATOM   21   C  CD    . PRO A 1 3   ? -13.885 11.900  19.517  1.00 19.89 ? 3    PRO A CD    1 
ATOM   22   N  N     . TRP A 1 4   ? -17.287 10.859  19.669  1.00 16.12 ? 4    TRP A N     1 
ATOM   23   C  CA    . TRP A 1 4   ? -18.536 10.191  19.316  1.00 16.63 ? 4    TRP A CA    1 
ATOM   24   C  C     . TRP A 1 4   ? -18.729 8.950   20.170  1.00 17.28 ? 4    TRP A C     1 
ATOM   25   O  O     . TRP A 1 4   ? -17.792 8.186   20.387  1.00 19.43 ? 4    TRP A O     1 
ATOM   26   C  CB    . TRP A 1 4   ? -18.544 9.791   17.841  1.00 15.08 ? 4    TRP A CB    1 
ATOM   27   C  CG    . TRP A 1 4   ? -18.618 10.944  16.885  1.00 13.67 ? 4    TRP A CG    1 
ATOM   28   C  CD1   . TRP A 1 4   ? -18.678 12.276  17.197  1.00 14.04 ? 4    TRP A CD1   1 
ATOM   29   C  CD2   . TRP A 1 4   ? -18.632 10.864  15.455  1.00 13.32 ? 4    TRP A CD2   1 
ATOM   30   N  NE1   . TRP A 1 4   ? -18.727 13.027  16.047  1.00 12.45 ? 4    TRP A NE1   1 
ATOM   31   C  CE2   . TRP A 1 4   ? -18.700 12.188  14.962  1.00 13.05 ? 4    TRP A CE2   1 
ATOM   32   C  CE3   . TRP A 1 4   ? -18.590 9.801   14.540  1.00 13.18 ? 4    TRP A CE3   1 
ATOM   33   C  CZ2   . TRP A 1 4   ? -18.730 12.477  13.596  1.00 12.81 ? 4    TRP A CZ2   1 
ATOM   34   C  CZ3   . TRP A 1 4   ? -18.616 10.090  13.179  1.00 12.37 ? 4    TRP A CZ3   1 
ATOM   35   C  CH2   . TRP A 1 4   ? -18.686 11.414  12.722  1.00 11.85 ? 4    TRP A CH2   1 
ATOM   36   N  N     . GLU A 1 5   ? -19.954 8.751   20.638  1.00 17.84 ? 5    GLU A N     1 
ATOM   37   C  CA    . GLU A 1 5   ? -20.263 7.615   21.486  1.00 18.60 ? 5    GLU A CA    1 
ATOM   38   C  C     . GLU A 1 5   ? -20.970 6.508   20.717  1.00 17.48 ? 5    GLU A C     1 
ATOM   39   O  O     . GLU A 1 5   ? -21.902 6.765   19.959  1.00 17.09 ? 5    GLU A O     1 
ATOM   40   C  CB    . GLU A 1 5   ? -21.147 8.063   22.645  1.00 20.91 ? 5    GLU A CB    1 
ATOM   41   C  CG    . GLU A 1 5   ? -21.305 7.008   23.719  1.00 25.30 ? 5    GLU A CG    1 
ATOM   42   C  CD    . GLU A 1 5   ? -22.272 7.416   24.814  1.00 27.77 ? 5    GLU A CD    1 
ATOM   43   O  OE1   . GLU A 1 5   ? -22.351 6.686   25.827  1.00 29.77 ? 5    GLU A OE1   1 
ATOM   44   O  OE2   . GLU A 1 5   ? -22.955 8.457   24.666  1.00 29.47 ? 5    GLU A OE2   1 
ATOM   45   N  N     . ARG A 1 6   ? -20.527 5.274   20.928  1.00 17.06 ? 6    ARG A N     1 
ATOM   46   C  CA    . ARG A 1 6   ? -21.137 4.136   20.258  1.00 17.48 ? 6    ARG A CA    1 
ATOM   47   C  C     . ARG A 1 6   ? -22.505 3.826   20.846  1.00 17.53 ? 6    ARG A C     1 
ATOM   48   O  O     . ARG A 1 6   ? -22.672 3.786   22.064  1.00 17.85 ? 6    ARG A O     1 
ATOM   49   C  CB    . ARG A 1 6   ? -20.256 2.894   20.398  1.00 16.64 ? 6    ARG A CB    1 
ATOM   50   C  CG    . ARG A 1 6   ? -20.924 1.597   19.916  1.00 16.28 ? 6    ARG A CG    1 
ATOM   51   C  CD    . ARG A 1 6   ? -19.933 0.447   19.897  1.00 17.24 ? 6    ARG A CD    1 
ATOM   52   N  NE    . ARG A 1 6   ? -18.755 0.790   19.110  1.00 17.97 ? 6    ARG A NE    1 
ATOM   53   C  CZ    . ARG A 1 6   ? -17.679 0.021   18.985  1.00 19.04 ? 6    ARG A CZ    1 
ATOM   54   N  NH1   . ARG A 1 6   ? -17.623 -1.157  19.593  1.00 19.37 ? 6    ARG A NH1   1 
ATOM   55   N  NH2   . ARG A 1 6   ? -16.646 0.441   18.267  1.00 20.44 ? 6    ARG A NH2   1 
ATOM   56   N  N     . ILE A 1 7   ? -23.481 3.626   19.974  1.00 17.72 ? 7    ILE A N     1 
ATOM   57   C  CA    . ILE A 1 7   ? -24.811 3.245   20.408  1.00 18.18 ? 7    ILE A CA    1 
ATOM   58   C  C     . ILE A 1 7   ? -24.896 1.755   20.077  1.00 18.60 ? 7    ILE A C     1 
ATOM   59   O  O     . ILE A 1 7   ? -25.214 0.928   20.936  1.00 18.46 ? 7    ILE A O     1 
ATOM   60   C  CB    . ILE A 1 7   ? -25.903 4.020   19.662  1.00 18.95 ? 7    ILE A CB    1 
ATOM   61   C  CG1   . ILE A 1 7   ? -25.848 5.501   20.059  1.00 18.86 ? 7    ILE A CG1   1 
ATOM   62   C  CG2   . ILE A 1 7   ? -27.274 3.433   19.998  1.00 19.07 ? 7    ILE A CG2   1 
ATOM   63   C  CD1   . ILE A 1 7   ? -26.971 6.346   19.450  1.00 19.61 ? 7    ILE A CD1   1 
ATOM   64   N  N     . LEU A 1 8   ? -24.570 1.412   18.835  1.00 17.56 ? 8    LEU A N     1 
ATOM   65   C  CA    . LEU A 1 8   ? -24.587 0.018   18.420  1.00 17.17 ? 8    LEU A CA    1 
ATOM   66   C  C     . LEU A 1 8   ? -23.665 -0.168  17.216  1.00 16.22 ? 8    LEU A C     1 
ATOM   67   O  O     . LEU A 1 8   ? -23.667 0.653   16.301  1.00 15.83 ? 8    LEU A O     1 
ATOM   68   C  CB    . LEU A 1 8   ? -26.016 -0.404  18.069  1.00 19.33 ? 8    LEU A CB    1 
ATOM   69   C  CG    . LEU A 1 8   ? -26.401 -1.863  18.348  1.00 21.62 ? 8    LEU A CG    1 
ATOM   70   C  CD1   . LEU A 1 8   ? -26.106 -2.210  19.802  1.00 21.99 ? 8    LEU A CD1   1 
ATOM   71   C  CD2   . LEU A 1 8   ? -27.879 -2.068  18.041  1.00 22.80 ? 8    LEU A CD2   1 
ATOM   72   N  N     . LEU A 1 9   ? -22.869 -1.232  17.241  1.00 14.84 ? 9    LEU A N     1 
ATOM   73   C  CA    . LEU A 1 9   ? -21.941 -1.539  16.154  1.00 14.51 ? 9    LEU A CA    1 
ATOM   74   C  C     . LEU A 1 9   ? -22.406 -2.823  15.471  1.00 14.01 ? 9    LEU A C     1 
ATOM   75   O  O     . LEU A 1 9   ? -22.390 -3.890  16.081  1.00 13.81 ? 9    LEU A O     1 
ATOM   76   C  CB    . LEU A 1 9   ? -20.529 -1.736  16.710  1.00 15.80 ? 9    LEU A CB    1 
ATOM   77   C  CG    . LEU A 1 9   ? -19.410 -2.041  15.713  1.00 16.78 ? 9    LEU A CG    1 
ATOM   78   C  CD1   . LEU A 1 9   ? -19.106 -0.784  14.921  1.00 17.81 ? 9    LEU A CD1   1 
ATOM   79   C  CD2   . LEU A 1 9   ? -18.155 -2.506  16.451  1.00 19.25 ? 9    LEU A CD2   1 
ATOM   80   N  N     . GLU A 1 10  ? -22.828 -2.715  14.214  1.00 12.91 ? 10   GLU A N     1 
ATOM   81   C  CA    . GLU A 1 10  ? -23.297 -3.878  13.474  1.00 13.51 ? 10   GLU A CA    1 
ATOM   82   C  C     . GLU A 1 10  ? -22.305 -4.306  12.399  1.00 13.20 ? 10   GLU A C     1 
ATOM   83   O  O     . GLU A 1 10  ? -21.803 -3.483  11.635  1.00 13.79 ? 10   GLU A O     1 
ATOM   84   C  CB    . GLU A 1 10  ? -24.651 -3.585  12.818  1.00 14.56 ? 10   GLU A CB    1 
ATOM   85   C  CG    . GLU A 1 10  ? -25.198 -4.755  11.999  1.00 18.14 ? 10   GLU A CG    1 
ATOM   86   C  CD    . GLU A 1 10  ? -26.555 -4.473  11.377  1.00 19.77 ? 10   GLU A CD    1 
ATOM   87   O  OE1   . GLU A 1 10  ? -27.319 -3.657  11.937  1.00 23.27 ? 10   GLU A OE1   1 
ATOM   88   O  OE2   . GLU A 1 10  ? -26.870 -5.088  10.338  1.00 21.11 ? 10   GLU A OE2   1 
ATOM   89   N  N     . GLU A 1 11  ? -22.011 -5.598  12.340  1.00 12.08 ? 11   GLU A N     1 
ATOM   90   C  CA    . GLU A 1 11  ? -21.113 -6.078  11.302  1.00 12.88 ? 11   GLU A CA    1 
ATOM   91   C  C     . GLU A 1 11  ? -21.951 -6.345  10.054  1.00 13.57 ? 11   GLU A C     1 
ATOM   92   O  O     . GLU A 1 11  ? -22.880 -7.152  10.094  1.00 13.39 ? 11   GLU A O     1 
ATOM   93   C  CB    . GLU A 1 11  ? -20.421 -7.366  11.737  1.00 13.84 ? 11   GLU A CB    1 
ATOM   94   C  CG    . GLU A 1 11  ? -19.472 -7.915  10.678  1.00 15.30 ? 11   GLU A CG    1 
ATOM   95   C  CD    . GLU A 1 11  ? -18.667 -9.085  11.179  1.00 17.99 ? 11   GLU A CD    1 
ATOM   96   O  OE1   . GLU A 1 11  ? -17.527 -8.866  11.638  1.00 20.30 ? 11   GLU A OE1   1 
ATOM   97   O  OE2   . GLU A 1 11  ? -19.182 -10.221 11.124  1.00 18.92 ? 11   GLU A OE2   1 
ATOM   98   N  N     . ILE A 1 12  ? -21.630 -5.664  8.954   1.00 13.31 ? 12   ILE A N     1 
ATOM   99   C  CA    . ILE A 1 12  ? -22.361 -5.831  7.702   1.00 15.47 ? 12   ILE A CA    1 
ATOM   100  C  C     . ILE A 1 12  ? -21.770 -6.939  6.840   1.00 14.71 ? 12   ILE A C     1 
ATOM   101  O  O     . ILE A 1 12  ? -22.480 -7.547  6.026   1.00 15.18 ? 12   ILE A O     1 
ATOM   102  C  CB    . ILE A 1 12  ? -22.362 -4.527  6.878   1.00 18.10 ? 12   ILE A CB    1 
ATOM   103  C  CG1   . ILE A 1 12  ? -22.926 -3.385  7.724   1.00 20.61 ? 12   ILE A CG1   1 
ATOM   104  C  CG2   . ILE A 1 12  ? -23.167 -4.721  5.596   1.00 21.28 ? 12   ILE A CG2   1 
ATOM   105  C  CD1   . ILE A 1 12  ? -24.232 -3.710  8.388   1.00 20.72 ? 12   ILE A CD1   1 
ATOM   106  N  N     . LEU A 1 13  ? -20.478 -7.189  7.012   1.00 13.99 ? 13   LEU A N     1 
ATOM   107  C  CA    . LEU A 1 13  ? -19.786 -8.236  6.263   1.00 14.08 ? 13   LEU A CA    1 
ATOM   108  C  C     . LEU A 1 13  ? -18.553 -8.654  7.060   1.00 14.49 ? 13   LEU A C     1 
ATOM   109  O  O     . LEU A 1 13  ? -17.914 -7.824  7.696   1.00 12.16 ? 13   LEU A O     1 
ATOM   110  C  CB    . LEU A 1 13  ? -19.373 -7.715  4.873   1.00 14.81 ? 13   LEU A CB    1 
ATOM   111  C  CG    . LEU A 1 13  ? -18.995 -8.794  3.851   1.00 15.21 ? 13   LEU A CG    1 
ATOM   112  C  CD1   . LEU A 1 13  ? -20.256 -9.552  3.444   1.00 16.11 ? 13   LEU A CD1   1 
ATOM   113  C  CD2   . LEU A 1 13  ? -18.329 -8.171  2.626   1.00 15.67 ? 13   LEU A CD2   1 
ATOM   114  N  N     . SER A 1 14  ? -18.234 -9.946  7.059   1.00 16.12 ? 14   SER A N     1 
ATOM   115  C  CA    . SER A 1 14  ? -17.058 -10.428 7.775   1.00 17.78 ? 14   SER A CA    1 
ATOM   116  C  C     . SER A 1 14  ? -15.939 -10.816 6.813   1.00 18.59 ? 14   SER A C     1 
ATOM   117  O  O     . SER A 1 14  ? -14.767 -10.650 7.125   1.00 19.57 ? 14   SER A O     1 
ATOM   118  C  CB    . SER A 1 14  ? -17.421 -11.621 8.678   1.00 19.28 ? 14   SER A CB    1 
ATOM   119  O  OG    . SER A 1 14  ? -18.258 -12.533 7.997   1.00 22.44 ? 14   SER A OG    1 
ATOM   120  N  N     . GLU A 1 15  ? -16.305 -11.324 5.639   1.00 19.27 ? 15   GLU A N     1 
ATOM   121  C  CA    . GLU A 1 15  ? -15.315 -11.714 4.636   1.00 20.30 ? 15   GLU A CA    1 
ATOM   122  C  C     . GLU A 1 15  ? -15.917 -11.464 3.258   1.00 18.93 ? 15   GLU A C     1 
ATOM   123  O  O     . GLU A 1 15  ? -17.132 -11.521 3.089   1.00 19.20 ? 15   GLU A O     1 
ATOM   124  C  CB    . GLU A 1 15  ? -14.950 -13.198 4.775   1.00 23.13 ? 15   GLU A CB    1 
ATOM   125  C  CG    . GLU A 1 15  ? -16.091 -14.155 4.452   1.00 28.38 ? 15   GLU A CG    1 
ATOM   126  C  CD    . GLU A 1 15  ? -17.075 -14.319 5.596   1.00 30.65 ? 15   GLU A CD    1 
ATOM   127  O  OE1   . GLU A 1 15  ? -18.179 -14.862 5.367   1.00 33.15 ? 15   GLU A OE1   1 
ATOM   128  O  OE2   . GLU A 1 15  ? -16.740 -13.915 6.731   1.00 32.92 ? 15   GLU A OE2   1 
ATOM   129  N  N     . PRO A 1 16  ? -15.074 -11.204 2.246   1.00 18.28 ? 16   PRO A N     1 
ATOM   130  C  CA    . PRO A 1 16  ? -13.607 -11.128 2.274   1.00 17.73 ? 16   PRO A CA    1 
ATOM   131  C  C     . PRO A 1 16  ? -13.009 -9.884  2.937   1.00 17.40 ? 16   PRO A C     1 
ATOM   132  O  O     . PRO A 1 16  ? -11.796 -9.802  3.137   1.00 17.74 ? 16   PRO A O     1 
ATOM   133  C  CB    . PRO A 1 16  ? -13.237 -11.229 0.796   1.00 17.89 ? 16   PRO A CB    1 
ATOM   134  C  CG    . PRO A 1 16  ? -14.362 -10.486 0.142   1.00 17.71 ? 16   PRO A CG    1 
ATOM   135  C  CD    . PRO A 1 16  ? -15.583 -11.015 0.876   1.00 17.76 ? 16   PRO A CD    1 
ATOM   136  N  N     . VAL A 1 17  ? -13.866 -8.922  3.267   1.00 15.84 ? 17   VAL A N     1 
ATOM   137  C  CA    . VAL A 1 17  ? -13.449 -7.682  3.919   1.00 15.27 ? 17   VAL A CA    1 
ATOM   138  C  C     . VAL A 1 17  ? -14.448 -7.422  5.044   1.00 14.14 ? 17   VAL A C     1 
ATOM   139  O  O     . VAL A 1 17  ? -15.652 -7.561  4.840   1.00 15.13 ? 17   VAL A O     1 
ATOM   140  C  CB    . VAL A 1 17  ? -13.498 -6.490  2.933   1.00 14.98 ? 17   VAL A CB    1 
ATOM   141  C  CG1   . VAL A 1 17  ? -13.156 -5.185  3.657   1.00 15.41 ? 17   VAL A CG1   1 
ATOM   142  C  CG2   . VAL A 1 17  ? -12.519 -6.734  1.787   1.00 16.83 ? 17   VAL A CG2   1 
ATOM   143  N  N     . ARG A 1 18  ? -13.962 -7.066  6.229   1.00 13.33 ? 18   ARG A N     1 
ATOM   144  C  CA    . ARG A 1 18  ? -14.875 -6.794  7.329   1.00 12.28 ? 18   ARG A CA    1 
ATOM   145  C  C     . ARG A 1 18  ? -15.350 -5.360  7.206   1.00 11.89 ? 18   ARG A C     1 
ATOM   146  O  O     . ARG A 1 18  ? -14.547 -4.437  7.046   1.00 11.91 ? 18   ARG A O     1 
ATOM   147  C  CB    . ARG A 1 18  ? -14.203 -6.991  8.689   1.00 13.19 ? 18   ARG A CB    1 
ATOM   148  C  CG    . ARG A 1 18  ? -15.176 -6.825  9.857   1.00 14.90 ? 18   ARG A CG    1 
ATOM   149  C  CD    . ARG A 1 18  ? -14.490 -6.977  11.218  1.00 17.29 ? 18   ARG A CD    1 
ATOM   150  N  NE    . ARG A 1 18  ? -15.422 -6.720  12.316  1.00 18.85 ? 18   ARG A NE    1 
ATOM   151  C  CZ    . ARG A 1 18  ? -15.117 -6.037  13.414  1.00 19.34 ? 18   ARG A CZ    1 
ATOM   152  N  NH1   . ARG A 1 18  ? -13.900 -5.539  13.570  1.00 19.85 ? 18   ARG A NH1   1 
ATOM   153  N  NH2   . ARG A 1 18  ? -16.033 -5.839  14.353  1.00 21.55 ? 18   ARG A NH2   1 
ATOM   154  N  N     . LEU A 1 19  ? -16.664 -5.184  7.286   1.00 10.58 ? 19   LEU A N     1 
ATOM   155  C  CA    . LEU A 1 19  ? -17.272 -3.865  7.180   1.00 9.90  ? 19   LEU A CA    1 
ATOM   156  C  C     . LEU A 1 19  ? -18.303 -3.731  8.280   1.00 10.04 ? 19   LEU A C     1 
ATOM   157  O  O     . LEU A 1 19  ? -19.041 -4.675  8.566   1.00 10.76 ? 19   LEU A O     1 
ATOM   158  C  CB    . LEU A 1 19  ? -17.964 -3.704  5.820   1.00 9.67  ? 19   LEU A CB    1 
ATOM   159  C  CG    . LEU A 1 19  ? -16.999 -3.730  4.631   1.00 10.55 ? 19   LEU A CG    1 
ATOM   160  C  CD1   . LEU A 1 19  ? -17.794 -3.812  3.329   1.00 11.79 ? 19   LEU A CD1   1 
ATOM   161  C  CD2   . LEU A 1 19  ? -16.123 -2.492  4.669   1.00 11.37 ? 19   LEU A CD2   1 
ATOM   162  N  N     . VAL A 1 20  ? -18.361 -2.556  8.895   1.00 8.80  ? 20   VAL A N     1 
ATOM   163  C  CA    . VAL A 1 20  ? -19.324 -2.325  9.966   1.00 9.54  ? 20   VAL A CA    1 
ATOM   164  C  C     . VAL A 1 20  ? -20.159 -1.079  9.724   1.00 9.84  ? 20   VAL A C     1 
ATOM   165  O  O     . VAL A 1 20  ? -19.774 -0.189  8.959   1.00 9.57  ? 20   VAL A O     1 
ATOM   166  C  CB    . VAL A 1 20  ? -18.619 -2.202  11.357  1.00 8.85  ? 20   VAL A CB    1 
ATOM   167  C  CG1   . VAL A 1 20  ? -17.846 -3.472  11.649  1.00 10.07 ? 20   VAL A CG1   1 
ATOM   168  C  CG2   . VAL A 1 20  ? -17.684 -0.979  11.398  1.00 9.37  ? 20   VAL A CG2   1 
ATOM   169  N  N     . LYS A 1 21  ? -21.325 -1.048  10.358  1.00 10.31 ? 21   LYS A N     1 
ATOM   170  C  CA    . LYS A 1 21  ? -22.249 0.076   10.273  1.00 12.07 ? 21   LYS A CA    1 
ATOM   171  C  C     . LYS A 1 21  ? -22.474 0.419   11.747  1.00 11.42 ? 21   LYS A C     1 
ATOM   172  O  O     . LYS A 1 21  ? -23.039 -0.381  12.493  1.00 11.54 ? 21   LYS A O     1 
ATOM   173  C  CB    . LYS A 1 21  ? -23.544 -0.388  9.591   1.00 14.81 ? 21   LYS A CB    1 
ATOM   174  C  CG    . LYS A 1 21  ? -24.607 0.676   9.378   1.00 18.73 ? 21   LYS A CG    1 
ATOM   175  C  CD    . LYS A 1 21  ? -25.876 0.061   8.763   1.00 20.99 ? 21   LYS A CD    1 
ATOM   176  C  CE    . LYS A 1 21  ? -26.499 -0.975  9.691   1.00 22.57 ? 21   LYS A CE    1 
ATOM   177  N  NZ    . LYS A 1 21  ? -27.800 -1.502  9.188   1.00 25.29 ? 21   LYS A NZ    1 
ATOM   178  N  N     . GLU A 1 22  ? -22.021 1.593   12.176  1.00 10.06 ? 22   GLU A N     1 
ATOM   179  C  CA    . GLU A 1 22  ? -22.138 1.963   13.578  1.00 10.70 ? 22   GLU A CA    1 
ATOM   180  C  C     . GLU A 1 22  ? -23.064 3.141   13.812  1.00 11.46 ? 22   GLU A C     1 
ATOM   181  O  O     . GLU A 1 22  ? -22.907 4.190   13.191  1.00 11.68 ? 22   GLU A O     1 
ATOM   182  C  CB    . GLU A 1 22  ? -20.745 2.312   14.134  1.00 9.89  ? 22   GLU A CB    1 
ATOM   183  C  CG    . GLU A 1 22  ? -20.687 2.485   15.660  1.00 10.23 ? 22   GLU A CG    1 
ATOM   184  C  CD    . GLU A 1 22  ? -19.312 2.892   16.180  1.00 10.78 ? 22   GLU A CD    1 
ATOM   185  O  OE1   . GLU A 1 22  ? -19.158 3.036   17.411  1.00 12.52 ? 22   GLU A OE1   1 
ATOM   186  O  OE2   . GLU A 1 22  ? -18.372 3.076   15.384  1.00 10.53 ? 22   GLU A OE2   1 
ATOM   187  N  N     . ARG A 1 23  ? -24.031 2.965   14.707  1.00 11.92 ? 23   ARG A N     1 
ATOM   188  C  CA    . ARG A 1 23  ? -24.922 4.057   15.062  1.00 12.61 ? 23   ARG A CA    1 
ATOM   189  C  C     . ARG A 1 23  ? -24.168 4.733   16.216  1.00 13.02 ? 23   ARG A C     1 
ATOM   190  O  O     . ARG A 1 23  ? -23.778 4.068   17.179  1.00 12.86 ? 23   ARG A O     1 
ATOM   191  C  CB    . ARG A 1 23  ? -26.268 3.507   15.552  1.00 14.63 ? 23   ARG A CB    1 
ATOM   192  C  CG    . ARG A 1 23  ? -27.356 4.551   15.735  1.00 17.58 ? 23   ARG A CG    1 
ATOM   193  C  CD    . ARG A 1 23  ? -27.777 5.152   14.400  1.00 20.16 ? 23   ARG A CD    1 
ATOM   194  N  NE    . ARG A 1 23  ? -28.922 6.044   14.553  1.00 22.09 ? 23   ARG A NE    1 
ATOM   195  C  CZ    . ARG A 1 23  ? -29.403 6.824   13.590  1.00 23.22 ? 23   ARG A CZ    1 
ATOM   196  N  NH1   . ARG A 1 23  ? -28.845 6.831   12.387  1.00 23.33 ? 23   ARG A NH1   1 
ATOM   197  N  NH2   . ARG A 1 23  ? -30.444 7.609   13.836  1.00 24.11 ? 23   ARG A NH2   1 
ATOM   198  N  N     . VAL A 1 24  ? -23.925 6.035   16.098  1.00 13.09 ? 24   VAL A N     1 
ATOM   199  C  CA    . VAL A 1 24  ? -23.213 6.782   17.135  1.00 13.92 ? 24   VAL A CA    1 
ATOM   200  C  C     . VAL A 1 24  ? -23.964 8.048   17.515  1.00 14.46 ? 24   VAL A C     1 
ATOM   201  O  O     . VAL A 1 24  ? -24.823 8.520   16.767  1.00 14.05 ? 24   VAL A O     1 
ATOM   202  C  CB    . VAL A 1 24  ? -21.802 7.248   16.668  1.00 13.80 ? 24   VAL A CB    1 
ATOM   203  C  CG1   . VAL A 1 24  ? -20.969 6.052   16.241  1.00 13.35 ? 24   VAL A CG1   1 
ATOM   204  C  CG2   . VAL A 1 24  ? -21.937 8.254   15.514  1.00 13.90 ? 24   VAL A CG2   1 
ATOM   205  N  N     . ARG A 1 25  ? -23.638 8.579   18.690  1.00 15.24 ? 25   ARG A N     1 
ATOM   206  C  CA    . ARG A 1 25  ? -24.218 9.837   19.141  1.00 16.31 ? 25   ARG A CA    1 
ATOM   207  C  C     . ARG A 1 25  ? -23.056 10.802  18.939  1.00 15.55 ? 25   ARG A C     1 
ATOM   208  O  O     . ARG A 1 25  ? -21.977 10.617  19.501  1.00 15.18 ? 25   ARG A O     1 
ATOM   209  C  CB    . ARG A 1 25  ? -24.630 9.782   20.615  1.00 19.00 ? 25   ARG A CB    1 
ATOM   210  C  CG    . ARG A 1 25  ? -25.351 11.049  21.067  1.00 22.72 ? 25   ARG A CG    1 
ATOM   211  C  CD    . ARG A 1 25  ? -26.067 10.854  22.403  1.00 25.89 ? 25   ARG A CD    1 
ATOM   212  N  NE    . ARG A 1 25  ? -27.115 9.840   22.300  1.00 29.05 ? 25   ARG A NE    1 
ATOM   213  C  CZ    . ARG A 1 25  ? -28.272 10.014  21.662  1.00 30.68 ? 25   ARG A CZ    1 
ATOM   214  N  NH1   . ARG A 1 25  ? -28.547 11.170  21.068  1.00 32.10 ? 25   ARG A NH1   1 
ATOM   215  N  NH2   . ARG A 1 25  ? -29.156 9.022   21.604  1.00 31.63 ? 25   ARG A NH2   1 
ATOM   216  N  N     . THR A 1 26  ? -23.273 11.815  18.108  1.00 15.75 ? 26   THR A N     1 
ATOM   217  C  CA    . THR A 1 26  ? -22.219 12.771  17.778  1.00 15.34 ? 26   THR A CA    1 
ATOM   218  C  C     . THR A 1 26  ? -22.039 13.935  18.739  1.00 15.67 ? 26   THR A C     1 
ATOM   219  O  O     . THR A 1 26  ? -22.701 14.025  19.777  1.00 15.76 ? 26   THR A O     1 
ATOM   220  C  CB    . THR A 1 26  ? -22.454 13.374  16.387  1.00 14.96 ? 26   THR A CB    1 
ATOM   221  O  OG1   . THR A 1 26  ? -23.575 14.270  16.446  1.00 15.33 ? 26   THR A OG1   1 
ATOM   222  C  CG2   . THR A 1 26  ? -22.751 12.277  15.371  1.00 14.79 ? 26   THR A CG2   1 
ATOM   223  N  N     . HIS A 1 27  ? -21.128 14.828  18.361  1.00 15.40 ? 27   HIS A N     1 
ATOM   224  C  CA    . HIS A 1 27  ? -20.822 16.024  19.131  1.00 16.18 ? 27   HIS A CA    1 
ATOM   225  C  C     . HIS A 1 27  ? -22.036 16.951  19.232  1.00 17.16 ? 27   HIS A C     1 
ATOM   226  O  O     . HIS A 1 27  ? -22.044 17.874  20.046  1.00 18.59 ? 27   HIS A O     1 
ATOM   227  C  CB    . HIS A 1 27  ? -19.654 16.761  18.467  1.00 15.32 ? 27   HIS A CB    1 
ATOM   228  C  CG    . HIS A 1 27  ? -19.817 16.914  16.987  1.00 14.86 ? 27   HIS A CG    1 
ATOM   229  N  ND1   . HIS A 1 27  ? -20.176 18.105  16.392  1.00 14.93 ? 27   HIS A ND1   1 
ATOM   230  C  CD2   . HIS A 1 27  ? -19.744 16.000  15.987  1.00 13.02 ? 27   HIS A CD2   1 
ATOM   231  C  CE1   . HIS A 1 27  ? -20.320 17.918  15.091  1.00 14.61 ? 27   HIS A CE1   1 
ATOM   232  N  NE2   . HIS A 1 27  ? -20.064 16.650  14.820  1.00 15.65 ? 27   HIS A NE2   1 
ATOM   233  N  N     . THR A 1 28  ? -23.055 16.722  18.407  1.00 17.84 ? 28   THR A N     1 
ATOM   234  C  CA    . THR A 1 28  ? -24.252 17.563  18.445  1.00 19.08 ? 28   THR A CA    1 
ATOM   235  C  C     . THR A 1 28  ? -25.323 16.926  19.323  1.00 19.98 ? 28   THR A C     1 
ATOM   236  O  O     . THR A 1 28  ? -26.392 17.503  19.540  1.00 19.40 ? 28   THR A O     1 
ATOM   237  C  CB    . THR A 1 28  ? -24.863 17.766  17.049  1.00 19.65 ? 28   THR A CB    1 
ATOM   238  O  OG1   . THR A 1 28  ? -25.417 16.530  16.593  1.00 19.31 ? 28   THR A OG1   1 
ATOM   239  C  CG2   . THR A 1 28  ? -23.811 18.243  16.060  1.00 19.91 ? 28   THR A CG2   1 
ATOM   240  N  N     . GLY A 1 29  ? -25.026 15.730  19.818  1.00 20.23 ? 29   GLY A N     1 
ATOM   241  C  CA    . GLY A 1 29  ? -25.974 15.020  20.656  1.00 20.90 ? 29   GLY A CA    1 
ATOM   242  C  C     . GLY A 1 29  ? -26.967 14.238  19.819  1.00 21.54 ? 29   GLY A C     1 
ATOM   243  O  O     . GLY A 1 29  ? -27.814 13.526  20.361  1.00 22.56 ? 29   GLY A O     1 
ATOM   244  N  N     . ARG A 1 30  ? -26.870 14.372  18.498  1.00 20.76 ? 30   ARG A N     1 
ATOM   245  C  CA    . ARG A 1 30  ? -27.761 13.667  17.585  1.00 21.22 ? 30   ARG A CA    1 
ATOM   246  C  C     . ARG A 1 30  ? -27.153 12.337  17.154  1.00 20.48 ? 30   ARG A C     1 
ATOM   247  O  O     . ARG A 1 30  ? -25.961 12.090  17.362  1.00 19.95 ? 30   ARG A O     1 
ATOM   248  C  CB    . ARG A 1 30  ? -28.043 14.529  16.356  1.00 22.98 ? 30   ARG A CB    1 
ATOM   249  C  CG    . ARG A 1 30  ? -28.974 15.701  16.636  1.00 25.95 ? 30   ARG A CG    1 
ATOM   250  C  CD    . ARG A 1 30  ? -28.991 16.679  15.477  1.00 28.98 ? 30   ARG A CD    1 
ATOM   251  N  NE    . ARG A 1 30  ? -28.152 17.841  15.754  1.00 31.64 ? 30   ARG A NE    1 
ATOM   252  C  CZ    . ARG A 1 30  ? -27.768 18.724  14.836  1.00 32.86 ? 30   ARG A CZ    1 
ATOM   253  N  NH1   . ARG A 1 30  ? -28.145 18.575  13.573  1.00 33.79 ? 30   ARG A NH1   1 
ATOM   254  N  NH2   . ARG A 1 30  ? -27.009 19.757  15.184  1.00 34.05 ? 30   ARG A NH2   1 
ATOM   255  N  N     . GLU A 1 31  ? -27.973 11.484  16.553  1.00 19.35 ? 31   GLU A N     1 
ATOM   256  C  CA    . GLU A 1 31  ? -27.495 10.182  16.109  1.00 18.93 ? 31   GLU A CA    1 
ATOM   257  C  C     . GLU A 1 31  ? -27.112 10.210  14.643  1.00 17.41 ? 31   GLU A C     1 
ATOM   258  O  O     . GLU A 1 31  ? -27.655 10.981  13.858  1.00 17.10 ? 31   GLU A O     1 
ATOM   259  C  CB    . GLU A 1 31  ? -28.558 9.102   16.350  1.00 20.36 ? 31   GLU A CB    1 
ATOM   260  C  CG    . GLU A 1 31  ? -28.882 8.910   17.824  1.00 23.15 ? 31   GLU A CG    1 
ATOM   261  C  CD    . GLU A 1 31  ? -29.790 7.721   18.095  1.00 24.91 ? 31   GLU A CD    1 
ATOM   262  O  OE1   . GLU A 1 31  ? -30.150 7.521   19.275  1.00 26.48 ? 31   GLU A OE1   1 
ATOM   263  O  OE2   . GLU A 1 31  ? -30.141 6.992   17.140  1.00 25.65 ? 31   GLU A OE2   1 
ATOM   264  N  N     . LEU A 1 32  ? -26.163 9.358   14.288  1.00 16.23 ? 32   LEU A N     1 
ATOM   265  C  CA    . LEU A 1 32  ? -25.676 9.261   12.928  1.00 15.90 ? 32   LEU A CA    1 
ATOM   266  C  C     . LEU A 1 32  ? -25.205 7.827   12.705  1.00 14.11 ? 32   LEU A C     1 
ATOM   267  O  O     . LEU A 1 32  ? -24.738 7.179   13.637  1.00 13.47 ? 32   LEU A O     1 
ATOM   268  C  CB    . LEU A 1 32  ? -24.505 10.242  12.748  1.00 18.54 ? 32   LEU A CB    1 
ATOM   269  C  CG    . LEU A 1 32  ? -23.640 10.200  11.497  1.00 20.84 ? 32   LEU A CG    1 
ATOM   270  C  CD1   . LEU A 1 32  ? -23.021 11.575  11.264  1.00 21.98 ? 32   LEU A CD1   1 
ATOM   271  C  CD2   . LEU A 1 32  ? -22.559 9.145   11.655  1.00 20.80 ? 32   LEU A CD2   1 
ATOM   272  N  N     . THR A 1 33  ? -25.356 7.330   11.481  1.00 13.03 ? 33   THR A N     1 
ATOM   273  C  CA    . THR A 1 33  ? -24.896 5.982   11.150  1.00 12.14 ? 33   THR A CA    1 
ATOM   274  C  C     . THR A 1 33  ? -23.610 6.141   10.344  1.00 10.81 ? 33   THR A C     1 
ATOM   275  O  O     . THR A 1 33  ? -23.609 6.796   9.306   1.00 10.75 ? 33   THR A O     1 
ATOM   276  C  CB    . THR A 1 33  ? -25.934 5.222   10.302  1.00 13.61 ? 33   THR A CB    1 
ATOM   277  O  OG1   . THR A 1 33  ? -27.080 4.930   11.115  1.00 14.96 ? 33   THR A OG1   1 
ATOM   278  C  CG2   . THR A 1 33  ? -25.343 3.925   9.761   1.00 14.29 ? 33   THR A CG2   1 
ATOM   279  N  N     . TYR A 1 34  ? -22.517 5.557   10.835  1.00 9.57  ? 34   TYR A N     1 
ATOM   280  C  CA    . TYR A 1 34  ? -21.240 5.662   10.139  1.00 9.03  ? 34   TYR A CA    1 
ATOM   281  C  C     . TYR A 1 34  ? -20.813 4.278   9.647   1.00 9.11  ? 34   TYR A C     1 
ATOM   282  O  O     . TYR A 1 34  ? -20.783 3.320   10.411  1.00 9.36  ? 34   TYR A O     1 
ATOM   283  C  CB    . TYR A 1 34  ? -20.168 6.249   11.072  1.00 8.55  ? 34   TYR A CB    1 
ATOM   284  C  CG    . TYR A 1 34  ? -19.118 7.022   10.308  1.00 8.86  ? 34   TYR A CG    1 
ATOM   285  C  CD1   . TYR A 1 34  ? -19.303 8.372   10.018  1.00 8.38  ? 34   TYR A CD1   1 
ATOM   286  C  CD2   . TYR A 1 34  ? -17.984 6.388   9.811   1.00 9.03  ? 34   TYR A CD2   1 
ATOM   287  C  CE1   . TYR A 1 34  ? -18.381 9.075   9.236   1.00 9.46  ? 34   TYR A CE1   1 
ATOM   288  C  CE2   . TYR A 1 34  ? -17.049 7.075   9.034   1.00 9.12  ? 34   TYR A CE2   1 
ATOM   289  C  CZ    . TYR A 1 34  ? -17.257 8.417   8.746   1.00 9.26  ? 34   TYR A CZ    1 
ATOM   290  O  OH    . TYR A 1 34  ? -16.361 9.101   7.957   1.00 9.47  ? 34   TYR A OH    1 
ATOM   291  N  N     . VAL A 1 35  ? -20.477 4.188   8.365   1.00 8.22  ? 35   VAL A N     1 
ATOM   292  C  CA    . VAL A 1 35  ? -20.085 2.913   7.763   1.00 9.17  ? 35   VAL A CA    1 
ATOM   293  C  C     . VAL A 1 35  ? -18.587 2.898   7.497   1.00 8.50  ? 35   VAL A C     1 
ATOM   294  O  O     . VAL A 1 35  ? -18.043 3.842   6.923   1.00 8.50  ? 35   VAL A O     1 
ATOM   295  C  CB    . VAL A 1 35  ? -20.827 2.705   6.436   1.00 10.12 ? 35   VAL A CB    1 
ATOM   296  C  CG1   . VAL A 1 35  ? -20.450 1.353   5.832   1.00 10.32 ? 35   VAL A CG1   1 
ATOM   297  C  CG2   . VAL A 1 35  ? -22.326 2.828   6.661   1.00 12.62 ? 35   VAL A CG2   1 
ATOM   298  N  N     . TYR A 1 36  ? -17.902 1.835   7.907   1.00 8.27  ? 36   TYR A N     1 
ATOM   299  C  CA    . TYR A 1 36  ? -16.467 1.822   7.696   1.00 7.79  ? 36   TYR A CA    1 
ATOM   300  C  C     . TYR A 1 36  ? -15.824 0.452   7.790   1.00 8.05  ? 36   TYR A C     1 
ATOM   301  O  O     . TYR A 1 36  ? -16.458 -0.515  8.205   1.00 7.53  ? 36   TYR A O     1 
ATOM   302  C  CB    . TYR A 1 36  ? -15.779 2.774   8.695   1.00 8.01  ? 36   TYR A CB    1 
ATOM   303  C  CG    . TYR A 1 36  ? -15.967 2.452   10.175  1.00 8.00  ? 36   TYR A CG    1 
ATOM   304  C  CD1   . TYR A 1 36  ? -17.164 2.756   10.848  1.00 8.13  ? 36   TYR A CD1   1 
ATOM   305  C  CD2   . TYR A 1 36  ? -14.923 1.895   10.910  1.00 8.47  ? 36   TYR A CD2   1 
ATOM   306  C  CE1   . TYR A 1 36  ? -17.301 2.510   12.225  1.00 9.40  ? 36   TYR A CE1   1 
ATOM   307  C  CE2   . TYR A 1 36  ? -15.047 1.645   12.278  1.00 8.21  ? 36   TYR A CE2   1 
ATOM   308  C  CZ    . TYR A 1 36  ? -16.229 1.956   12.927  1.00 9.92  ? 36   TYR A CZ    1 
ATOM   309  O  OH    . TYR A 1 36  ? -16.309 1.740   14.287  1.00 10.60 ? 36   TYR A OH    1 
ATOM   310  N  N     . ARG A 1 37  ? -14.557 0.397   7.372   1.00 7.50  ? 37   ARG A N     1 
ATOM   311  C  CA    . ARG A 1 37  ? -13.749 -0.815  7.447   1.00 9.01  ? 37   ARG A CA    1 
ATOM   312  C  C     . ARG A 1 37  ? -12.977 -0.579  8.752   1.00 9.35  ? 37   ARG A C     1 
ATOM   313  O  O     . ARG A 1 37  ? -12.126 0.316   8.834   1.00 9.09  ? 37   ARG A O     1 
ATOM   314  C  CB    . ARG A 1 37  ? -12.809 -0.868  6.241   1.00 9.23  ? 37   ARG A CB    1 
ATOM   315  C  CG    . ARG A 1 37  ? -12.168 -2.207  6.008   1.00 12.83 ? 37   ARG A CG    1 
ATOM   316  C  CD    . ARG A 1 37  ? -10.964 -2.458  6.893   1.00 14.42 ? 37   ARG A CD    1 
ATOM   317  N  NE    . ARG A 1 37  ? -10.425 -3.784  6.588   1.00 17.58 ? 37   ARG A NE    1 
ATOM   318  C  CZ    . ARG A 1 37  ? -10.511 -4.836  7.400   1.00 18.66 ? 37   ARG A CZ    1 
ATOM   319  N  NH1   . ARG A 1 37  ? -11.096 -4.730  8.591   1.00 20.34 ? 37   ARG A NH1   1 
ATOM   320  N  NH2   . ARG A 1 37  ? -10.058 -6.013  6.995   1.00 21.04 ? 37   ARG A NH2   1 
ATOM   321  N  N     . PRO A 1 38  ? -13.281 -1.364  9.798   1.00 10.14 ? 38   PRO A N     1 
ATOM   322  C  CA    . PRO A 1 38  ? -12.631 -1.230  11.105  1.00 10.52 ? 38   PRO A CA    1 
ATOM   323  C  C     . PRO A 1 38  ? -11.186 -1.704  11.221  1.00 11.13 ? 38   PRO A C     1 
ATOM   324  O  O     . PRO A 1 38  ? -10.713 -2.532  10.441  1.00 11.66 ? 38   PRO A O     1 
ATOM   325  C  CB    . PRO A 1 38  ? -13.561 -2.022  12.020  1.00 10.59 ? 38   PRO A CB    1 
ATOM   326  C  CG    . PRO A 1 38  ? -13.946 -3.167  11.144  1.00 10.90 ? 38   PRO A CG    1 
ATOM   327  C  CD    . PRO A 1 38  ? -14.224 -2.501  9.795   1.00 10.41 ? 38   PRO A CD    1 
ATOM   328  N  N     . GLY A 1 39  ? -10.496 -1.159  12.215  1.00 11.33 ? 39   GLY A N     1 
ATOM   329  C  CA    . GLY A 1 39  ? -9.125  -1.548  12.461  1.00 13.19 ? 39   GLY A CA    1 
ATOM   330  C  C     . GLY A 1 39  ? -9.105  -2.491  13.651  1.00 15.12 ? 39   GLY A C     1 
ATOM   331  O  O     . GLY A 1 39  ? -10.156 -2.823  14.203  1.00 15.34 ? 39   GLY A O     1 
ATOM   332  N  N     . PRO A 1 40  ? -7.919  -2.934  14.081  1.00 15.65 ? 40   PRO A N     1 
ATOM   333  C  CA    . PRO A 1 40  ? -6.628  -2.571  13.481  1.00 15.61 ? 40   PRO A CA    1 
ATOM   334  C  C     . PRO A 1 40  ? -6.365  -3.368  12.209  1.00 14.58 ? 40   PRO A C     1 
ATOM   335  O  O     . PRO A 1 40  ? -6.597  -4.579  12.158  1.00 14.98 ? 40   PRO A O     1 
ATOM   336  C  CB    . PRO A 1 40  ? -5.616  -2.907  14.587  1.00 16.53 ? 40   PRO A CB    1 
ATOM   337  C  CG    . PRO A 1 40  ? -6.463  -3.058  15.847  1.00 18.38 ? 40   PRO A CG    1 
ATOM   338  C  CD    . PRO A 1 40  ? -7.727  -3.673  15.336  1.00 17.58 ? 40   PRO A CD    1 
ATOM   339  N  N     . VAL A 1 41  ? -5.902  -2.682  11.167  1.00 12.16 ? 41   VAL A N     1 
ATOM   340  C  CA    . VAL A 1 41  ? -5.604  -3.339  9.905   1.00 10.13 ? 41   VAL A CA    1 
ATOM   341  C  C     . VAL A 1 41  ? -4.558  -2.500  9.163   1.00 9.47  ? 41   VAL A C     1 
ATOM   342  O  O     . VAL A 1 41  ? -4.538  -1.268  9.256   1.00 8.53  ? 41   VAL A O     1 
ATOM   343  C  CB    . VAL A 1 41  ? -6.899  -3.536  9.067   1.00 10.49 ? 41   VAL A CB    1 
ATOM   344  C  CG1   . VAL A 1 41  ? -7.533  -2.188  8.751   1.00 9.80  ? 41   VAL A CG1   1 
ATOM   345  C  CG2   . VAL A 1 41  ? -6.598  -4.322  7.807   1.00 12.80 ? 41   VAL A CG2   1 
ATOM   346  N  N     . ALA A 1 42  ? -3.676  -3.173  8.432   1.00 7.73  ? 42   ALA A N     1 
ATOM   347  C  CA    . ALA A 1 42  ? -2.606  -2.470  7.741   1.00 8.31  ? 42   ALA A CA    1 
ATOM   348  C  C     . ALA A 1 42  ? -2.125  -3.180  6.492   1.00 7.93  ? 42   ALA A C     1 
ATOM   349  O  O     . ALA A 1 42  ? -2.450  -4.342  6.258   1.00 8.46  ? 42   ALA A O     1 
ATOM   350  C  CB    . ALA A 1 42  ? -1.428  -2.289  8.686   1.00 9.38  ? 42   ALA A CB    1 
ATOM   351  N  N     . ALA A 1 43  ? -1.361  -2.446  5.693   1.00 7.13  ? 43   ALA A N     1 
ATOM   352  C  CA    . ALA A 1 43  ? -0.753  -2.977  4.485   1.00 6.88  ? 43   ALA A CA    1 
ATOM   353  C  C     . ALA A 1 43  ? 0.618   -2.321  4.369   1.00 7.35  ? 43   ALA A C     1 
ATOM   354  O  O     . ALA A 1 43  ? 0.833   -1.221  4.886   1.00 7.99  ? 43   ALA A O     1 
ATOM   355  C  CB    . ALA A 1 43  ? -1.591  -2.632  3.260   1.00 7.28  ? 43   ALA A CB    1 
ATOM   356  N  N     . SER A 1 44  ? 1.541   -3.005  3.698   1.00 6.96  ? 44   SER A N     1 
ATOM   357  C  CA    . SER A 1 44  ? 2.881   -2.470  3.478   1.00 6.56  ? 44   SER A CA    1 
ATOM   358  C  C     . SER A 1 44  ? 3.081   -2.275  1.981   1.00 6.96  ? 44   SER A C     1 
ATOM   359  O  O     . SER A 1 44  ? 2.618   -3.092  1.172   1.00 6.92  ? 44   SER A O     1 
ATOM   360  C  CB    . SER A 1 44  ? 3.953   -3.434  3.997   1.00 7.51  ? 44   SER A CB    1 
ATOM   361  O  OG    . SER A 1 44  ? 3.908   -3.503  5.405   1.00 7.76  ? 44   SER A OG    1 
ATOM   362  N  N     . PHE A 1 45  ? 3.763   -1.186  1.636   1.00 6.76  ? 45   PHE A N     1 
ATOM   363  C  CA    . PHE A 1 45  ? 4.073   -0.809  0.264   1.00 7.23  ? 45   PHE A CA    1 
ATOM   364  C  C     . PHE A 1 45  ? 5.589   -0.728  0.163   1.00 8.01  ? 45   PHE A C     1 
ATOM   365  O  O     . PHE A 1 45  ? 6.251   -0.209  1.066   1.00 9.18  ? 45   PHE A O     1 
ATOM   366  C  CB    . PHE A 1 45  ? 3.456   0.561   -0.059  1.00 7.32  ? 45   PHE A CB    1 
ATOM   367  C  CG    . PHE A 1 45  ? 1.988   0.498   -0.348  1.00 7.81  ? 45   PHE A CG    1 
ATOM   368  C  CD1   . PHE A 1 45  ? 1.069   0.206   0.662   1.00 8.69  ? 45   PHE A CD1   1 
ATOM   369  C  CD2   . PHE A 1 45  ? 1.526   0.670   -1.650  1.00 7.93  ? 45   PHE A CD2   1 
ATOM   370  C  CE1   . PHE A 1 45  ? -0.293  0.078   0.368   1.00 8.52  ? 45   PHE A CE1   1 
ATOM   371  C  CE2   . PHE A 1 45  ? 0.169   0.544   -1.950  1.00 7.78  ? 45   PHE A CE2   1 
ATOM   372  C  CZ    . PHE A 1 45  ? -0.741  0.246   -0.931  1.00 8.46  ? 45   PHE A CZ    1 
ATOM   373  N  N     . VAL A 1 46  ? 6.154   -1.240  -0.922  1.00 7.71  ? 46   VAL A N     1 
ATOM   374  C  CA    . VAL A 1 46  ? 7.602   -1.197  -1.031  1.00 8.23  ? 46   VAL A CA    1 
ATOM   375  C  C     . VAL A 1 46  ? 8.103   -0.839  -2.422  1.00 7.23  ? 46   VAL A C     1 
ATOM   376  O  O     . VAL A 1 46  ? 7.729   -1.478  -3.408  1.00 8.06  ? 46   VAL A O     1 
ATOM   377  C  CB    . VAL A 1 46  ? 8.220   -2.556  -0.561  1.00 8.72  ? 46   VAL A CB    1 
ATOM   378  C  CG1   . VAL A 1 46  ? 7.621   -3.721  -1.344  1.00 10.16 ? 46   VAL A CG1   1 
ATOM   379  C  CG2   . VAL A 1 46  ? 9.733   -2.526  -0.714  1.00 10.08 ? 46   VAL A CG2   1 
ATOM   380  N  N     . LEU A 1 47  ? 8.902   0.225   -2.503  1.00 6.92  ? 47   LEU A N     1 
ATOM   381  C  CA    . LEU A 1 47  ? 9.497   0.640   -3.776  1.00 7.24  ? 47   LEU A CA    1 
ATOM   382  C  C     . LEU A 1 47  ? 10.801  -0.147  -3.837  1.00 7.46  ? 47   LEU A C     1 
ATOM   383  O  O     . LEU A 1 47  ? 11.720  0.144   -3.080  1.00 8.08  ? 47   LEU A O     1 
ATOM   384  C  CB    . LEU A 1 47  ? 9.809   2.142   -3.776  1.00 7.93  ? 47   LEU A CB    1 
ATOM   385  C  CG    . LEU A 1 47  ? 10.630  2.605   -4.991  1.00 8.23  ? 47   LEU A CG    1 
ATOM   386  C  CD1   . LEU A 1 47  ? 9.858   2.352   -6.282  1.00 9.16  ? 47   LEU A CD1   1 
ATOM   387  C  CD2   . LEU A 1 47  ? 10.967  4.095   -4.850  1.00 7.98  ? 47   LEU A CD2   1 
ATOM   388  N  N     . PRO A 1 48  ? 10.890  -1.161  -4.717  1.00 7.84  ? 48   PRO A N     1 
ATOM   389  C  CA    . PRO A 1 48  ? 12.104  -1.982  -4.832  1.00 7.47  ? 48   PRO A CA    1 
ATOM   390  C  C     . PRO A 1 48  ? 13.058  -1.437  -5.884  1.00 8.47  ? 48   PRO A C     1 
ATOM   391  O  O     . PRO A 1 48  ? 12.768  -1.510  -7.075  1.00 9.28  ? 48   PRO A O     1 
ATOM   392  C  CB    . PRO A 1 48  ? 11.555  -3.370  -5.228  1.00 7.90  ? 48   PRO A CB    1 
ATOM   393  C  CG    . PRO A 1 48  ? 10.002  -3.156  -5.418  1.00 7.64  ? 48   PRO A CG    1 
ATOM   394  C  CD    . PRO A 1 48  ? 9.866   -1.669  -5.638  1.00 6.92  ? 48   PRO A CD    1 
ATOM   395  N  N     . VAL A 1 49  ? 14.200  -0.904  -5.448  1.00 8.54  ? 49   VAL A N     1 
ATOM   396  C  CA    . VAL A 1 49  ? 15.164  -0.337  -6.374  1.00 9.03  ? 49   VAL A CA    1 
ATOM   397  C  C     . VAL A 1 49  ? 16.379  -1.249  -6.513  1.00 10.25 ? 49   VAL A C     1 
ATOM   398  O  O     . VAL A 1 49  ? 16.912  -1.754  -5.526  1.00 10.04 ? 49   VAL A O     1 
ATOM   399  C  CB    . VAL A 1 49  ? 15.606  1.072   -5.914  1.00 9.54  ? 49   VAL A CB    1 
ATOM   400  C  CG1   . VAL A 1 49  ? 16.657  1.644   -6.876  1.00 11.23 ? 49   VAL A CG1   1 
ATOM   401  C  CG2   . VAL A 1 49  ? 14.384  1.991   -5.865  1.00 9.06  ? 49   VAL A CG2   1 
ATOM   402  N  N     . THR A 1 50  ? 16.799  -1.458  -7.756  1.00 11.84 ? 50   THR A N     1 
ATOM   403  C  CA    . THR A 1 50  ? 17.939  -2.322  -8.050  1.00 13.69 ? 50   THR A CA    1 
ATOM   404  C  C     . THR A 1 50  ? 19.235  -1.531  -7.956  1.00 15.19 ? 50   THR A C     1 
ATOM   405  O  O     . THR A 1 50  ? 19.228  -0.319  -7.794  1.00 14.65 ? 50   THR A O     1 
ATOM   406  C  CB    . THR A 1 50  ? 17.832  -2.903  -9.469  1.00 12.41 ? 50   THR A CB    1 
ATOM   407  O  OG1   . THR A 1 50  ? 18.021  -1.850  -10.425 1.00 12.50 ? 50   THR A OG1   1 
ATOM   408  C  CG2   . THR A 1 50  ? 16.460  -3.535  -9.686  1.00 13.14 ? 50   THR A CG2   1 
ATOM   409  N  N     . GLU A 1 51  ? 20.359  -2.227  -8.058  1.00 18.46 ? 51   GLU A N     1 
ATOM   410  C  CA    . GLU A 1 51  ? 21.636  -1.542  -7.991  1.00 20.78 ? 51   GLU A CA    1 
ATOM   411  C  C     . GLU A 1 51  ? 21.908  -0.789  -9.288  1.00 22.33 ? 51   GLU A C     1 
ATOM   412  O  O     . GLU A 1 51  ? 22.827  0.032   -9.355  1.00 23.20 ? 51   GLU A O     1 
ATOM   413  C  CB    . GLU A 1 51  ? 22.751  -2.546  -7.681  1.00 22.11 ? 51   GLU A CB    1 
ATOM   414  C  CG    . GLU A 1 51  ? 22.744  -2.951  -6.210  1.00 24.07 ? 51   GLU A CG    1 
ATOM   415  C  CD    . GLU A 1 51  ? 23.921  -3.821  -5.811  1.00 26.16 ? 51   GLU A CD    1 
ATOM   416  O  OE1   . GLU A 1 51  ? 23.844  -5.053  -6.003  1.00 26.01 ? 51   GLU A OE1   1 
ATOM   417  O  OE2   . GLU A 1 51  ? 24.921  -3.264  -5.306  1.00 26.49 ? 51   GLU A OE2   1 
ATOM   418  N  N     . ARG A 1 52  ? 21.091  -1.058  -10.305 1.00 22.61 ? 52   ARG A N     1 
ATOM   419  C  CA    . ARG A 1 52  ? 21.226  -0.402  -11.601 1.00 23.98 ? 52   ARG A CA    1 
ATOM   420  C  C     . ARG A 1 52  ? 20.331  0.831   -11.705 1.00 23.49 ? 52   ARG A C     1 
ATOM   421  O  O     . ARG A 1 52  ? 20.108  1.352   -12.796 1.00 25.11 ? 52   ARG A O     1 
ATOM   422  C  CB    . ARG A 1 52  ? 20.871  -1.369  -12.725 1.00 25.43 ? 52   ARG A CB    1 
ATOM   423  C  CG    . ARG A 1 52  ? 21.754  -2.600  -12.795 1.00 29.30 ? 52   ARG A CG    1 
ATOM   424  C  CD    . ARG A 1 52  ? 20.913  -3.861  -12.727 1.00 31.28 ? 52   ARG A CD    1 
ATOM   425  N  NE    . ARG A 1 52  ? 20.051  -4.004  -13.895 1.00 33.93 ? 52   ARG A NE    1 
ATOM   426  C  CZ    . ARG A 1 52  ? 18.911  -4.685  -13.899 1.00 35.00 ? 52   ARG A CZ    1 
ATOM   427  N  NH1   . ARG A 1 52  ? 18.490  -5.283  -12.792 1.00 35.44 ? 52   ARG A NH1   1 
ATOM   428  N  NH2   . ARG A 1 52  ? 18.194  -4.774  -15.013 1.00 36.34 ? 52   ARG A NH2   1 
ATOM   429  N  N     . GLY A 1 53  ? 19.809  1.293   -10.576 1.00 22.04 ? 53   GLY A N     1 
ATOM   430  C  CA    . GLY A 1 53  ? 18.961  2.471   -10.609 1.00 20.35 ? 53   GLY A CA    1 
ATOM   431  C  C     . GLY A 1 53  ? 17.619  2.289   -11.304 1.00 19.03 ? 53   GLY A C     1 
ATOM   432  O  O     . GLY A 1 53  ? 17.095  3.239   -11.891 1.00 19.53 ? 53   GLY A O     1 
ATOM   433  N  N     . THR A 1 54  ? 17.080  1.073   -11.284 1.00 16.54 ? 54   THR A N     1 
ATOM   434  C  CA    . THR A 1 54  ? 15.764  0.815   -11.877 1.00 14.16 ? 54   THR A CA    1 
ATOM   435  C  C     . THR A 1 54  ? 14.859  0.407   -10.728 1.00 12.40 ? 54   THR A C     1 
ATOM   436  O  O     . THR A 1 54  ? 15.335  0.117   -9.632  1.00 10.83 ? 54   THR A O     1 
ATOM   437  C  CB    . THR A 1 54  ? 15.763  -0.351  -12.907 1.00 14.97 ? 54   THR A CB    1 
ATOM   438  O  OG1   . THR A 1 54  ? 16.130  -1.575  -12.258 1.00 15.47 ? 54   THR A OG1   1 
ATOM   439  C  CG2   . THR A 1 54  ? 16.730  -0.059  -14.054 1.00 15.99 ? 54   THR A CG2   1 
ATOM   440  N  N     . ALA A 1 55  ? 13.554  0.397   -10.979 1.00 10.89 ? 55   ALA A N     1 
ATOM   441  C  CA    . ALA A 1 55  ? 12.587  -0.001  -9.966  1.00 10.72 ? 55   ALA A CA    1 
ATOM   442  C  C     . ALA A 1 55  ? 11.783  -1.184  -10.473 1.00 10.54 ? 55   ALA A C     1 
ATOM   443  O  O     . ALA A 1 55  ? 11.488  -1.271  -11.671 1.00 10.92 ? 55   ALA A O     1 
ATOM   444  C  CB    . ALA A 1 55  ? 11.641  1.167   -9.645  1.00 10.23 ? 55   ALA A CB    1 
ATOM   445  N  N     . LEU A 1 56  ? 11.439  -2.096  -9.566  1.00 10.04 ? 56   LEU A N     1 
ATOM   446  C  CA    . LEU A 1 56  ? 10.632  -3.259  -9.919  1.00 9.96  ? 56   LEU A CA    1 
ATOM   447  C  C     . LEU A 1 56  ? 9.199   -2.917  -9.521  1.00 9.65  ? 56   LEU A C     1 
ATOM   448  O  O     . LEU A 1 56  ? 8.878   -2.782  -8.341  1.00 10.31 ? 56   LEU A O     1 
ATOM   449  C  CB    . LEU A 1 56  ? 11.102  -4.502  -9.167  1.00 11.32 ? 56   LEU A CB    1 
ATOM   450  C  CG    . LEU A 1 56  ? 12.588  -4.841  -9.359  1.00 12.50 ? 56   LEU A CG    1 
ATOM   451  C  CD1   . LEU A 1 56  ? 12.908  -6.108  -8.569  1.00 12.45 ? 56   LEU A CD1   1 
ATOM   452  C  CD2   . LEU A 1 56  ? 12.895  -5.020  -10.836 1.00 13.74 ? 56   LEU A CD2   1 
ATOM   453  N  N     . LEU A 1 57  ? 8.343   -2.769  -10.521 1.00 8.63  ? 57   LEU A N     1 
ATOM   454  C  CA    . LEU A 1 57  ? 6.955   -2.403  -10.266 1.00 9.09  ? 57   LEU A CA    1 
ATOM   455  C  C     . LEU A 1 57  ? 5.995   -3.450  -10.785 1.00 8.67  ? 57   LEU A C     1 
ATOM   456  O  O     . LEU A 1 57  ? 6.407   -4.457  -11.357 1.00 9.08  ? 57   LEU A O     1 
ATOM   457  C  CB    . LEU A 1 57  ? 6.648   -1.069  -10.943 1.00 9.73  ? 57   LEU A CB    1 
ATOM   458  C  CG    . LEU A 1 57  ? 7.587   0.088   -10.583 1.00 10.25 ? 57   LEU A CG    1 
ATOM   459  C  CD1   . LEU A 1 57  ? 7.293   1.296   -11.491 1.00 11.91 ? 57   LEU A CD1   1 
ATOM   460  C  CD2   . LEU A 1 57  ? 7.430   0.440   -9.103  1.00 9.72  ? 57   LEU A CD2   1 
ATOM   461  N  N     . VAL A 1 58  ? 4.706   -3.217  -10.557 1.00 8.58  ? 58   VAL A N     1 
ATOM   462  C  CA    . VAL A 1 58  ? 3.698   -4.131  -11.067 1.00 8.39  ? 58   VAL A CA    1 
ATOM   463  C  C     . VAL A 1 58  ? 2.629   -3.353  -11.836 1.00 8.66  ? 58   VAL A C     1 
ATOM   464  O  O     . VAL A 1 58  ? 2.382   -2.182  -11.571 1.00 8.23  ? 58   VAL A O     1 
ATOM   465  C  CB    . VAL A 1 58  ? 3.014   -4.952  -9.925  1.00 8.43  ? 58   VAL A CB    1 
ATOM   466  C  CG1   . VAL A 1 58  ? 4.053   -5.802  -9.195  1.00 9.93  ? 58   VAL A CG1   1 
ATOM   467  C  CG2   . VAL A 1 58  ? 2.307   -4.029  -8.953  1.00 10.22 ? 58   VAL A CG2   1 
ATOM   468  N  N     . ARG A 1 59  ? 2.044   -3.999  -12.835 1.00 8.40  ? 59   ARG A N     1 
ATOM   469  C  CA    . ARG A 1 59  ? 0.953   -3.406  -13.610 1.00 7.54  ? 59   ARG A CA    1 
ATOM   470  C  C     . ARG A 1 59  ? -0.163  -4.352  -13.171 1.00 7.15  ? 59   ARG A C     1 
ATOM   471  O  O     . ARG A 1 59  ? -0.210  -5.512  -13.588 1.00 7.75  ? 59   ARG A O     1 
ATOM   472  C  CB    . ARG A 1 59  ? 1.228   -3.517  -15.116 1.00 10.11 ? 59   ARG A CB    1 
ATOM   473  C  CG    . ARG A 1 59  ? 0.042   -3.127  -15.992 1.00 14.43 ? 59   ARG A CG    1 
ATOM   474  C  CD    . ARG A 1 59  ? -0.321  -1.660  -15.870 1.00 18.27 ? 59   ARG A CD    1 
ATOM   475  N  NE    . ARG A 1 59  ? 0.687   -0.772  -16.441 1.00 20.87 ? 59   ARG A NE    1 
ATOM   476  C  CZ    . ARG A 1 59  ? 0.532   0.543   -16.562 1.00 22.39 ? 59   ARG A CZ    1 
ATOM   477  N  NH1   . ARG A 1 59  ? 1.500   1.277   -17.094 1.00 23.48 ? 59   ARG A NH1   1 
ATOM   478  N  NH2   . ARG A 1 59  ? -0.600  1.123   -16.162 1.00 22.99 ? 59   ARG A NH2   1 
ATOM   479  N  N     . GLN A 1 60  ? -1.064  -3.843  -12.334 1.00 7.05  ? 60   GLN A N     1 
ATOM   480  C  CA    . GLN A 1 60  ? -2.085  -4.675  -11.712 1.00 6.40  ? 60   GLN A CA    1 
ATOM   481  C  C     . GLN A 1 60  ? -3.536  -4.278  -11.938 1.00 6.13  ? 60   GLN A C     1 
ATOM   482  O  O     . GLN A 1 60  ? -3.906  -3.108  -11.819 1.00 8.01  ? 60   GLN A O     1 
ATOM   483  C  CB    . GLN A 1 60  ? -1.787  -4.717  -10.201 1.00 6.66  ? 60   GLN A CB    1 
ATOM   484  C  CG    . GLN A 1 60  ? -2.792  -5.489  -9.377  1.00 6.47  ? 60   GLN A CG    1 
ATOM   485  C  CD    . GLN A 1 60  ? -2.275  -5.767  -7.972  1.00 5.50  ? 60   GLN A CD    1 
ATOM   486  O  OE1   . GLN A 1 60  ? -1.397  -5.045  -7.462  1.00 8.72  ? 60   GLN A OE1   1 
ATOM   487  N  NE2   . GLN A 1 60  ? -2.806  -6.801  -7.347  1.00 5.54  ? 60   GLN A NE2   1 
ATOM   488  N  N     . TYR A 1 61  ? -4.370  -5.263  -12.247 1.00 6.78  ? 61   TYR A N     1 
ATOM   489  C  CA    . TYR A 1 61  ? -5.788  -4.983  -12.438 1.00 6.63  ? 61   TYR A CA    1 
ATOM   490  C  C     . TYR A 1 61  ? -6.423  -4.632  -11.078 1.00 6.91  ? 61   TYR A C     1 
ATOM   491  O  O     . TYR A 1 61  ? -6.256  -5.380  -10.105 1.00 7.57  ? 61   TYR A O     1 
ATOM   492  C  CB    . TYR A 1 61  ? -6.490  -6.222  -13.003 1.00 6.94  ? 61   TYR A CB    1 
ATOM   493  C  CG    . TYR A 1 61  ? -7.968  -6.020  -13.227 1.00 7.79  ? 61   TYR A CG    1 
ATOM   494  C  CD1   . TYR A 1 61  ? -8.432  -5.040  -14.103 1.00 8.73  ? 61   TYR A CD1   1 
ATOM   495  C  CD2   . TYR A 1 61  ? -8.902  -6.792  -12.542 1.00 7.83  ? 61   TYR A CD2   1 
ATOM   496  C  CE1   . TYR A 1 61  ? -9.799  -4.834  -14.284 1.00 9.05  ? 61   TYR A CE1   1 
ATOM   497  C  CE2   . TYR A 1 61  ? -10.277 -6.592  -12.716 1.00 9.21  ? 61   TYR A CE2   1 
ATOM   498  C  CZ    . TYR A 1 61  ? -10.711 -5.612  -13.584 1.00 9.75  ? 61   TYR A CZ    1 
ATOM   499  O  OH    . TYR A 1 61  ? -12.068 -5.391  -13.739 1.00 11.67 ? 61   TYR A OH    1 
ATOM   500  N  N     . ARG A 1 62  ? -7.135  -3.508  -11.010 1.00 7.27  ? 62   ARG A N     1 
ATOM   501  C  CA    . ARG A 1 62  ? -7.831  -3.104  -9.773  1.00 7.73  ? 62   ARG A CA    1 
ATOM   502  C  C     . ARG A 1 62  ? -9.312  -3.025  -10.154 1.00 8.61  ? 62   ARG A C     1 
ATOM   503  O  O     . ARG A 1 62  ? -9.796  -2.033  -10.701 1.00 8.56  ? 62   ARG A O     1 
ATOM   504  C  CB    . ARG A 1 62  ? -7.290  -1.757  -9.267  1.00 7.45  ? 62   ARG A CB    1 
ATOM   505  C  CG    . ARG A 1 62  ? -5.853  -1.855  -8.733  1.00 8.68  ? 62   ARG A CG    1 
ATOM   506  C  CD    . ARG A 1 62  ? -5.732  -2.975  -7.709  1.00 9.90  ? 62   ARG A CD    1 
ATOM   507  N  NE    . ARG A 1 62  ? -4.452  -2.946  -6.997  1.00 7.69  ? 62   ARG A NE    1 
ATOM   508  C  CZ    . ARG A 1 62  ? -4.200  -3.668  -5.907  1.00 9.76  ? 62   ARG A CZ    1 
ATOM   509  N  NH1   . ARG A 1 62  ? -5.127  -4.488  -5.415  1.00 9.73  ? 62   ARG A NH1   1 
ATOM   510  N  NH2   . ARG A 1 62  ? -3.037  -3.531  -5.280  1.00 10.14 ? 62   ARG A NH2   1 
ATOM   511  N  N     . HIS A 1 63  ? -10.024 -4.105  -9.859  1.00 8.21  ? 63   HIS A N     1 
ATOM   512  C  CA    . HIS A 1 63  ? -11.412 -4.228  -10.266 1.00 7.79  ? 63   HIS A CA    1 
ATOM   513  C  C     . HIS A 1 63  ? -12.366 -3.052  -10.046 1.00 7.93  ? 63   HIS A C     1 
ATOM   514  O  O     . HIS A 1 63  ? -13.127 -2.695  -10.946 1.00 7.90  ? 63   HIS A O     1 
ATOM   515  C  CB    . HIS A 1 63  ? -12.008 -5.500  -9.667  1.00 8.52  ? 63   HIS A CB    1 
ATOM   516  C  CG    . HIS A 1 63  ? -13.302 -5.888  -10.301 1.00 9.08  ? 63   HIS A CG    1 
ATOM   517  N  ND1   . HIS A 1 63  ? -14.484 -5.986  -9.600  1.00 9.69  ? 63   HIS A ND1   1 
ATOM   518  C  CD2   . HIS A 1 63  ? -13.607 -6.133  -11.597 1.00 6.77  ? 63   HIS A CD2   1 
ATOM   519  C  CE1   . HIS A 1 63  ? -15.463 -6.272  -10.443 1.00 7.84  ? 63   HIS A CE1   1 
ATOM   520  N  NE2   . HIS A 1 63  ? -14.956 -6.365  -11.657 1.00 11.23 ? 63   HIS A NE2   1 
ATOM   521  N  N     . PRO A 1 64  ? -12.342 -2.432  -8.860  1.00 7.35  ? 64   PRO A N     1 
ATOM   522  C  CA    . PRO A 1 64  ? -13.247 -1.301  -8.618  1.00 7.79  ? 64   PRO A CA    1 
ATOM   523  C  C     . PRO A 1 64  ? -13.098 -0.161  -9.630  1.00 8.32  ? 64   PRO A C     1 
ATOM   524  O  O     . PRO A 1 64  ? -14.065 0.563   -9.914  1.00 9.57  ? 64   PRO A O     1 
ATOM   525  C  CB    . PRO A 1 64  ? -12.885 -0.863  -7.201  1.00 7.72  ? 64   PRO A CB    1 
ATOM   526  C  CG    . PRO A 1 64  ? -12.434 -2.150  -6.550  1.00 7.43  ? 64   PRO A CG    1 
ATOM   527  C  CD    . PRO A 1 64  ? -11.585 -2.781  -7.644  1.00 7.01  ? 64   PRO A CD    1 
ATOM   528  N  N     . THR A 1 65  ? -11.890 -0.007  -10.173 1.00 7.87  ? 65   THR A N     1 
ATOM   529  C  CA    . THR A 1 65  ? -11.612 1.050   -11.141 1.00 8.63  ? 65   THR A CA    1 
ATOM   530  C  C     . THR A 1 65  ? -11.711 0.567   -12.585 1.00 9.46  ? 65   THR A C     1 
ATOM   531  O  O     . THR A 1 65  ? -11.807 1.383   -13.511 1.00 10.91 ? 65   THR A O     1 
ATOM   532  C  CB    . THR A 1 65  ? -10.193 1.615   -10.968 1.00 7.89  ? 65   THR A CB    1 
ATOM   533  O  OG1   . THR A 1 65  ? -9.243  0.631   -11.390 1.00 7.39  ? 65   THR A OG1   1 
ATOM   534  C  CG2   . THR A 1 65  ? -9.925  1.959   -9.520  1.00 8.25  ? 65   THR A CG2   1 
ATOM   535  N  N     . GLY A 1 66  ? -11.683 -0.751  -12.767 1.00 9.51  ? 66   GLY A N     1 
ATOM   536  C  CA    . GLY A 1 66  ? -11.728 -1.331  -14.099 1.00 10.83 ? 66   GLY A CA    1 
ATOM   537  C  C     . GLY A 1 66  ? -10.445 -1.093  -14.889 1.00 11.25 ? 66   GLY A C     1 
ATOM   538  O  O     . GLY A 1 66  ? -10.396 -1.337  -16.103 1.00 12.95 ? 66   GLY A O     1 
ATOM   539  N  N     . LYS A 1 67  ? -9.403  -0.623  -14.206 1.00 10.67 ? 67   LYS A N     1 
ATOM   540  C  CA    . LYS A 1 67  ? -8.116  -0.299  -14.840 1.00 10.42 ? 67   LYS A CA    1 
ATOM   541  C  C     . LYS A 1 67  ? -6.961  -1.164  -14.370 1.00 10.07 ? 67   LYS A C     1 
ATOM   542  O  O     . LYS A 1 67  ? -7.040  -1.776  -13.315 1.00 10.51 ? 67   LYS A O     1 
ATOM   543  C  CB    . LYS A 1 67  ? -7.703  1.131   -14.490 1.00 11.69 ? 67   LYS A CB    1 
ATOM   544  C  CG    . LYS A 1 67  ? -8.693  2.221   -14.821 1.00 14.34 ? 67   LYS A CG    1 
ATOM   545  C  CD    . LYS A 1 67  ? -8.233  3.511   -14.119 1.00 15.35 ? 67   LYS A CD    1 
ATOM   546  C  CE    . LYS A 1 67  ? -9.206  4.659   -14.284 1.00 15.91 ? 67   LYS A CE    1 
ATOM   547  N  NZ    . LYS A 1 67  ? -8.713  5.872   -13.574 1.00 15.59 ? 67   LYS A NZ    1 
ATOM   548  N  N     . PHE A 1 68  ? -5.892  -1.203  -15.168 1.00 9.55  ? 68   PHE A N     1 
ATOM   549  C  CA    . PHE A 1 68  ? -4.652  -1.870  -14.759 1.00 9.71  ? 68   PHE A CA    1 
ATOM   550  C  C     . PHE A 1 68  ? -3.810  -0.665  -14.336 1.00 9.79  ? 68   PHE A C     1 
ATOM   551  O  O     . PHE A 1 68  ? -3.592  0.250   -15.131 1.00 11.96 ? 68   PHE A O     1 
ATOM   552  C  CB    . PHE A 1 68  ? -3.958  -2.571  -15.926 1.00 9.72  ? 68   PHE A CB    1 
ATOM   553  C  CG    . PHE A 1 68  ? -4.516  -3.916  -16.238 1.00 10.96 ? 68   PHE A CG    1 
ATOM   554  C  CD1   . PHE A 1 68  ? -5.668  -4.048  -17.000 1.00 12.25 ? 68   PHE A CD1   1 
ATOM   555  C  CD2   . PHE A 1 68  ? -3.877  -5.057  -15.775 1.00 10.89 ? 68   PHE A CD2   1 
ATOM   556  C  CE1   . PHE A 1 68  ? -6.184  -5.318  -17.305 1.00 12.75 ? 68   PHE A CE1   1 
ATOM   557  C  CE2   . PHE A 1 68  ? -4.384  -6.326  -16.073 1.00 11.58 ? 68   PHE A CE2   1 
ATOM   558  C  CZ    . PHE A 1 68  ? -5.534  -6.451  -16.839 1.00 12.02 ? 68   PHE A CZ    1 
ATOM   559  N  N     . LEU A 1 69  ? -3.350  -0.648  -13.092 1.00 8.42  ? 69   LEU A N     1 
ATOM   560  C  CA    . LEU A 1 69  ? -2.576  0.488   -12.599 1.00 8.19  ? 69   LEU A CA    1 
ATOM   561  C  C     . LEU A 1 69  ? -1.113  0.158   -12.369 1.00 6.85  ? 69   LEU A C     1 
ATOM   562  O  O     . LEU A 1 69  ? -0.782  -0.977  -12.032 1.00 7.82  ? 69   LEU A O     1 
ATOM   563  C  CB    . LEU A 1 69  ? -3.179  0.982   -11.282 1.00 8.44  ? 69   LEU A CB    1 
ATOM   564  C  CG    . LEU A 1 69  ? -4.638  1.452   -11.297 1.00 7.87  ? 69   LEU A CG    1 
ATOM   565  C  CD1   . LEU A 1 69  ? -5.040  1.840   -9.876  1.00 8.50  ? 69   LEU A CD1   1 
ATOM   566  C  CD2   . LEU A 1 69  ? -4.796  2.653   -12.229 1.00 10.59 ? 69   LEU A CD2   1 
ATOM   567  N  N     . LEU A 1 70  ? -0.239  1.150   -12.558 1.00 7.30  ? 70   LEU A N     1 
ATOM   568  C  CA    . LEU A 1 70  ? 1.191   0.952   -12.299 1.00 7.01  ? 70   LEU A CA    1 
ATOM   569  C  C     . LEU A 1 70  ? 1.368   1.212   -10.803 1.00 7.27  ? 70   LEU A C     1 
ATOM   570  O  O     . LEU A 1 70  ? 1.088   2.319   -10.322 1.00 8.10  ? 70   LEU A O     1 
ATOM   571  C  CB    . LEU A 1 70  ? 2.031   1.954   -13.106 1.00 8.23  ? 70   LEU A CB    1 
ATOM   572  C  CG    . LEU A 1 70  ? 3.551   1.795   -12.982 1.00 9.14  ? 70   LEU A CG    1 
ATOM   573  C  CD1   . LEU A 1 70  ? 3.992   0.438   -13.532 1.00 8.88  ? 70   LEU A CD1   1 
ATOM   574  C  CD2   . LEU A 1 70  ? 4.243   2.921   -13.755 1.00 9.74  ? 70   LEU A CD2   1 
ATOM   575  N  N     . GLU A 1 71  ? 1.837   0.203   -10.071 1.00 6.92  ? 71   GLU A N     1 
ATOM   576  C  CA    . GLU A 1 71  ? 1.998   0.333   -8.622  1.00 7.14  ? 71   GLU A CA    1 
ATOM   577  C  C     . GLU A 1 71  ? 3.298   -0.272  -8.106  1.00 7.80  ? 71   GLU A C     1 
ATOM   578  O  O     . GLU A 1 71  ? 3.969   -1.027  -8.806  1.00 7.16  ? 71   GLU A O     1 
ATOM   579  C  CB    . GLU A 1 71  ? 0.854   -0.411  -7.893  1.00 8.88  ? 71   GLU A CB    1 
ATOM   580  C  CG    . GLU A 1 71  ? -0.572  -0.135  -8.395  1.00 8.65  ? 71   GLU A CG    1 
ATOM   581  C  CD    . GLU A 1 71  ? -1.623  -1.021  -7.714  1.00 9.74  ? 71   GLU A CD    1 
ATOM   582  O  OE1   . GLU A 1 71  ? -1.272  -2.115  -7.226  1.00 10.55 ? 71   GLU A OE1   1 
ATOM   583  O  OE2   . GLU A 1 71  ? -2.814  -0.638  -7.682  1.00 11.23 ? 71   GLU A OE2   1 
ATOM   584  N  N     . VAL A 1 72  ? 3.665   0.083   -6.880  1.00 7.66  ? 72   VAL A N     1 
ATOM   585  C  CA    . VAL A 1 72  ? 4.803   -0.589  -6.269  1.00 7.23  ? 72   VAL A CA    1 
ATOM   586  C  C     . VAL A 1 72  ? 4.181   -1.850  -5.645  1.00 7.81  ? 72   VAL A C     1 
ATOM   587  O  O     . VAL A 1 72  ? 2.975   -1.887  -5.342  1.00 7.56  ? 72   VAL A O     1 
ATOM   588  C  CB    . VAL A 1 72  ? 5.478   0.235   -5.115  1.00 7.46  ? 72   VAL A CB    1 
ATOM   589  C  CG1   . VAL A 1 72  ? 6.204   1.441   -5.689  1.00 7.59  ? 72   VAL A CG1   1 
ATOM   590  C  CG2   . VAL A 1 72  ? 4.433   0.677   -4.069  1.00 8.80  ? 72   VAL A CG2   1 
ATOM   591  N  N     . PRO A 1 73  ? 4.977   -2.910  -5.469  1.00 7.49  ? 73   PRO A N     1 
ATOM   592  C  CA    . PRO A 1 73  ? 4.475   -4.150  -4.861  1.00 7.44  ? 73   PRO A CA    1 
ATOM   593  C  C     . PRO A 1 73  ? 3.960   -3.781  -3.465  1.00 7.28  ? 73   PRO A C     1 
ATOM   594  O  O     . PRO A 1 73  ? 4.552   -2.942  -2.774  1.00 8.51  ? 73   PRO A O     1 
ATOM   595  C  CB    . PRO A 1 73  ? 5.722   -5.034  -4.786  1.00 8.33  ? 73   PRO A CB    1 
ATOM   596  C  CG    . PRO A 1 73  ? 6.550   -4.563  -5.936  1.00 9.53  ? 73   PRO A CG    1 
ATOM   597  C  CD    . PRO A 1 73  ? 6.382   -3.053  -5.896  1.00 8.21  ? 73   PRO A CD    1 
ATOM   598  N  N     . ALA A 1 74  ? 2.877   -4.418  -3.046  1.00 6.90  ? 74   ALA A N     1 
ATOM   599  C  CA    . ALA A 1 74  ? 2.283   -4.103  -1.754  1.00 6.21  ? 74   ALA A CA    1 
ATOM   600  C  C     . ALA A 1 74  ? 1.254   -5.137  -1.371  1.00 6.40  ? 74   ALA A C     1 
ATOM   601  O  O     . ALA A 1 74  ? 0.742   -5.864  -2.224  1.00 7.26  ? 74   ALA A O     1 
ATOM   602  C  CB    . ALA A 1 74  ? 1.604   -2.732  -1.829  1.00 7.07  ? 74   ALA A CB    1 
ATOM   603  N  N     . GLY A 1 75  ? 0.923   -5.180  -0.084  1.00 6.52  ? 75   GLY A N     1 
ATOM   604  C  CA    . GLY A 1 75  ? -0.084  -6.131  0.344   1.00 7.15  ? 75   GLY A CA    1 
ATOM   605  C  C     . GLY A 1 75  ? -0.443  -5.999  1.800   1.00 6.86  ? 75   GLY A C     1 
ATOM   606  O  O     . GLY A 1 75  ? 0.220   -5.297  2.570   1.00 7.17  ? 75   GLY A O     1 
ATOM   607  N  N     . LYS A 1 76  ? -1.490  -6.709  2.184   1.00 7.44  ? 76   LYS A N     1 
ATOM   608  C  CA    . LYS A 1 76  ? -1.973  -6.675  3.559   1.00 7.49  ? 76   LYS A CA    1 
ATOM   609  C  C     . LYS A 1 76  ? -0.982  -7.285  4.540   1.00 8.48  ? 76   LYS A C     1 
ATOM   610  O  O     . LYS A 1 76  ? -0.329  -8.267  4.231   1.00 9.33  ? 76   LYS A O     1 
ATOM   611  C  CB    . LYS A 1 76  ? -3.293  -7.445  3.659   1.00 8.28  ? 76   LYS A CB    1 
ATOM   612  C  CG    . LYS A 1 76  ? -3.965  -7.343  5.022   1.00 11.37 ? 76   LYS A CG    1 
ATOM   613  C  CD    . LYS A 1 76  ? -5.307  -8.074  5.053   1.00 14.88 ? 76   LYS A CD    1 
ATOM   614  C  CE    . LYS A 1 76  ? -5.870  -8.096  6.475   1.00 18.11 ? 76   LYS A CE    1 
ATOM   615  N  NZ    . LYS A 1 76  ? -4.947  -8.792  7.432   1.00 22.04 ? 76   LYS A NZ    1 
ATOM   616  N  N     . VAL A 1 77  ? -0.871  -6.688  5.717   1.00 8.95  ? 77   VAL A N     1 
ATOM   617  C  CA    . VAL A 1 77  ? -0.017  -7.231  6.764   1.00 9.82  ? 77   VAL A CA    1 
ATOM   618  C  C     . VAL A 1 77  ? -0.841  -8.335  7.432   1.00 11.96 ? 77   VAL A C     1 
ATOM   619  O  O     . VAL A 1 77  ? -1.955  -8.096  7.895   1.00 10.87 ? 77   VAL A O     1 
ATOM   620  C  CB    . VAL A 1 77  ? 0.335   -6.146  7.811   1.00 10.13 ? 77   VAL A CB    1 
ATOM   621  C  CG1   . VAL A 1 77  ? 1.167   -6.762  8.952   1.00 8.83  ? 77   VAL A CG1   1 
ATOM   622  C  CG2   . VAL A 1 77  ? 1.117   -5.029  7.142   1.00 9.30  ? 77   VAL A CG2   1 
ATOM   623  N  N     . ASP A 1 78  ? -0.311  -9.553  7.482   1.00 14.29 ? 78   ASP A N     1 
ATOM   624  C  CA    . ASP A 1 78  ? -1.066  -10.638 8.103   1.00 17.59 ? 78   ASP A CA    1 
ATOM   625  C  C     . ASP A 1 78  ? -1.047  -10.521 9.622   1.00 18.56 ? 78   ASP A C     1 
ATOM   626  O  O     . ASP A 1 78  ? -0.229  -9.797  10.190  1.00 17.68 ? 78   ASP A O     1 
ATOM   627  C  CB    . ASP A 1 78  ? -0.513  -12.005 7.680   1.00 19.85 ? 78   ASP A CB    1 
ATOM   628  C  CG    . ASP A 1 78  ? -0.693  -12.279 6.194   1.00 22.14 ? 78   ASP A CG    1 
ATOM   629  O  OD1   . ASP A 1 78  ? -1.727  -11.868 5.620   1.00 24.43 ? 78   ASP A OD1   1 
ATOM   630  O  OD2   . ASP A 1 78  ? 0.199   -12.921 5.596   1.00 24.93 ? 78   ASP A OD2   1 
ATOM   631  N  N     . GLU A 1 79  ? -1.955  -11.231 10.283  1.00 20.79 ? 79   GLU A N     1 
ATOM   632  C  CA    . GLU A 1 79  ? -2.016  -11.175 11.738  1.00 22.86 ? 79   GLU A CA    1 
ATOM   633  C  C     . GLU A 1 79  ? -0.674  -11.524 12.374  1.00 21.79 ? 79   GLU A C     1 
ATOM   634  O  O     . GLU A 1 79  ? -0.041  -12.510 12.008  1.00 22.49 ? 79   GLU A O     1 
ATOM   635  C  CB    . GLU A 1 79  ? -3.098  -12.123 12.277  1.00 25.86 ? 79   GLU A CB    1 
ATOM   636  C  CG    . GLU A 1 79  ? -4.523  -11.622 12.083  1.00 30.40 ? 79   GLU A CG    1 
ATOM   637  C  CD    . GLU A 1 79  ? -5.524  -12.301 13.012  1.00 32.73 ? 79   GLU A CD    1 
ATOM   638  O  OE1   . GLU A 1 79  ? -6.696  -11.859 13.041  1.00 34.47 ? 79   GLU A OE1   1 
ATOM   639  O  OE2   . GLU A 1 79  ? -5.145  -13.270 13.713  1.00 34.48 ? 79   GLU A OE2   1 
ATOM   640  N  N     . GLY A 1 80  ? -0.236  -10.694 13.313  1.00 20.98 ? 80   GLY A N     1 
ATOM   641  C  CA    . GLY A 1 80  ? 1.019   -10.947 14.002  1.00 19.68 ? 80   GLY A CA    1 
ATOM   642  C  C     . GLY A 1 80  ? 2.289   -10.761 13.197  1.00 18.57 ? 80   GLY A C     1 
ATOM   643  O  O     . GLY A 1 80  ? 3.372   -11.086 13.667  1.00 19.05 ? 80   GLY A O     1 
ATOM   644  N  N     . GLU A 1 81  ? 2.165   -10.237 11.982  1.00 16.69 ? 81   GLU A N     1 
ATOM   645  C  CA    . GLU A 1 81  ? 3.321   -10.006 11.121  1.00 15.15 ? 81   GLU A CA    1 
ATOM   646  C  C     . GLU A 1 81  ? 3.719   -8.530  11.236  1.00 13.97 ? 81   GLU A C     1 
ATOM   647  O  O     . GLU A 1 81  ? 2.847   -7.679  11.420  1.00 15.30 ? 81   GLU A O     1 
ATOM   648  C  CB    . GLU A 1 81  ? 2.929   -10.336 9.677   1.00 15.96 ? 81   GLU A CB    1 
ATOM   649  C  CG    . GLU A 1 81  ? 4.013   -10.198 8.649   1.00 15.67 ? 81   GLU A CG    1 
ATOM   650  C  CD    . GLU A 1 81  ? 3.516   -10.576 7.259   1.00 16.30 ? 81   GLU A CD    1 
ATOM   651  O  OE1   . GLU A 1 81  ? 2.418   -10.119 6.870   1.00 13.24 ? 81   GLU A OE1   1 
ATOM   652  O  OE2   . GLU A 1 81  ? 4.224   -11.331 6.563   1.00 15.91 ? 81   GLU A OE2   1 
ATOM   653  N  N     . THR A 1 82  ? 5.014   -8.223  11.161  1.00 12.57 ? 82   THR A N     1 
ATOM   654  C  CA    . THR A 1 82  ? 5.444   -6.820  11.219  1.00 12.50 ? 82   THR A CA    1 
ATOM   655  C  C     . THR A 1 82  ? 5.296   -6.196  9.824   1.00 11.38 ? 82   THR A C     1 
ATOM   656  O  O     . THR A 1 82  ? 5.234   -6.905  8.815   1.00 10.36 ? 82   THR A O     1 
ATOM   657  C  CB    . THR A 1 82  ? 6.929   -6.649  11.617  1.00 13.46 ? 82   THR A CB    1 
ATOM   658  O  OG1   . THR A 1 82  ? 7.770   -7.148  10.572  1.00 13.73 ? 82   THR A OG1   1 
ATOM   659  C  CG2   . THR A 1 82  ? 7.234   -7.391  12.918  1.00 13.52 ? 82   THR A CG2   1 
ATOM   660  N  N     . PRO A 1 83  ? 5.234   -4.857  9.749   1.00 11.33 ? 83   PRO A N     1 
ATOM   661  C  CA    . PRO A 1 83  ? 5.100   -4.246  8.424   1.00 10.92 ? 83   PRO A CA    1 
ATOM   662  C  C     . PRO A 1 83  ? 6.295   -4.563  7.527   1.00 10.45 ? 83   PRO A C     1 
ATOM   663  O  O     . PRO A 1 83  ? 6.132   -4.757  6.322   1.00 9.61  ? 83   PRO A O     1 
ATOM   664  C  CB    . PRO A 1 83  ? 4.993   -2.752  8.733   1.00 11.17 ? 83   PRO A CB    1 
ATOM   665  C  CG    . PRO A 1 83  ? 4.291   -2.742  10.077  1.00 11.33 ? 83   PRO A CG    1 
ATOM   666  C  CD    . PRO A 1 83  ? 5.017   -3.865  10.818  1.00 11.31 ? 83   PRO A CD    1 
ATOM   667  N  N     . GLU A 1 84  ? 7.495   -4.617  8.102   1.00 10.54 ? 84   GLU A N     1 
ATOM   668  C  CA    . GLU A 1 84  ? 8.651   -4.911  7.274   1.00 12.22 ? 84   GLU A CA    1 
ATOM   669  C  C     . GLU A 1 84  ? 8.565   -6.325  6.722   1.00 11.40 ? 84   GLU A C     1 
ATOM   670  O  O     . GLU A 1 84  ? 8.897   -6.548  5.549   1.00 11.18 ? 84   GLU A O     1 
ATOM   671  C  CB    . GLU A 1 84  ? 9.968   -4.744  8.039   1.00 14.56 ? 84   GLU A CB    1 
ATOM   672  C  CG    . GLU A 1 84  ? 11.162  -5.137  7.166   1.00 19.24 ? 84   GLU A CG    1 
ATOM   673  C  CD    . GLU A 1 84  ? 12.515  -4.960  7.824   1.00 22.66 ? 84   GLU A CD    1 
ATOM   674  O  OE1   . GLU A 1 84  ? 13.474  -5.622  7.360   1.00 23.77 ? 84   GLU A OE1   1 
ATOM   675  O  OE2   . GLU A 1 84  ? 12.633  -4.166  8.783   1.00 23.63 ? 84   GLU A OE2   1 
ATOM   676  N  N     . ALA A 1 85  ? 8.117   -7.276  7.544   1.00 10.24 ? 85   ALA A N     1 
ATOM   677  C  CA    . ALA A 1 85  ? 8.009   -8.659  7.076   1.00 10.42 ? 85   ALA A CA    1 
ATOM   678  C  C     . ALA A 1 85  ? 6.978   -8.763  5.965   1.00 9.89  ? 85   ALA A C     1 
ATOM   679  O  O     . ALA A 1 85  ? 7.178   -9.501  5.004   1.00 10.01 ? 85   ALA A O     1 
ATOM   680  C  CB    . ALA A 1 85  ? 7.646   -9.602  8.221   1.00 11.17 ? 85   ALA A CB    1 
ATOM   681  N  N     . ALA A 1 86  ? 5.864   -8.046  6.104   1.00 8.35  ? 86   ALA A N     1 
ATOM   682  C  CA    . ALA A 1 86  ? 4.841   -8.061  5.061   1.00 8.15  ? 86   ALA A CA    1 
ATOM   683  C  C     . ALA A 1 86  ? 5.398   -7.452  3.776   1.00 7.72  ? 86   ALA A C     1 
ATOM   684  O  O     . ALA A 1 86  ? 5.097   -7.921  2.678   1.00 7.63  ? 86   ALA A O     1 
ATOM   685  C  CB    . ALA A 1 86  ? 3.612   -7.282  5.517   1.00 8.24  ? 86   ALA A CB    1 
ATOM   686  N  N     . ALA A 1 87  ? 6.210   -6.404  3.909   1.00 7.76  ? 87   ALA A N     1 
ATOM   687  C  CA    . ALA A 1 87  ? 6.787   -5.759  2.733   1.00 7.98  ? 87   ALA A CA    1 
ATOM   688  C  C     . ALA A 1 87  ? 7.669   -6.758  1.986   1.00 8.43  ? 87   ALA A C     1 
ATOM   689  O  O     . ALA A 1 87  ? 7.558   -6.916  0.767   1.00 7.47  ? 87   ALA A O     1 
ATOM   690  C  CB    . ALA A 1 87  ? 7.615   -4.528  3.143   1.00 7.10  ? 87   ALA A CB    1 
ATOM   691  N  N     . ARG A 1 88  ? 8.548   -7.433  2.718   1.00 8.77  ? 88   ARG A N     1 
ATOM   692  C  CA    . ARG A 1 88  ? 9.423   -8.405  2.071   1.00 8.76  ? 88   ARG A CA    1 
ATOM   693  C  C     . ARG A 1 88  ? 8.624   -9.562  1.485   1.00 8.93  ? 88   ARG A C     1 
ATOM   694  O  O     . ARG A 1 88  ? 8.910   -10.007 0.366   1.00 8.94  ? 88   ARG A O     1 
ATOM   695  C  CB    . ARG A 1 88  ? 10.473  -8.929  3.064   1.00 9.10  ? 88   ARG A CB    1 
ATOM   696  C  CG    . ARG A 1 88  ? 11.488  -7.856  3.486   1.00 9.74  ? 88   ARG A CG    1 
ATOM   697  C  CD    . ARG A 1 88  ? 12.534  -8.430  4.440   1.00 9.66  ? 88   ARG A CD    1 
ATOM   698  N  NE    . ARG A 1 88  ? 13.458  -7.418  4.965   1.00 11.51 ? 88   ARG A NE    1 
ATOM   699  C  CZ    . ARG A 1 88  ? 14.527  -6.947  4.320   1.00 11.58 ? 88   ARG A CZ    1 
ATOM   700  N  NH1   . ARG A 1 88  ? 14.835  -7.374  3.099   1.00 12.62 ? 88   ARG A NH1   1 
ATOM   701  N  NH2   . ARG A 1 88  ? 15.313  -6.050  4.915   1.00 13.88 ? 88   ARG A NH2   1 
ATOM   702  N  N     . ARG A 1 89  ? 7.603   -10.023 2.211   1.00 8.34  ? 89   ARG A N     1 
ATOM   703  C  CA    . ARG A 1 89  ? 6.800   -11.150 1.724   1.00 8.19  ? 89   ARG A CA    1 
ATOM   704  C  C     . ARG A 1 89  ? 6.036   -10.798 0.455   1.00 8.04  ? 89   ARG A C     1 
ATOM   705  O  O     . ARG A 1 89  ? 6.029   -11.562 -0.505  1.00 7.98  ? 89   ARG A O     1 
ATOM   706  C  CB    . ARG A 1 89  ? 5.815   -11.626 2.796   1.00 7.60  ? 89   ARG A CB    1 
ATOM   707  C  CG    . ARG A 1 89  ? 4.919   -12.792 2.350   1.00 7.90  ? 89   ARG A CG    1 
ATOM   708  C  CD    . ARG A 1 89  ? 3.974   -13.249 3.475   1.00 9.09  ? 89   ARG A CD    1 
ATOM   709  N  NE    . ARG A 1 89  ? 3.260   -12.110 4.055   1.00 9.13  ? 89   ARG A NE    1 
ATOM   710  C  CZ    . ARG A 1 89  ? 2.374   -11.365 3.398   1.00 10.06 ? 89   ARG A CZ    1 
ATOM   711  N  NH1   . ARG A 1 89  ? 2.066   -11.642 2.136   1.00 9.40  ? 89   ARG A NH1   1 
ATOM   712  N  NH2   . ARG A 1 89  ? 1.845   -10.300 3.995   1.00 10.92 ? 89   ARG A NH2   1 
ATOM   713  N  N     . GLU A 1 90  ? 5.384   -9.639  0.442   1.00 7.41  ? 90   GLU A N     1 
ATOM   714  C  CA    . GLU A 1 90  ? 4.645   -9.260  -0.755  1.00 7.01  ? 90   GLU A CA    1 
ATOM   715  C  C     . GLU A 1 90  ? 5.587   -8.989  -1.933  1.00 6.91  ? 90   GLU A C     1 
ATOM   716  O  O     . GLU A 1 90  ? 5.223   -9.206  -3.090  1.00 7.75  ? 90   GLU A O     1 
ATOM   717  C  CB    . GLU A 1 90  ? 3.755   -8.036  -0.466  1.00 6.62  ? 90   GLU A CB    1 
ATOM   718  C  CG    . GLU A 1 90  ? 2.587   -8.355  0.489   1.00 6.54  ? 90   GLU A CG    1 
ATOM   719  C  CD    . GLU A 1 90  ? 1.433   -9.095  -0.185  1.00 6.45  ? 90   GLU A CD    1 
ATOM   720  O  OE1   . GLU A 1 90  ? 0.565   -9.636  0.539   1.00 7.27  ? 90   GLU A OE1   1 
ATOM   721  O  OE2   . GLU A 1 90  ? 1.373   -9.122  -1.434  1.00 6.42  ? 90   GLU A OE2   1 
ATOM   722  N  N     . LEU A 1 91  ? 6.796   -8.510  -1.652  1.00 7.61  ? 91   LEU A N     1 
ATOM   723  C  CA    . LEU A 1 91  ? 7.752   -8.255  -2.727  1.00 8.17  ? 91   LEU A CA    1 
ATOM   724  C  C     . LEU A 1 91  ? 8.107   -9.597  -3.377  1.00 8.52  ? 91   LEU A C     1 
ATOM   725  O  O     . LEU A 1 91  ? 8.198   -9.715  -4.603  1.00 7.55  ? 91   LEU A O     1 
ATOM   726  C  CB    . LEU A 1 91  ? 9.012   -7.599  -2.161  1.00 9.22  ? 91   LEU A CB    1 
ATOM   727  C  CG    . LEU A 1 91  ? 10.168  -7.406  -3.153  1.00 8.46  ? 91   LEU A CG    1 
ATOM   728  C  CD1   . LEU A 1 91  ? 9.740   -6.493  -4.311  1.00 9.68  ? 91   LEU A CD1   1 
ATOM   729  C  CD2   . LEU A 1 91  ? 11.358  -6.808  -2.388  1.00 9.73  ? 91   LEU A CD2   1 
ATOM   730  N  N     . ARG A 1 92  ? 8.291   -10.611 -2.543  1.00 8.99  ? 92   ARG A N     1 
ATOM   731  C  CA    . ARG A 1 92  ? 8.633   -11.938 -3.039  1.00 10.48 ? 92   ARG A CA    1 
ATOM   732  C  C     . ARG A 1 92  ? 7.449   -12.562 -3.784  1.00 9.62  ? 92   ARG A C     1 
ATOM   733  O  O     . ARG A 1 92  ? 7.625   -13.159 -4.846  1.00 9.60  ? 92   ARG A O     1 
ATOM   734  C  CB    . ARG A 1 92  ? 9.056   -12.843 -1.878  1.00 12.24 ? 92   ARG A CB    1 
ATOM   735  C  CG    . ARG A 1 92  ? 9.858   -14.077 -2.315  1.00 17.21 ? 92   ARG A CG    1 
ATOM   736  C  CD    . ARG A 1 92  ? 10.509  -14.723 -1.095  1.00 20.12 ? 92   ARG A CD    1 
ATOM   737  N  NE    . ARG A 1 92  ? 11.725  -15.461 -1.435  1.00 25.03 ? 92   ARG A NE    1 
ATOM   738  C  CZ    . ARG A 1 92  ? 11.737  -16.645 -2.028  1.00 25.94 ? 92   ARG A CZ    1 
ATOM   739  N  NH1   . ARG A 1 92  ? 12.891  -17.240 -2.301  1.00 27.77 ? 92   ARG A NH1   1 
ATOM   740  N  NH2   . ARG A 1 92  ? 10.594  -17.241 -2.339  1.00 27.78 ? 92   ARG A NH2   1 
ATOM   741  N  N     . GLU A 1 93  ? 6.240   -12.409 -3.244  1.00 8.94  ? 93   GLU A N     1 
ATOM   742  C  CA    . GLU A 1 93  ? 5.056   -12.985 -3.887  1.00 8.21  ? 93   GLU A CA    1 
ATOM   743  C  C     . GLU A 1 93  ? 4.721   -12.343 -5.219  1.00 8.68  ? 93   GLU A C     1 
ATOM   744  O  O     . GLU A 1 93  ? 4.470   -13.025 -6.209  1.00 8.39  ? 93   GLU A O     1 
ATOM   745  C  CB    . GLU A 1 93  ? 3.806   -12.842 -2.987  1.00 8.83  ? 93   GLU A CB    1 
ATOM   746  C  CG    . GLU A 1 93  ? 3.843   -13.665 -1.701  1.00 8.73  ? 93   GLU A CG    1 
ATOM   747  C  CD    . GLU A 1 93  ? 2.630   -13.437 -0.792  1.00 10.55 ? 93   GLU A CD    1 
ATOM   748  O  OE1   . GLU A 1 93  ? 2.609   -14.015 0.318   1.00 9.32  ? 93   GLU A OE1   1 
ATOM   749  O  OE2   . GLU A 1 93  ? 1.698   -12.689 -1.172  1.00 11.38 ? 93   GLU A OE2   1 
ATOM   750  N  N     . GLU A 1 94  ? 4.710   -11.018 -5.242  1.00 8.68  ? 94   GLU A N     1 
ATOM   751  C  CA    . GLU A 1 94  ? 4.293   -10.313 -6.443  1.00 8.64  ? 94   GLU A CA    1 
ATOM   752  C  C     . GLU A 1 94  ? 5.309   -10.123 -7.559  1.00 9.33  ? 94   GLU A C     1 
ATOM   753  O  O     . GLU A 1 94  ? 4.936   -10.135 -8.727  1.00 9.67  ? 94   GLU A O     1 
ATOM   754  C  CB    . GLU A 1 94  ? 3.676   -8.963  -6.035  1.00 7.99  ? 94   GLU A CB    1 
ATOM   755  C  CG    . GLU A 1 94  ? 2.523   -9.150  -5.045  1.00 7.58  ? 94   GLU A CG    1 
ATOM   756  C  CD    . GLU A 1 94  ? 1.762   -7.867  -4.708  1.00 7.25  ? 94   GLU A CD    1 
ATOM   757  O  OE1   . GLU A 1 94  ? 0.698   -7.981  -4.048  1.00 6.98  ? 94   GLU A OE1   1 
ATOM   758  O  OE2   . GLU A 1 94  ? 2.213   -6.767  -5.090  1.00 7.89  ? 94   GLU A OE2   1 
ATOM   759  N  N     . VAL A 1 95  ? 6.585   -9.985  -7.200  1.00 10.03 ? 95   VAL A N     1 
ATOM   760  C  CA    . VAL A 1 95  ? 7.648   -9.763  -8.177  1.00 10.73 ? 95   VAL A CA    1 
ATOM   761  C  C     . VAL A 1 95  ? 8.721   -10.854 -8.151  1.00 10.45 ? 95   VAL A C     1 
ATOM   762  O  O     . VAL A 1 95  ? 9.578   -10.895 -9.037  1.00 12.23 ? 95   VAL A O     1 
ATOM   763  C  CB    . VAL A 1 95  ? 8.316   -8.382  -7.932  1.00 12.01 ? 95   VAL A CB    1 
ATOM   764  C  CG1   . VAL A 1 95  ? 9.410   -8.112  -8.960  1.00 14.78 ? 95   VAL A CG1   1 
ATOM   765  C  CG2   . VAL A 1 95  ? 7.254   -7.282  -8.005  1.00 13.92 ? 95   VAL A CG2   1 
ATOM   766  N  N     . GLY A 1 96  ? 8.662   -11.738 -7.156  1.00 9.21  ? 96   GLY A N     1 
ATOM   767  C  CA    . GLY A 1 96  ? 9.655   -12.801 -7.031  1.00 9.12  ? 96   GLY A CA    1 
ATOM   768  C  C     . GLY A 1 96  ? 11.014  -12.237 -6.636  1.00 9.90  ? 96   GLY A C     1 
ATOM   769  O  O     . GLY A 1 96  ? 12.062  -12.831 -6.922  1.00 9.46  ? 96   GLY A O     1 
ATOM   770  N  N     . ALA A 1 97  ? 11.004  -11.100 -5.948  1.00 9.35  ? 97   ALA A N     1 
ATOM   771  C  CA    . ALA A 1 97  ? 12.242  -10.431 -5.562  1.00 8.94  ? 97   ALA A CA    1 
ATOM   772  C  C     . ALA A 1 97  ? 12.543  -10.378 -4.070  1.00 9.69  ? 97   ALA A C     1 
ATOM   773  O  O     . ALA A 1 97  ? 11.659  -10.540 -3.234  1.00 9.32  ? 97   ALA A O     1 
ATOM   774  C  CB    . ALA A 1 97  ? 12.245  -8.996  -6.113  1.00 10.71 ? 97   ALA A CB    1 
ATOM   775  N  N     . GLU A 1 98  ? 13.821  -10.156 -3.766  1.00 10.42 ? 98   GLU A N     1 
ATOM   776  C  CA    . GLU A 1 98  ? 14.307  -9.995  -2.403  1.00 11.75 ? 98   GLU A CA    1 
ATOM   777  C  C     . GLU A 1 98  ? 15.131  -8.718  -2.426  1.00 11.19 ? 98   GLU A C     1 
ATOM   778  O  O     . GLU A 1 98  ? 15.528  -8.244  -3.488  1.00 12.93 ? 98   GLU A O     1 
ATOM   779  C  CB    . GLU A 1 98  ? 15.172  -11.189 -1.965  1.00 13.53 ? 98   GLU A CB    1 
ATOM   780  C  CG    . GLU A 1 98  ? 14.333  -12.418 -1.646  1.00 16.41 ? 98   GLU A CG    1 
ATOM   781  C  CD    . GLU A 1 98  ? 15.152  -13.618 -1.201  1.00 19.76 ? 98   GLU A CD    1 
ATOM   782  O  OE1   . GLU A 1 98  ? 14.536  -14.607 -0.748  1.00 21.53 ? 98   GLU A OE1   1 
ATOM   783  O  OE2   . GLU A 1 98  ? 16.394  -13.578 -1.308  1.00 20.67 ? 98   GLU A OE2   1 
ATOM   784  N  N     . ALA A 1 99  ? 15.383  -8.150  -1.263  1.00 11.60 ? 99   ALA A N     1 
ATOM   785  C  CA    . ALA A 1 99  ? 16.155  -6.919  -1.206  1.00 11.54 ? 99   ALA A CA    1 
ATOM   786  C  C     . ALA A 1 99  ? 16.984  -6.951  0.053   1.00 12.53 ? 99   ALA A C     1 
ATOM   787  O  O     . ALA A 1 99  ? 16.805  -7.835  0.893   1.00 11.85 ? 99   ALA A O     1 
ATOM   788  C  CB    . ALA A 1 99  ? 15.212  -5.718  -1.183  1.00 10.85 ? 99   ALA A CB    1 
ATOM   789  N  N     . GLU A 1 100 ? 17.884  -5.984  0.182   1.00 13.69 ? 100  GLU A N     1 
ATOM   790  C  CA    . GLU A 1 100 ? 18.727  -5.897  1.363   1.00 15.80 ? 100  GLU A CA    1 
ATOM   791  C  C     . GLU A 1 100 ? 18.082  -4.923  2.356   1.00 15.63 ? 100  GLU A C     1 
ATOM   792  O  O     . GLU A 1 100 ? 17.098  -5.258  3.014   1.00 17.17 ? 100  GLU A O     1 
ATOM   793  C  CB    . GLU A 1 100 ? 20.135  -5.441  0.960   1.00 17.28 ? 100  GLU A CB    1 
ATOM   794  C  CG    . GLU A 1 100 ? 21.157  -5.450  2.085   1.00 21.66 ? 100  GLU A CG    1 
ATOM   795  C  CD    . GLU A 1 100 ? 22.587  -5.368  1.568   1.00 24.14 ? 100  GLU A CD    1 
ATOM   796  O  OE1   . GLU A 1 100 ? 23.101  -6.396  1.074   1.00 26.15 ? 100  GLU A OE1   1 
ATOM   797  O  OE2   . GLU A 1 100 ? 23.194  -4.276  1.647   1.00 25.89 ? 100  GLU A OE2   1 
ATOM   798  N  N     . THR A 1 101 ? 18.606  -3.714  2.454   1.00 15.76 ? 101  THR A N     1 
ATOM   799  C  CA    . THR A 1 101 ? 18.052  -2.752  3.400   1.00 14.66 ? 101  THR A CA    1 
ATOM   800  C  C     . THR A 1 101 ? 16.663  -2.255  3.017   1.00 13.69 ? 101  THR A C     1 
ATOM   801  O  O     . THR A 1 101 ? 16.394  -2.007  1.853   1.00 13.31 ? 101  THR A O     1 
ATOM   802  C  CB    . THR A 1 101 ? 18.957  -1.517  3.529   1.00 16.37 ? 101  THR A CB    1 
ATOM   803  O  OG1   . THR A 1 101 ? 20.236  -1.916  4.036   1.00 18.29 ? 101  THR A OG1   1 
ATOM   804  C  CG2   . THR A 1 101 ? 18.341  -0.493  4.473   1.00 16.89 ? 101  THR A CG2   1 
ATOM   805  N  N     . LEU A 1 102 ? 15.786  -2.129  4.008   1.00 13.32 ? 102  LEU A N     1 
ATOM   806  C  CA    . LEU A 1 102 ? 14.461  -1.559  3.766   1.00 12.97 ? 102  LEU A CA    1 
ATOM   807  C  C     . LEU A 1 102 ? 14.442  -0.297  4.630   1.00 12.95 ? 102  LEU A C     1 
ATOM   808  O  O     . LEU A 1 102 ? 14.613  -0.364  5.850   1.00 13.92 ? 102  LEU A O     1 
ATOM   809  C  CB    . LEU A 1 102 ? 13.333  -2.520  4.183   1.00 14.50 ? 102  LEU A CB    1 
ATOM   810  C  CG    . LEU A 1 102 ? 12.554  -3.115  2.995   1.00 15.47 ? 102  LEU A CG    1 
ATOM   811  C  CD1   . LEU A 1 102 ? 13.460  -4.052  2.200   1.00 16.30 ? 102  LEU A CD1   1 
ATOM   812  C  CD2   . LEU A 1 102 ? 11.330  -3.865  3.490   1.00 18.16 ? 102  LEU A CD2   1 
ATOM   813  N  N     . ILE A 1 103 ? 14.292  0.855   3.986   1.00 11.20 ? 103  ILE A N     1 
ATOM   814  C  CA    . ILE A 1 103 ? 14.242  2.133   4.691   1.00 11.04 ? 103  ILE A CA    1 
ATOM   815  C  C     . ILE A 1 103 ? 12.776  2.480   4.904   1.00 10.99 ? 103  ILE A C     1 
ATOM   816  O  O     . ILE A 1 103 ? 12.022  2.609   3.945   1.00 10.17 ? 103  ILE A O     1 
ATOM   817  C  CB    . ILE A 1 103 ? 14.893  3.249   3.859   1.00 11.00 ? 103  ILE A CB    1 
ATOM   818  C  CG1   . ILE A 1 103 ? 16.385  2.932   3.641   1.00 11.26 ? 103  ILE A CG1   1 
ATOM   819  C  CG2   . ILE A 1 103 ? 14.714  4.599   4.565   1.00 11.81 ? 103  ILE A CG2   1 
ATOM   820  C  CD1   . ILE A 1 103 ? 17.065  3.838   2.632   1.00 11.88 ? 103  ILE A CD1   1 
ATOM   821  N  N     . PRO A 1 104 ? 12.347  2.631   6.160   1.00 11.66 ? 104  PRO A N     1 
ATOM   822  C  CA    . PRO A 1 104 ? 10.940  2.967   6.400   1.00 11.62 ? 104  PRO A CA    1 
ATOM   823  C  C     . PRO A 1 104 ? 10.620  4.415   6.032   1.00 11.41 ? 104  PRO A C     1 
ATOM   824  O  O     . PRO A 1 104 ? 11.394  5.328   6.326   1.00 11.26 ? 104  PRO A O     1 
ATOM   825  C  CB    . PRO A 1 104 ? 10.771  2.694   7.900   1.00 12.72 ? 104  PRO A CB    1 
ATOM   826  C  CG    . PRO A 1 104 ? 12.122  3.036   8.446   1.00 13.74 ? 104  PRO A CG    1 
ATOM   827  C  CD    . PRO A 1 104 ? 13.075  2.431   7.428   1.00 12.67 ? 104  PRO A CD    1 
ATOM   828  N  N     . LEU A 1 105 ? 9.477   4.614   5.383   1.00 9.75  ? 105  LEU A N     1 
ATOM   829  C  CA    . LEU A 1 105 ? 9.024   5.940   4.992   1.00 9.17  ? 105  LEU A CA    1 
ATOM   830  C  C     . LEU A 1 105 ? 7.776   6.249   5.824   1.00 8.20  ? 105  LEU A C     1 
ATOM   831  O  O     . LEU A 1 105 ? 7.202   5.359   6.444   1.00 8.19  ? 105  LEU A O     1 
ATOM   832  C  CB    . LEU A 1 105 ? 8.739   5.971   3.484   1.00 8.73  ? 105  LEU A CB    1 
ATOM   833  C  CG    . LEU A 1 105 ? 9.964   5.576   2.638   1.00 9.55  ? 105  LEU A CG    1 
ATOM   834  C  CD1   . LEU A 1 105 ? 9.590   5.485   1.171   1.00 9.31  ? 105  LEU A CD1   1 
ATOM   835  C  CD2   . LEU A 1 105 ? 11.099  6.574   2.852   1.00 10.53 ? 105  LEU A CD2   1 
ATOM   836  N  N     . PRO A 1 106 ? 7.335   7.519   5.853   1.00 8.14  ? 106  PRO A N     1 
ATOM   837  C  CA    . PRO A 1 106 ? 6.156   7.878   6.647   1.00 8.72  ? 106  PRO A CA    1 
ATOM   838  C  C     . PRO A 1 106 ? 4.879   7.106   6.339   1.00 8.29  ? 106  PRO A C     1 
ATOM   839  O  O     . PRO A 1 106 ? 4.442   7.042   5.189   1.00 8.01  ? 106  PRO A O     1 
ATOM   840  C  CB    . PRO A 1 106 ? 5.995   9.374   6.375   1.00 8.09  ? 106  PRO A CB    1 
ATOM   841  C  CG    . PRO A 1 106 ? 7.396   9.832   6.072   1.00 8.95  ? 106  PRO A CG    1 
ATOM   842  C  CD    . PRO A 1 106 ? 7.906   8.705   5.190   1.00 8.83  ? 106  PRO A CD    1 
ATOM   843  N  N     . SER A 1 107 ? 4.276   6.544   7.376   1.00 8.94  ? 107  SER A N     1 
ATOM   844  C  CA    . SER A 1 107 ? 3.038   5.786   7.203   1.00 9.13  ? 107  SER A CA    1 
ATOM   845  C  C     . SER A 1 107 ? 1.896   6.758   6.974   1.00 9.59  ? 107  SER A C     1 
ATOM   846  O  O     . SER A 1 107 ? 1.993   7.935   7.337   1.00 10.50 ? 107  SER A O     1 
ATOM   847  C  CB    . SER A 1 107 ? 2.768   4.923   8.432   1.00 11.25 ? 107  SER A CB    1 
ATOM   848  O  OG    . SER A 1 107 ? 3.840   4.021   8.627   1.00 15.39 ? 107  SER A OG    1 
ATOM   849  N  N     . PHE A 1 108 ? 0.827   6.278   6.351   1.00 8.35  ? 108  PHE A N     1 
ATOM   850  C  CA    . PHE A 1 108 ? -0.308  7.138   6.055   1.00 7.54  ? 108  PHE A CA    1 
ATOM   851  C  C     . PHE A 1 108 ? -1.616  6.376   5.969   1.00 7.64  ? 108  PHE A C     1 
ATOM   852  O  O     . PHE A 1 108 ? -1.619  5.167   5.809   1.00 8.15  ? 108  PHE A O     1 
ATOM   853  C  CB    . PHE A 1 108 ? -0.078  7.888   4.728   1.00 7.87  ? 108  PHE A CB    1 
ATOM   854  C  CG    . PHE A 1 108 ? 0.300   7.002   3.558   1.00 8.31  ? 108  PHE A CG    1 
ATOM   855  C  CD1   . PHE A 1 108 ? 1.643   6.817   3.215   1.00 8.82  ? 108  PHE A CD1   1 
ATOM   856  C  CD2   . PHE A 1 108 ? -0.685  6.433   2.740   1.00 7.70  ? 108  PHE A CD2   1 
ATOM   857  C  CE1   . PHE A 1 108 ? 2.007   6.085   2.065   1.00 8.25  ? 108  PHE A CE1   1 
ATOM   858  C  CE2   . PHE A 1 108 ? -0.339  5.704   1.598   1.00 7.68  ? 108  PHE A CE2   1 
ATOM   859  C  CZ    . PHE A 1 108 ? 1.005   5.529   1.256   1.00 7.43  ? 108  PHE A CZ    1 
ATOM   860  N  N     . HIS A 1 109 ? -2.724  7.093   6.111   1.00 6.11  ? 109  HIS A N     1 
ATOM   861  C  CA    . HIS A 1 109 ? -4.065  6.504   5.980   1.00 6.00  ? 109  HIS A CA    1 
ATOM   862  C  C     . HIS A 1 109 ? -4.544  6.860   4.565   1.00 5.83  ? 109  HIS A C     1 
ATOM   863  O  O     . HIS A 1 109 ? -4.659  8.046   4.239   1.00 5.59  ? 109  HIS A O     1 
ATOM   864  C  CB    . HIS A 1 109 ? -5.046  7.149   6.965   1.00 6.07  ? 109  HIS A CB    1 
ATOM   865  C  CG    . HIS A 1 109 ? -4.824  6.776   8.398   1.00 7.08  ? 109  HIS A CG    1 
ATOM   866  N  ND1   . HIS A 1 109 ? -5.120  5.523   8.897   1.00 8.25  ? 109  HIS A ND1   1 
ATOM   867  C  CD2   . HIS A 1 109 ? -4.395  7.514   9.453   1.00 8.29  ? 109  HIS A CD2   1 
ATOM   868  C  CE1   . HIS A 1 109 ? -4.890  5.509   10.201  1.00 8.81  ? 109  HIS A CE1   1 
ATOM   869  N  NE2   . HIS A 1 109 ? -4.449  6.701   10.563  1.00 8.25  ? 109  HIS A NE2   1 
ATOM   870  N  N     . PRO A 1 110 ? -4.825  5.858   3.707   1.00 5.76  ? 110  PRO A N     1 
ATOM   871  C  CA    . PRO A 1 110 ? -5.291  6.152   2.346   1.00 6.30  ? 110  PRO A CA    1 
ATOM   872  C  C     . PRO A 1 110 ? -6.653  6.851   2.271   1.00 6.65  ? 110  PRO A C     1 
ATOM   873  O  O     . PRO A 1 110 ? -6.861  7.720   1.418   1.00 6.64  ? 110  PRO A O     1 
ATOM   874  C  CB    . PRO A 1 110 ? -5.308  4.776   1.669   1.00 6.32  ? 110  PRO A CB    1 
ATOM   875  C  CG    . PRO A 1 110 ? -5.584  3.826   2.835   1.00 6.55  ? 110  PRO A CG    1 
ATOM   876  C  CD    . PRO A 1 110 ? -4.673  4.407   3.916   1.00 6.20  ? 110  PRO A CD    1 
ATOM   877  N  N     . GLN A 1 111 ? -7.581  6.494   3.153   1.00 6.61  ? 111  GLN A N     1 
ATOM   878  C  CA    . GLN A 1 111 ? -8.904  7.128   3.117   1.00 6.65  ? 111  GLN A CA    1 
ATOM   879  C  C     . GLN A 1 111 ? -9.493  7.032   4.508   1.00 6.43  ? 111  GLN A C     1 
ATOM   880  O  O     . GLN A 1 111 ? -10.373 6.216   4.780   1.00 6.55  ? 111  GLN A O     1 
ATOM   881  C  CB    . GLN A 1 111 ? -9.814  6.431   2.104   1.00 7.77  ? 111  GLN A CB    1 
ATOM   882  C  CG    . GLN A 1 111 ? -11.110 7.196   1.870   1.00 9.13  ? 111  GLN A CG    1 
ATOM   883  C  CD    . GLN A 1 111 ? -12.007 6.568   0.817   1.00 11.32 ? 111  GLN A CD    1 
ATOM   884  O  OE1   . GLN A 1 111 ? -11.882 5.389   0.494   1.00 16.22 ? 111  GLN A OE1   1 
ATOM   885  N  NE2   . GLN A 1 111 ? -12.932 7.353   0.300   1.00 14.22 ? 111  GLN A NE2   1 
ATOM   886  N  N     . PRO A 1 112 ? -9.027  7.903   5.406   1.00 6.59  ? 112  PRO A N     1 
ATOM   887  C  CA    . PRO A 1 112 ? -9.514  7.881   6.792   1.00 6.41  ? 112  PRO A CA    1 
ATOM   888  C  C     . PRO A 1 112 ? -10.995 8.097   7.021   1.00 6.04  ? 112  PRO A C     1 
ATOM   889  O  O     . PRO A 1 112 ? -11.499 7.768   8.095   1.00 6.18  ? 112  PRO A O     1 
ATOM   890  C  CB    . PRO A 1 112 ? -8.633  8.921   7.499   1.00 8.18  ? 112  PRO A CB    1 
ATOM   891  C  CG    . PRO A 1 112 ? -8.210  9.835   6.400   1.00 7.61  ? 112  PRO A CG    1 
ATOM   892  C  CD    . PRO A 1 112 ? -8.013  8.952   5.197   1.00 7.20  ? 112  PRO A CD    1 
ATOM   893  N  N     . SER A 1 113 ? -11.697 8.628   6.024   1.00 6.45  ? 113  SER A N     1 
ATOM   894  C  CA    . SER A 1 113 ? -13.140 8.818   6.153   1.00 7.01  ? 113  SER A CA    1 
ATOM   895  C  C     . SER A 1 113 ? -13.867 7.475   6.076   1.00 7.30  ? 113  SER A C     1 
ATOM   896  O  O     . SER A 1 113 ? -15.013 7.355   6.527   1.00 7.07  ? 113  SER A O     1 
ATOM   897  C  CB    . SER A 1 113 ? -13.675 9.701   5.025   1.00 8.06  ? 113  SER A CB    1 
ATOM   898  O  OG    . SER A 1 113 ? -13.637 9.012   3.785   1.00 8.49  ? 113  SER A OG    1 
ATOM   899  N  N     . PHE A 1 114 ? -13.208 6.464   5.510   1.00 6.37  ? 114  PHE A N     1 
ATOM   900  C  CA    . PHE A 1 114 ? -13.867 5.183   5.354   1.00 7.19  ? 114  PHE A CA    1 
ATOM   901  C  C     . PHE A 1 114 ? -13.184 3.982   5.969   1.00 7.16  ? 114  PHE A C     1 
ATOM   902  O  O     . PHE A 1 114 ? -13.853 3.033   6.379   1.00 8.06  ? 114  PHE A O     1 
ATOM   903  C  CB    . PHE A 1 114 ? -14.096 4.872   3.868   1.00 8.12  ? 114  PHE A CB    1 
ATOM   904  C  CG    . PHE A 1 114 ? -14.933 3.644   3.647   1.00 8.76  ? 114  PHE A CG    1 
ATOM   905  C  CD1   . PHE A 1 114 ? -16.322 3.723   3.705   1.00 9.44  ? 114  PHE A CD1   1 
ATOM   906  C  CD2   . PHE A 1 114 ? -14.335 2.392   3.471   1.00 10.51 ? 114  PHE A CD2   1 
ATOM   907  C  CE1   . PHE A 1 114 ? -17.115 2.571   3.594   1.00 11.25 ? 114  PHE A CE1   1 
ATOM   908  C  CE2   . PHE A 1 114 ? -15.116 1.237   3.361   1.00 11.09 ? 114  PHE A CE2   1 
ATOM   909  C  CZ    . PHE A 1 114 ? -16.515 1.327   3.424   1.00 11.60 ? 114  PHE A CZ    1 
ATOM   910  N  N     . THR A 1 115 ? -11.863 4.008   6.033   1.00 7.07  ? 115  THR A N     1 
ATOM   911  C  CA    . THR A 1 115 ? -11.157 2.852   6.559   1.00 6.54  ? 115  THR A CA    1 
ATOM   912  C  C     . THR A 1 115 ? -10.085 3.204   7.561   1.00 7.45  ? 115  THR A C     1 
ATOM   913  O  O     . THR A 1 115 ? -9.426  4.248   7.470   1.00 6.89  ? 115  THR A O     1 
ATOM   914  C  CB    . THR A 1 115 ? -10.547 2.016   5.393   1.00 6.82  ? 115  THR A CB    1 
ATOM   915  O  OG1   . THR A 1 115 ? -9.670  1.015   5.918   1.00 8.33  ? 115  THR A OG1   1 
ATOM   916  C  CG2   . THR A 1 115 ? -9.771  2.905   4.427   1.00 6.91  ? 115  THR A CG2   1 
ATOM   917  N  N     . ALA A 1 116 ? -9.952  2.329   8.549   1.00 7.06  ? 116  ALA A N     1 
ATOM   918  C  CA    . ALA A 1 116 ? -8.958  2.483   9.593   1.00 6.90  ? 116  ALA A CA    1 
ATOM   919  C  C     . ALA A 1 116 ? -7.569  2.061   9.124   1.00 7.24  ? 116  ALA A C     1 
ATOM   920  O  O     . ALA A 1 116 ? -6.583  2.312   9.823   1.00 7.57  ? 116  ALA A O     1 
ATOM   921  C  CB    . ALA A 1 116 ? -9.356  1.626   10.801  1.00 7.25  ? 116  ALA A CB    1 
ATOM   922  N  N     . VAL A 1 117 ? -7.484  1.452   7.945   1.00 6.70  ? 117  VAL A N     1 
ATOM   923  C  CA    . VAL A 1 117 ? -6.196  0.940   7.486   1.00 6.68  ? 117  VAL A CA    1 
ATOM   924  C  C     . VAL A 1 117 ? -5.065  1.956   7.462   1.00 7.20  ? 117  VAL A C     1 
ATOM   925  O  O     . VAL A 1 117 ? -5.256  3.139   7.123   1.00 6.14  ? 117  VAL A O     1 
ATOM   926  C  CB    . VAL A 1 117 ? -6.311  0.265   6.082   1.00 6.45  ? 117  VAL A CB    1 
ATOM   927  C  CG1   . VAL A 1 117 ? -6.365  1.303   4.977   1.00 6.31  ? 117  VAL A CG1   1 
ATOM   928  C  CG2   . VAL A 1 117 ? -5.141  -0.699  5.870   1.00 5.81  ? 117  VAL A CG2   1 
ATOM   929  N  N     . VAL A 1 118 ? -3.884  1.480   7.849   1.00 6.79  ? 118  VAL A N     1 
ATOM   930  C  CA    . VAL A 1 118 ? -2.679  2.303   7.828   1.00 7.59  ? 118  VAL A CA    1 
ATOM   931  C  C     . VAL A 1 118 ? -1.774  1.631   6.798   1.00 7.54  ? 118  VAL A C     1 
ATOM   932  O  O     . VAL A 1 118 ? -1.627  0.401   6.804   1.00 6.92  ? 118  VAL A O     1 
ATOM   933  C  CB    . VAL A 1 118 ? -1.942  2.306   9.193   1.00 9.19  ? 118  VAL A CB    1 
ATOM   934  C  CG1   . VAL A 1 118 ? -0.599  3.006   9.069   1.00 9.08  ? 118  VAL A CG1   1 
ATOM   935  C  CG2   . VAL A 1 118 ? -2.792  3.003   10.241  1.00 10.49 ? 118  VAL A CG2   1 
ATOM   936  N  N     . PHE A 1 119 ? -1.207  2.430   5.899   1.00 6.71  ? 119  PHE A N     1 
ATOM   937  C  CA    . PHE A 1 119 ? -0.286  1.917   4.891   1.00 6.45  ? 119  PHE A CA    1 
ATOM   938  C  C     . PHE A 1 119 ? 1.134   2.275   5.323   1.00 6.86  ? 119  PHE A C     1 
ATOM   939  O  O     . PHE A 1 119 ? 1.410   3.424   5.688   1.00 7.36  ? 119  PHE A O     1 
ATOM   940  C  CB    . PHE A 1 119 ? -0.578  2.535   3.521   1.00 6.66  ? 119  PHE A CB    1 
ATOM   941  C  CG    . PHE A 1 119 ? -1.782  1.958   2.828   1.00 5.69  ? 119  PHE A CG    1 
ATOM   942  C  CD1   . PHE A 1 119 ? -2.508  0.909   3.384   1.00 5.72  ? 119  PHE A CD1   1 
ATOM   943  C  CD2   . PHE A 1 119 ? -2.166  2.450   1.579   1.00 5.70  ? 119  PHE A CD2   1 
ATOM   944  C  CE1   . PHE A 1 119 ? -3.600  0.350   2.707   1.00 6.98  ? 119  PHE A CE1   1 
ATOM   945  C  CE2   . PHE A 1 119 ? -3.257  1.889   0.897   1.00 4.74  ? 119  PHE A CE2   1 
ATOM   946  C  CZ    . PHE A 1 119 ? -3.968  0.842   1.462   1.00 6.67  ? 119  PHE A CZ    1 
ATOM   947  N  N     . HIS A 1 120 ? 2.032   1.288   5.280   1.00 6.51  ? 120  HIS A N     1 
ATOM   948  C  CA    . HIS A 1 120 ? 3.424   1.474   5.684   1.00 7.30  ? 120  HIS A CA    1 
ATOM   949  C  C     . HIS A 1 120 ? 4.333   1.373   4.473   1.00 7.18  ? 120  HIS A C     1 
ATOM   950  O  O     . HIS A 1 120 ? 4.564   0.279   3.951   1.00 7.84  ? 120  HIS A O     1 
ATOM   951  C  CB    . HIS A 1 120 ? 3.836   0.403   6.699   1.00 8.11  ? 120  HIS A CB    1 
ATOM   952  C  CG    . HIS A 1 120 ? 3.075   0.474   7.983   1.00 8.41  ? 120  HIS A CG    1 
ATOM   953  N  ND1   . HIS A 1 120 ? 2.036   -0.378  8.296   1.00 10.78 ? 120  HIS A ND1   1 
ATOM   954  C  CD2   . HIS A 1 120 ? 3.190   1.325   9.025   1.00 8.84  ? 120  HIS A CD2   1 
ATOM   955  C  CE1   . HIS A 1 120 ? 1.548   -0.053  9.481   1.00 8.28  ? 120  HIS A CE1   1 
ATOM   956  N  NE2   . HIS A 1 120 ? 2.229   0.979   9.942   1.00 10.68 ? 120  HIS A NE2   1 
ATOM   957  N  N     . PRO A 1 121 ? 4.861   2.514   4.014   1.00 7.05  ? 121  PRO A N     1 
ATOM   958  C  CA    . PRO A 1 121 ? 5.750   2.506   2.849   1.00 7.18  ? 121  PRO A CA    1 
ATOM   959  C  C     . PRO A 1 121 ? 7.211   2.287   3.204   1.00 7.88  ? 121  PRO A C     1 
ATOM   960  O  O     . PRO A 1 121 ? 7.677   2.706   4.271   1.00 8.31  ? 121  PRO A O     1 
ATOM   961  C  CB    . PRO A 1 121 ? 5.513   3.876   2.225   1.00 7.61  ? 121  PRO A CB    1 
ATOM   962  C  CG    . PRO A 1 121 ? 5.312   4.751   3.430   1.00 7.66  ? 121  PRO A CG    1 
ATOM   963  C  CD    . PRO A 1 121 ? 4.481   3.894   4.389   1.00 7.73  ? 121  PRO A CD    1 
ATOM   964  N  N     . PHE A 1 122 ? 7.922   1.642   2.283   1.00 7.30  ? 122  PHE A N     1 
ATOM   965  C  CA    . PHE A 1 122 ? 9.344   1.349   2.439   1.00 7.65  ? 122  PHE A CA    1 
ATOM   966  C  C     . PHE A 1 122 ? 10.083  1.523   1.125   1.00 8.26  ? 122  PHE A C     1 
ATOM   967  O  O     . PHE A 1 122 ? 9.513   1.353   0.043   1.00 7.79  ? 122  PHE A O     1 
ATOM   968  C  CB    . PHE A 1 122 ? 9.560   -0.118  2.847   1.00 7.89  ? 122  PHE A CB    1 
ATOM   969  C  CG    . PHE A 1 122 ? 8.995   -0.481  4.183   1.00 7.46  ? 122  PHE A CG    1 
ATOM   970  C  CD1   . PHE A 1 122 ? 9.773   -0.374  5.330   1.00 7.97  ? 122  PHE A CD1   1 
ATOM   971  C  CD2   . PHE A 1 122 ? 7.681   -0.941  4.293   1.00 7.99  ? 122  PHE A CD2   1 
ATOM   972  C  CE1   . PHE A 1 122 ? 9.253   -0.723  6.577   1.00 8.35  ? 122  PHE A CE1   1 
ATOM   973  C  CE2   . PHE A 1 122 ? 7.148   -1.297  5.533   1.00 8.56  ? 122  PHE A CE2   1 
ATOM   974  C  CZ    . PHE A 1 122 ? 7.936   -1.187  6.677   1.00 8.81  ? 122  PHE A CZ    1 
ATOM   975  N  N     . LEU A 1 123 ? 11.364  1.859   1.230   1.00 8.11  ? 123  LEU A N     1 
ATOM   976  C  CA    . LEU A 1 123 ? 12.235  1.944   0.060   1.00 8.20  ? 123  LEU A CA    1 
ATOM   977  C  C     . LEU A 1 123 ? 13.175  0.754   0.262   1.00 9.09  ? 123  LEU A C     1 
ATOM   978  O  O     . LEU A 1 123 ? 13.876  0.683   1.271   1.00 10.05 ? 123  LEU A O     1 
ATOM   979  C  CB    . LEU A 1 123 ? 13.044  3.247   0.046   1.00 8.16  ? 123  LEU A CB    1 
ATOM   980  C  CG    . LEU A 1 123 ? 14.260  3.248   -0.899  1.00 7.59  ? 123  LEU A CG    1 
ATOM   981  C  CD1   . LEU A 1 123 ? 13.813  3.002   -2.340  1.00 8.29  ? 123  LEU A CD1   1 
ATOM   982  C  CD2   . LEU A 1 123 ? 14.982  4.603   -0.793  1.00 7.94  ? 123  LEU A CD2   1 
ATOM   983  N  N     . ALA A 1 124 ? 13.163  -0.193  -0.677  1.00 8.61  ? 124  ALA A N     1 
ATOM   984  C  CA    . ALA A 1 124 ? 14.018  -1.387  -0.576  1.00 9.40  ? 124  ALA A CA    1 
ATOM   985  C  C     . ALA A 1 124 ? 15.217  -1.246  -1.502  1.00 9.53  ? 124  ALA A C     1 
ATOM   986  O  O     . ALA A 1 124 ? 15.058  -0.969  -2.683  1.00 10.53 ? 124  ALA A O     1 
ATOM   987  C  CB    . ALA A 1 124 ? 13.229  -2.636  -0.948  1.00 9.04  ? 124  ALA A CB    1 
ATOM   988  N  N     . LEU A 1 125 ? 16.416  -1.453  -0.962  1.00 10.13 ? 125  LEU A N     1 
ATOM   989  C  CA    . LEU A 1 125 ? 17.630  -1.324  -1.762  1.00 10.27 ? 125  LEU A CA    1 
ATOM   990  C  C     . LEU A 1 125 ? 18.193  -2.678  -2.169  1.00 10.76 ? 125  LEU A C     1 
ATOM   991  O  O     . LEU A 1 125 ? 17.967  -3.682  -1.496  1.00 10.40 ? 125  LEU A O     1 
ATOM   992  C  CB    . LEU A 1 125 ? 18.687  -0.554  -0.977  1.00 10.68 ? 125  LEU A CB    1 
ATOM   993  C  CG    . LEU A 1 125 ? 18.222  0.780   -0.388  1.00 11.65 ? 125  LEU A CG    1 
ATOM   994  C  CD1   . LEU A 1 125 ? 19.404  1.440   0.305   1.00 13.20 ? 125  LEU A CD1   1 
ATOM   995  C  CD2   . LEU A 1 125 ? 17.660  1.684   -1.474  1.00 11.96 ? 125  LEU A CD2   1 
ATOM   996  N  N     . LYS A 1 126 ? 18.942  -2.673  -3.267  1.00 11.22 ? 126  LYS A N     1 
ATOM   997  C  CA    . LYS A 1 126 ? 19.553  -3.875  -3.828  1.00 12.70 ? 126  LYS A CA    1 
ATOM   998  C  C     . LYS A 1 126 ? 18.505  -4.944  -4.109  1.00 12.82 ? 126  LYS A C     1 
ATOM   999  O  O     . LYS A 1 126 ? 18.714  -6.127  -3.824  1.00 13.11 ? 126  LYS A O     1 
ATOM   1000 C  CB    . LYS A 1 126 ? 20.622  -4.435  -2.886  1.00 14.45 ? 126  LYS A CB    1 
ATOM   1001 C  CG    . LYS A 1 126 ? 21.721  -3.450  -2.538  1.00 16.90 ? 126  LYS A CG    1 
ATOM   1002 C  CD    . LYS A 1 126 ? 22.888  -4.179  -1.870  1.00 20.29 ? 126  LYS A CD    1 
ATOM   1003 C  CE    . LYS A 1 126 ? 24.026  -3.236  -1.511  1.00 22.54 ? 126  LYS A CE    1 
ATOM   1004 N  NZ    . LYS A 1 126 ? 25.125  -3.985  -0.822  1.00 24.55 ? 126  LYS A NZ    1 
ATOM   1005 N  N     . ALA A 1 127 ? 17.372  -4.517  -4.659  1.00 11.57 ? 127  ALA A N     1 
ATOM   1006 C  CA    . ALA A 1 127 ? 16.298  -5.436  -4.990  1.00 12.10 ? 127  ALA A CA    1 
ATOM   1007 C  C     . ALA A 1 127 ? 16.720  -6.268  -6.186  1.00 12.16 ? 127  ALA A C     1 
ATOM   1008 O  O     . ALA A 1 127 ? 17.354  -5.763  -7.123  1.00 11.86 ? 127  ALA A O     1 
ATOM   1009 C  CB    . ALA A 1 127 ? 15.018  -4.666  -5.315  1.00 12.73 ? 127  ALA A CB    1 
ATOM   1010 N  N     . ARG A 1 128 ? 16.379  -7.548  -6.147  1.00 12.81 ? 128  ARG A N     1 
ATOM   1011 C  CA    . ARG A 1 128 ? 16.733  -8.438  -7.239  1.00 14.08 ? 128  ARG A CA    1 
ATOM   1012 C  C     . ARG A 1 128 ? 15.744  -9.581  -7.329  1.00 13.12 ? 128  ARG A C     1 
ATOM   1013 O  O     . ARG A 1 128 ? 15.271  -10.079 -6.311  1.00 12.32 ? 128  ARG A O     1 
ATOM   1014 C  CB    . ARG A 1 128 ? 18.140  -9.000  -7.022  1.00 16.67 ? 128  ARG A CB    1 
ATOM   1015 C  CG    . ARG A 1 128 ? 18.344  -9.564  -5.636  1.00 19.28 ? 128  ARG A CG    1 
ATOM   1016 C  CD    . ARG A 1 128 ? 19.657  -10.325 -5.479  1.00 22.51 ? 128  ARG A CD    1 
ATOM   1017 N  NE    . ARG A 1 128 ? 20.854  -9.524  -5.739  1.00 23.35 ? 128  ARG A NE    1 
ATOM   1018 C  CZ    . ARG A 1 128 ? 21.426  -9.397  -6.935  1.00 25.22 ? 128  ARG A CZ    1 
ATOM   1019 N  NH1   . ARG A 1 128 ? 20.910  -10.011 -7.987  1.00 25.39 ? 128  ARG A NH1   1 
ATOM   1020 N  NH2   . ARG A 1 128 ? 22.534  -8.676  -7.075  1.00 26.32 ? 128  ARG A NH2   1 
ATOM   1021 N  N     . VAL A 1 129 ? 15.428  -9.974  -8.557  1.00 12.37 ? 129  VAL A N     1 
ATOM   1022 C  CA    . VAL A 1 129 ? 14.517  -11.087 -8.792  1.00 12.57 ? 129  VAL A CA    1 
ATOM   1023 C  C     . VAL A 1 129 ? 15.293  -12.363 -8.548  1.00 12.96 ? 129  VAL A C     1 
ATOM   1024 O  O     . VAL A 1 129 ? 16.394  -12.548 -9.090  1.00 12.66 ? 129  VAL A O     1 
ATOM   1025 C  CB    . VAL A 1 129 ? 13.985  -11.078 -10.230 1.00 13.43 ? 129  VAL A CB    1 
ATOM   1026 C  CG1   . VAL A 1 129 ? 13.177  -12.347 -10.496 1.00 13.95 ? 129  VAL A CG1   1 
ATOM   1027 C  CG2   . VAL A 1 129 ? 13.130  -9.832  -10.449 1.00 13.55 ? 129  VAL A CG2   1 
ATOM   1028 N  N     . VAL A 1 130 ? 14.715  -13.245 -7.740  1.00 12.17 ? 130  VAL A N     1 
ATOM   1029 C  CA    . VAL A 1 130 ? 15.359  -14.502 -7.386  1.00 11.93 ? 130  VAL A CA    1 
ATOM   1030 C  C     . VAL A 1 130 ? 14.479  -15.736 -7.574  1.00 11.50 ? 130  VAL A C     1 
ATOM   1031 O  O     . VAL A 1 130 ? 14.963  -16.862 -7.474  1.00 11.34 ? 130  VAL A O     1 
ATOM   1032 C  CB    . VAL A 1 130 ? 15.828  -14.463 -5.914  1.00 11.63 ? 130  VAL A CB    1 
ATOM   1033 C  CG1   . VAL A 1 130 ? 16.848  -13.371 -5.747  1.00 11.93 ? 130  VAL A CG1   1 
ATOM   1034 C  CG2   . VAL A 1 130 ? 14.625  -14.219 -4.969  1.00 12.20 ? 130  VAL A CG2   1 
ATOM   1035 N  N     . THR A 1 131 ? 13.195  -15.531 -7.857  1.00 11.66 ? 131  THR A N     1 
ATOM   1036 C  CA    . THR A 1 131 ? 12.285  -16.658 -8.001  1.00 12.55 ? 131  THR A CA    1 
ATOM   1037 C  C     . THR A 1 131 ? 11.031  -16.221 -8.775  1.00 12.22 ? 131  THR A C     1 
ATOM   1038 O  O     . THR A 1 131 ? 10.809  -15.026 -8.986  1.00 11.73 ? 131  THR A O     1 
ATOM   1039 C  CB    . THR A 1 131 ? 11.896  -17.153 -6.582  1.00 13.89 ? 131  THR A CB    1 
ATOM   1040 O  OG1   . THR A 1 131 ? 11.302  -18.459 -6.651  1.00 17.26 ? 131  THR A OG1   1 
ATOM   1041 C  CG2   . THR A 1 131 ? 10.930  -16.155 -5.933  1.00 13.85 ? 131  THR A CG2   1 
ATOM   1042 N  N     . PRO A 1 132 ? 10.219  -17.184 -9.242  1.00 12.46 ? 132  PRO A N     1 
ATOM   1043 C  CA    . PRO A 1 132 ? 9.011   -16.784 -9.970  1.00 12.35 ? 132  PRO A CA    1 
ATOM   1044 C  C     . PRO A 1 132 ? 7.999   -16.228 -8.976  1.00 12.18 ? 132  PRO A C     1 
ATOM   1045 O  O     . PRO A 1 132 ? 8.016   -16.599 -7.803  1.00 12.30 ? 132  PRO A O     1 
ATOM   1046 C  CB    . PRO A 1 132 ? 8.509   -18.096 -10.569 1.00 13.26 ? 132  PRO A CB    1 
ATOM   1047 C  CG    . PRO A 1 132 ? 9.775   -18.913 -10.721 1.00 12.91 ? 132  PRO A CG    1 
ATOM   1048 C  CD    . PRO A 1 132 ? 10.480  -18.626 -9.415  1.00 12.19 ? 132  PRO A CD    1 
ATOM   1049 N  N     . PRO A 1 133 ? 7.119   -15.323 -9.423  1.00 12.40 ? 133  PRO A N     1 
ATOM   1050 C  CA    . PRO A 1 133 ? 6.118   -14.773 -8.504  1.00 12.95 ? 133  PRO A CA    1 
ATOM   1051 C  C     . PRO A 1 133 ? 5.158   -15.882 -8.051  1.00 13.70 ? 133  PRO A C     1 
ATOM   1052 O  O     . PRO A 1 133 ? 5.029   -16.920 -8.714  1.00 13.23 ? 133  PRO A O     1 
ATOM   1053 C  CB    . PRO A 1 133 ? 5.381   -13.737 -9.359  1.00 13.39 ? 133  PRO A CB    1 
ATOM   1054 C  CG    . PRO A 1 133 ? 6.387   -13.363 -10.431 1.00 15.10 ? 133  PRO A CG    1 
ATOM   1055 C  CD    . PRO A 1 133 ? 7.035   -14.690 -10.750 1.00 14.06 ? 133  PRO A CD    1 
ATOM   1056 N  N     . THR A 1 134 ? 4.485   -15.647 -6.929  1.00 13.82 ? 134  THR A N     1 
ATOM   1057 C  CA    . THR A 1 134 ? 3.498   -16.570 -6.374  1.00 15.69 ? 134  THR A CA    1 
ATOM   1058 C  C     . THR A 1 134 ? 2.282   -15.703 -6.048  1.00 16.39 ? 134  THR A C     1 
ATOM   1059 O  O     . THR A 1 134 ? 2.172   -15.155 -4.953  1.00 16.93 ? 134  THR A O     1 
ATOM   1060 C  CB    . THR A 1 134 ? 4.015   -17.247 -5.089  1.00 16.62 ? 134  THR A CB    1 
ATOM   1061 O  OG1   . THR A 1 134 ? 5.169   -18.036 -5.405  1.00 19.59 ? 134  THR A OG1   1 
ATOM   1062 C  CG2   . THR A 1 134 ? 2.945   -18.159 -4.496  1.00 17.96 ? 134  THR A CG2   1 
ATOM   1063 N  N     . LEU A 1 135 ? 1.384   -15.579 -7.016  1.00 16.88 ? 135  LEU A N     1 
ATOM   1064 C  CA    . LEU A 1 135 ? 0.190   -14.746 -6.872  1.00 18.14 ? 135  LEU A CA    1 
ATOM   1065 C  C     . LEU A 1 135 ? -1.036  -15.495 -6.383  1.00 20.55 ? 135  LEU A C     1 
ATOM   1066 O  O     . LEU A 1 135 ? -1.226  -16.668 -6.695  1.00 21.51 ? 135  LEU A O     1 
ATOM   1067 C  CB    . LEU A 1 135 ? -0.164  -14.103 -8.208  1.00 17.27 ? 135  LEU A CB    1 
ATOM   1068 C  CG    . LEU A 1 135 ? 0.916   -13.301 -8.929  1.00 16.86 ? 135  LEU A CG    1 
ATOM   1069 C  CD1   . LEU A 1 135 ? 0.381   -12.841 -10.285 1.00 19.38 ? 135  LEU A CD1   1 
ATOM   1070 C  CD2   . LEU A 1 135 ? 1.325   -12.112 -8.073  1.00 17.81 ? 135  LEU A CD2   1 
ATOM   1071 N  N     . GLU A 1 136 ? -1.890  -14.801 -5.641  1.00 21.97 ? 136  GLU A N     1 
ATOM   1072 C  CA    . GLU A 1 136 ? -3.111  -15.421 -5.153  1.00 22.75 ? 136  GLU A CA    1 
ATOM   1073 C  C     . GLU A 1 136 ? -4.200  -15.345 -6.194  1.00 24.16 ? 136  GLU A C     1 
ATOM   1074 O  O     . GLU A 1 136 ? -4.105  -14.585 -7.165  1.00 22.99 ? 136  GLU A O     1 
ATOM   1075 C  CB    . GLU A 1 136 ? -3.617  -14.721 -3.900  1.00 23.14 ? 136  GLU A CB    1 
ATOM   1076 C  CG    . GLU A 1 136 ? -2.754  -14.948 -2.691  1.00 23.19 ? 136  GLU A CG    1 
ATOM   1077 C  CD    . GLU A 1 136 ? -2.423  -13.660 -1.983  1.00 23.43 ? 136  GLU A CD    1 
ATOM   1078 O  OE1   . GLU A 1 136 ? -3.356  -13.001 -1.464  1.00 22.93 ? 136  GLU A OE1   1 
ATOM   1079 O  OE2   . GLU A 1 136 ? -1.227  -13.313 -1.950  1.00 22.32 ? 136  GLU A OE2   1 
ATOM   1080 N  N     . GLU A 1 137 ? -5.230  -16.163 -5.999  1.00 24.63 ? 137  GLU A N     1 
ATOM   1081 C  CA    . GLU A 1 137 ? -6.367  -16.108 -6.884  1.00 26.15 ? 137  GLU A CA    1 
ATOM   1082 C  C     . GLU A 1 137 ? -6.822  -14.728 -6.470  1.00 24.92 ? 137  GLU A C     1 
ATOM   1083 O  O     . GLU A 1 137 ? -6.814  -14.395 -5.279  1.00 27.05 ? 137  GLU A O     1 
ATOM   1084 C  CB    . GLU A 1 137 ? -7.416  -17.153 -6.492  1.00 28.21 ? 137  GLU A CB    1 
ATOM   1085 C  CG    . GLU A 1 137 ? -7.140  -18.541 -7.043  1.00 31.49 ? 137  GLU A CG    1 
ATOM   1086 C  CD    . GLU A 1 137 ? -5.657  -18.873 -7.089  1.00 33.39 ? 137  GLU A CD    1 
ATOM   1087 O  OE1   . GLU A 1 137 ? -5.008  -18.891 -6.019  1.00 35.08 ? 137  GLU A OE1   1 
ATOM   1088 O  OE2   . GLU A 1 137 ? -5.142  -19.112 -8.203  1.00 34.93 ? 137  GLU A OE2   1 
ATOM   1089 N  N     . GLY A 1 138 ? -7.183  -13.911 -7.435  1.00 23.04 ? 138  GLY A N     1 
ATOM   1090 C  CA    . GLY A 1 138 ? -7.604  -12.576 -7.099  1.00 21.00 ? 138  GLY A CA    1 
ATOM   1091 C  C     . GLY A 1 138 ? -6.560  -11.582 -7.545  1.00 19.00 ? 138  GLY A C     1 
ATOM   1092 O  O     . GLY A 1 138 ? -6.878  -10.419 -7.770  1.00 21.44 ? 138  GLY A O     1 
ATOM   1093 N  N     . GLU A 1 139 ? -5.303  -12.020 -7.650  1.00 15.39 ? 139  GLU A N     1 
ATOM   1094 C  CA    . GLU A 1 139 ? -4.255  -11.108 -8.091  1.00 12.71 ? 139  GLU A CA    1 
ATOM   1095 C  C     . GLU A 1 139 ? -3.956  -11.273 -9.567  1.00 12.35 ? 139  GLU A C     1 
ATOM   1096 O  O     . GLU A 1 139 ? -3.511  -12.336 -10.005 1.00 14.15 ? 139  GLU A O     1 
ATOM   1097 C  CB    . GLU A 1 139 ? -2.958  -11.315 -7.300  1.00 13.04 ? 139  GLU A CB    1 
ATOM   1098 C  CG    . GLU A 1 139 ? -3.066  -10.879 -5.861  1.00 13.26 ? 139  GLU A CG    1 
ATOM   1099 C  CD    . GLU A 1 139 ? -1.729  -10.869 -5.135  1.00 12.79 ? 139  GLU A CD    1 
ATOM   1100 O  OE1   . GLU A 1 139 ? -0.991  -11.868 -5.240  1.00 13.92 ? 139  GLU A OE1   1 
ATOM   1101 O  OE2   . GLU A 1 139 ? -1.423  -9.873  -4.445  1.00 8.53  ? 139  GLU A OE2   1 
ATOM   1102 N  N     . LEU A 1 140 ? -4.230  -10.222 -10.330 1.00 9.84  ? 140  LEU A N     1 
ATOM   1103 C  CA    . LEU A 1 140 ? -3.951  -10.231 -11.757 1.00 9.31  ? 140  LEU A CA    1 
ATOM   1104 C  C     . LEU A 1 140 ? -2.968  -9.087  -11.985 1.00 8.90  ? 140  LEU A C     1 
ATOM   1105 O  O     . LEU A 1 140 ? -3.333  -7.899  -11.986 1.00 9.08  ? 140  LEU A O     1 
ATOM   1106 C  CB    . LEU A 1 140 ? -5.244  -10.018 -12.555 1.00 8.31  ? 140  LEU A CB    1 
ATOM   1107 C  CG    . LEU A 1 140 ? -5.064  -9.923  -14.069 1.00 8.72  ? 140  LEU A CG    1 
ATOM   1108 C  CD1   . LEU A 1 140 ? -4.410  -11.200 -14.608 1.00 8.85  ? 140  LEU A CD1   1 
ATOM   1109 C  CD2   . LEU A 1 140 ? -6.419  -9.699  -14.711 1.00 8.70  ? 140  LEU A CD2   1 
ATOM   1110 N  N     . LEU A 1 141 ? -1.704  -9.451  -12.147 1.00 8.70  ? 141  LEU A N     1 
ATOM   1111 C  CA    . LEU A 1 141 ? -0.680  -8.451  -12.358 1.00 9.59  ? 141  LEU A CA    1 
ATOM   1112 C  C     . LEU A 1 141 ? 0.516   -9.045  -13.066 1.00 10.80 ? 141  LEU A C     1 
ATOM   1113 O  O     . LEU A 1 141 ? 0.689   -10.270 -13.122 1.00 11.45 ? 141  LEU A O     1 
ATOM   1114 C  CB    . LEU A 1 141 ? -0.239  -7.880  -11.009 1.00 9.01  ? 141  LEU A CB    1 
ATOM   1115 C  CG    . LEU A 1 141 ? 0.462   -8.848  -10.048 1.00 8.94  ? 141  LEU A CG    1 
ATOM   1116 C  CD1   . LEU A 1 141 ? 1.963   -8.967  -10.375 1.00 9.56  ? 141  LEU A CD1   1 
ATOM   1117 C  CD2   . LEU A 1 141 ? 0.284   -8.315  -8.633  1.00 9.03  ? 141  LEU A CD2   1 
ATOM   1118 N  N     . GLU A 1 142 ? 1.330   -8.148  -13.604 1.00 11.33 ? 142  GLU A N     1 
ATOM   1119 C  CA    . GLU A 1 142 ? 2.559   -8.490  -14.293 1.00 13.39 ? 142  GLU A CA    1 
ATOM   1120 C  C     . GLU A 1 142 ? 3.619   -7.585  -13.695 1.00 13.36 ? 142  GLU A C     1 
ATOM   1121 O  O     . GLU A 1 142 ? 3.353   -6.414  -13.426 1.00 11.81 ? 142  GLU A O     1 
ATOM   1122 C  CB    . GLU A 1 142 ? 2.434   -8.169  -15.777 1.00 15.89 ? 142  GLU A CB    1 
ATOM   1123 C  CG    . GLU A 1 142 ? 1.896   -9.286  -16.610 1.00 22.90 ? 142  GLU A CG    1 
ATOM   1124 C  CD    . GLU A 1 142 ? 2.834   -9.584  -17.746 1.00 25.72 ? 142  GLU A CD    1 
ATOM   1125 O  OE1   . GLU A 1 142 ? 2.987   -8.707  -18.627 1.00 28.22 ? 142  GLU A OE1   1 
ATOM   1126 O  OE2   . GLU A 1 142 ? 3.440   -10.678 -17.741 1.00 29.19 ? 142  GLU A OE2   1 
ATOM   1127 N  N     . SER A 1 143 ? 4.823   -8.099  -13.491 1.00 13.16 ? 143  SER A N     1 
ATOM   1128 C  CA    . SER A 1 143 ? 5.853   -7.237  -12.946 1.00 14.66 ? 143  SER A CA    1 
ATOM   1129 C  C     . SER A 1 143 ? 6.638   -6.635  -14.104 1.00 15.53 ? 143  SER A C     1 
ATOM   1130 O  O     . SER A 1 143 ? 6.626   -7.161  -15.223 1.00 15.26 ? 143  SER A O     1 
ATOM   1131 C  CB    . SER A 1 143 ? 6.771   -8.026  -12.003 1.00 16.81 ? 143  SER A CB    1 
ATOM   1132 O  OG    . SER A 1 143 ? 7.276   -9.181  -12.636 1.00 18.42 ? 143  SER A OG    1 
ATOM   1133 N  N     . LEU A 1 144 ? 7.281   -5.503  -13.851 1.00 15.70 ? 144  LEU A N     1 
ATOM   1134 C  CA    . LEU A 1 144 ? 8.076   -4.861  -14.879 1.00 16.50 ? 144  LEU A CA    1 
ATOM   1135 C  C     . LEU A 1 144 ? 9.241   -4.119  -14.255 1.00 16.54 ? 144  LEU A C     1 
ATOM   1136 O  O     . LEU A 1 144 ? 9.316   -3.976  -13.034 1.00 16.29 ? 144  LEU A O     1 
ATOM   1137 C  CB    . LEU A 1 144 ? 7.228   -3.896  -15.708 1.00 17.77 ? 144  LEU A CB    1 
ATOM   1138 C  CG    . LEU A 1 144 ? 6.565   -2.692  -15.048 1.00 19.59 ? 144  LEU A CG    1 
ATOM   1139 C  CD1   . LEU A 1 144 ? 6.425   -1.583  -16.076 1.00 21.51 ? 144  LEU A CD1   1 
ATOM   1140 C  CD2   . LEU A 1 144 ? 5.221   -3.082  -14.469 1.00 20.96 ? 144  LEU A CD2   1 
ATOM   1141 N  N     . GLU A 1 145 ? 10.161  -3.671  -15.097 1.00 15.31 ? 145  GLU A N     1 
ATOM   1142 C  CA    . GLU A 1 145 ? 11.324  -2.942  -14.612 1.00 15.46 ? 145  GLU A CA    1 
ATOM   1143 C  C     . GLU A 1 145 ? 11.442  -1.647  -15.403 1.00 14.84 ? 145  GLU A C     1 
ATOM   1144 O  O     . GLU A 1 145 ? 11.435  -1.654  -16.637 1.00 15.53 ? 145  GLU A O     1 
ATOM   1145 C  CB    . GLU A 1 145 ? 12.590  -3.786  -14.778 1.00 16.72 ? 145  GLU A CB    1 
ATOM   1146 C  CG    . GLU A 1 145 ? 13.842  -3.106  -14.269 1.00 18.23 ? 145  GLU A CG    1 
ATOM   1147 C  CD    . GLU A 1 145 ? 15.061  -4.002  -14.336 1.00 20.31 ? 145  GLU A CD    1 
ATOM   1148 O  OE1   . GLU A 1 145 ? 16.114  -3.597  -13.810 1.00 20.24 ? 145  GLU A OE1   1 
ATOM   1149 O  OE2   . GLU A 1 145 ? 14.966  -5.107  -14.918 1.00 22.83 ? 145  GLU A OE2   1 
ATOM   1150 N  N     . LEU A 1 146 ? 11.547  -0.537  -14.687 1.00 13.54 ? 146  LEU A N     1 
ATOM   1151 C  CA    . LEU A 1 146 ? 11.650  0.768   -15.312 1.00 13.67 ? 146  LEU A CA    1 
ATOM   1152 C  C     . LEU A 1 146 ? 12.759  1.587   -14.704 1.00 13.56 ? 146  LEU A C     1 
ATOM   1153 O  O     . LEU A 1 146 ? 12.959  1.558   -13.495 1.00 13.01 ? 146  LEU A O     1 
ATOM   1154 C  CB    . LEU A 1 146 ? 10.352  1.562   -15.127 1.00 13.86 ? 146  LEU A CB    1 
ATOM   1155 C  CG    . LEU A 1 146 ? 9.094   1.187   -15.903 1.00 16.26 ? 146  LEU A CG    1 
ATOM   1156 C  CD1   . LEU A 1 146 ? 7.989   2.185   -15.549 1.00 16.38 ? 146  LEU A CD1   1 
ATOM   1157 C  CD2   . LEU A 1 146 ? 9.382   1.214   -17.398 1.00 16.31 ? 146  LEU A CD2   1 
ATOM   1158 N  N     . PRO A 1 147 ? 13.490  2.347   -15.534 1.00 14.07 ? 147  PRO A N     1 
ATOM   1159 C  CA    . PRO A 1 147 ? 14.566  3.174   -14.992 1.00 13.72 ? 147  PRO A CA    1 
ATOM   1160 C  C     . PRO A 1 147 ? 13.918  4.187   -14.045 1.00 13.39 ? 147  PRO A C     1 
ATOM   1161 O  O     . PRO A 1 147 ? 12.826  4.696   -14.319 1.00 12.08 ? 147  PRO A O     1 
ATOM   1162 C  CB    . PRO A 1 147 ? 15.146  3.855   -16.234 1.00 14.38 ? 147  PRO A CB    1 
ATOM   1163 C  CG    . PRO A 1 147 ? 14.853  2.891   -17.326 1.00 15.10 ? 147  PRO A CG    1 
ATOM   1164 C  CD    . PRO A 1 147 ? 13.450  2.419   -17.004 1.00 15.27 ? 147  PRO A CD    1 
ATOM   1165 N  N     . LEU A 1 148 ? 14.584  4.490   -12.938 1.00 13.58 ? 148  LEU A N     1 
ATOM   1166 C  CA    . LEU A 1 148 ? 14.035  5.453   -11.989 1.00 12.76 ? 148  LEU A CA    1 
ATOM   1167 C  C     . LEU A 1 148 ? 13.727  6.791   -12.645 1.00 13.12 ? 148  LEU A C     1 
ATOM   1168 O  O     . LEU A 1 148 ? 12.753  7.446   -12.289 1.00 12.57 ? 148  LEU A O     1 
ATOM   1169 C  CB    . LEU A 1 148 ? 15.000  5.670   -10.819 1.00 13.78 ? 148  LEU A CB    1 
ATOM   1170 C  CG    . LEU A 1 148 ? 15.053  4.559   -9.767  1.00 14.33 ? 148  LEU A CG    1 
ATOM   1171 C  CD1   . LEU A 1 148 ? 16.134  4.895   -8.732  1.00 14.53 ? 148  LEU A CD1   1 
ATOM   1172 C  CD2   . LEU A 1 148 ? 13.676  4.416   -9.093  1.00 14.09 ? 148  LEU A CD2   1 
ATOM   1173 N  N     . THR A 1 149 ? 14.554  7.210   -13.599 1.00 13.14 ? 149  THR A N     1 
ATOM   1174 C  CA    . THR A 1 149 ? 14.302  8.486   -14.260 1.00 13.54 ? 149  THR A CA    1 
ATOM   1175 C  C     . THR A 1 149 ? 12.938  8.475   -14.953 1.00 12.88 ? 149  THR A C     1 
ATOM   1176 O  O     . THR A 1 149 ? 12.216  9.476   -14.932 1.00 13.02 ? 149  THR A O     1 
ATOM   1177 C  CB    . THR A 1 149 ? 15.408  8.821   -15.285 1.00 14.17 ? 149  THR A CB    1 
ATOM   1178 O  OG1   . THR A 1 149 ? 15.579  7.718   -16.179 1.00 16.71 ? 149  THR A OG1   1 
ATOM   1179 C  CG2   . THR A 1 149 ? 16.726  9.114   -14.563 1.00 15.90 ? 149  THR A CG2   1 
ATOM   1180 N  N     . GLU A 1 150 ? 12.581  7.345   -15.552 1.00 12.72 ? 150  GLU A N     1 
ATOM   1181 C  CA    . GLU A 1 150 ? 11.296  7.221   -16.225 1.00 13.31 ? 150  GLU A CA    1 
ATOM   1182 C  C     . GLU A 1 150 ? 10.161  7.193   -15.209 1.00 13.05 ? 150  GLU A C     1 
ATOM   1183 O  O     . GLU A 1 150 ? 9.117   7.822   -15.421 1.00 12.19 ? 150  GLU A O     1 
ATOM   1184 C  CB    . GLU A 1 150 ? 11.269  5.953   -17.083 1.00 15.33 ? 150  GLU A CB    1 
ATOM   1185 C  CG    . GLU A 1 150 ? 12.127  6.089   -18.333 1.00 20.66 ? 150  GLU A CG    1 
ATOM   1186 C  CD    . GLU A 1 150 ? 12.118  4.846   -19.198 1.00 23.25 ? 150  GLU A CD    1 
ATOM   1187 O  OE1   . GLU A 1 150 ? 11.119  4.089   -19.148 1.00 25.00 ? 150  GLU A OE1   1 
ATOM   1188 O  OE2   . GLU A 1 150 ? 13.111  4.633   -19.934 1.00 25.70 ? 150  GLU A OE2   1 
ATOM   1189 N  N     . VAL A 1 151 ? 10.361  6.470   -14.108 1.00 11.48 ? 151  VAL A N     1 
ATOM   1190 C  CA    . VAL A 1 151 ? 9.315   6.407   -13.079 1.00 11.83 ? 151  VAL A CA    1 
ATOM   1191 C  C     . VAL A 1 151 ? 9.032   7.803   -12.536 1.00 11.66 ? 151  VAL A C     1 
ATOM   1192 O  O     . VAL A 1 151 ? 7.870   8.193   -12.374 1.00 12.08 ? 151  VAL A O     1 
ATOM   1193 C  CB    . VAL A 1 151 ? 9.711   5.488   -11.896 1.00 12.07 ? 151  VAL A CB    1 
ATOM   1194 C  CG1   . VAL A 1 151 ? 8.619   5.540   -10.806 1.00 12.89 ? 151  VAL A CG1   1 
ATOM   1195 C  CG2   . VAL A 1 151 ? 9.870   4.054   -12.384 1.00 12.74 ? 151  VAL A CG2   1 
ATOM   1196 N  N     . TYR A 1 152 ? 10.083  8.574   -12.270 1.00 10.74 ? 152  TYR A N     1 
ATOM   1197 C  CA    . TYR A 1 152 ? 9.854   9.906   -11.735 1.00 11.24 ? 152  TYR A CA    1 
ATOM   1198 C  C     . TYR A 1 152 ? 9.335   10.885  -12.776 1.00 11.59 ? 152  TYR A C     1 
ATOM   1199 O  O     . TYR A 1 152 ? 8.699   11.882  -12.424 1.00 11.88 ? 152  TYR A O     1 
ATOM   1200 C  CB    . TYR A 1 152 ? 11.102  10.427  -11.003 1.00 10.99 ? 152  TYR A CB    1 
ATOM   1201 C  CG    . TYR A 1 152 ? 11.183  9.865   -9.592  1.00 9.89  ? 152  TYR A CG    1 
ATOM   1202 C  CD1   . TYR A 1 152 ? 11.809  8.641   -9.336  1.00 8.69  ? 152  TYR A CD1   1 
ATOM   1203 C  CD2   . TYR A 1 152 ? 10.527  10.497  -8.537  1.00 9.91  ? 152  TYR A CD2   1 
ATOM   1204 C  CE1   . TYR A 1 152 ? 11.766  8.058   -8.070  1.00 9.92  ? 152  TYR A CE1   1 
ATOM   1205 C  CE2   . TYR A 1 152 ? 10.486  9.925   -7.258  1.00 10.35 ? 152  TYR A CE2   1 
ATOM   1206 C  CZ    . TYR A 1 152 ? 11.105  8.703   -7.037  1.00 9.12  ? 152  TYR A CZ    1 
ATOM   1207 O  OH    . TYR A 1 152 ? 11.069  8.125   -5.788  1.00 9.72  ? 152  TYR A OH    1 
ATOM   1208 N  N     . ALA A 1 153 ? 9.583   10.601  -14.057 1.00 11.77 ? 153  ALA A N     1 
ATOM   1209 C  CA    . ALA A 1 153 ? 9.054   11.452  -15.120 1.00 12.10 ? 153  ALA A CA    1 
ATOM   1210 C  C     . ALA A 1 153 ? 7.543   11.230  -15.130 1.00 12.05 ? 153  ALA A C     1 
ATOM   1211 O  O     . ALA A 1 153 ? 6.761   12.184  -15.226 1.00 12.48 ? 153  ALA A O     1 
ATOM   1212 C  CB    . ALA A 1 153 ? 9.654   11.058  -16.470 1.00 11.85 ? 153  ALA A CB    1 
ATOM   1213 N  N     . LEU A 1 154 ? 7.137   9.967   -15.024 1.00 10.77 ? 154  LEU A N     1 
ATOM   1214 C  CA    . LEU A 1 154 ? 5.716   9.632   -14.993 1.00 10.39 ? 154  LEU A CA    1 
ATOM   1215 C  C     . LEU A 1 154 ? 5.051   10.320  -13.799 1.00 10.39 ? 154  LEU A C     1 
ATOM   1216 O  O     . LEU A 1 154 ? 3.946   10.847  -13.913 1.00 10.40 ? 154  LEU A O     1 
ATOM   1217 C  CB    . LEU A 1 154 ? 5.520   8.109   -14.896 1.00 10.89 ? 154  LEU A CB    1 
ATOM   1218 C  CG    . LEU A 1 154 ? 5.895   7.307   -16.151 1.00 11.11 ? 154  LEU A CG    1 
ATOM   1219 C  CD1   . LEU A 1 154 ? 5.866   5.803   -15.839 1.00 11.93 ? 154  LEU A CD1   1 
ATOM   1220 C  CD2   . LEU A 1 154 ? 4.918   7.639   -17.295 1.00 13.59 ? 154  LEU A CD2   1 
ATOM   1221 N  N     . LEU A 1 155 ? 5.732   10.327  -12.660 1.00 9.42  ? 155  LEU A N     1 
ATOM   1222 C  CA    . LEU A 1 155 ? 5.183   10.968  -11.462 1.00 10.26 ? 155  LEU A CA    1 
ATOM   1223 C  C     . LEU A 1 155 ? 4.970   12.460  -11.720 1.00 11.39 ? 155  LEU A C     1 
ATOM   1224 O  O     . LEU A 1 155 ? 3.897   13.007  -11.463 1.00 10.71 ? 155  LEU A O     1 
ATOM   1225 C  CB    . LEU A 1 155 ? 6.132   10.797  -10.265 1.00 10.34 ? 155  LEU A CB    1 
ATOM   1226 C  CG    . LEU A 1 155 ? 5.592   11.369  -8.941  1.00 10.63 ? 155  LEU A CG    1 
ATOM   1227 C  CD1   . LEU A 1 155 ? 4.423   10.499  -8.451  1.00 10.97 ? 155  LEU A CD1   1 
ATOM   1228 C  CD2   . LEU A 1 155 ? 6.696   11.405  -7.897  1.00 10.99 ? 155  LEU A CD2   1 
ATOM   1229 N  N     . ALA A 1 156 ? 6.005   13.110  -12.240 1.00 12.68 ? 156  ALA A N     1 
ATOM   1230 C  CA    . ALA A 1 156 ? 5.943   14.543  -12.525 1.00 14.12 ? 156  ALA A CA    1 
ATOM   1231 C  C     . ALA A 1 156 ? 4.855   14.885  -13.539 1.00 15.60 ? 156  ALA A C     1 
ATOM   1232 O  O     . ALA A 1 156 ? 4.262   15.959  -13.471 1.00 16.10 ? 156  ALA A O     1 
ATOM   1233 C  CB    . ALA A 1 156 ? 7.295   15.031  -13.030 1.00 15.64 ? 156  ALA A CB    1 
ATOM   1234 N  N     . LYS A 1 157 ? 4.614   13.980  -14.482 1.00 15.64 ? 157  LYS A N     1 
ATOM   1235 C  CA    . LYS A 1 157 ? 3.600   14.174  -15.517 1.00 16.97 ? 157  LYS A CA    1 
ATOM   1236 C  C     . LYS A 1 157 ? 2.192   13.873  -15.021 1.00 16.68 ? 157  LYS A C     1 
ATOM   1237 O  O     . LYS A 1 157 ? 1.229   13.982  -15.782 1.00 17.14 ? 157  LYS A O     1 
ATOM   1238 C  CB    . LYS A 1 157 ? 3.892   13.283  -16.723 1.00 18.46 ? 157  LYS A CB    1 
ATOM   1239 C  CG    . LYS A 1 157 ? 5.110   13.682  -17.546 1.00 21.63 ? 157  LYS A CG    1 
ATOM   1240 C  CD    . LYS A 1 157 ? 5.222   12.760  -18.761 1.00 24.03 ? 157  LYS A CD    1 
ATOM   1241 C  CE    . LYS A 1 157 ? 6.250   13.253  -19.769 1.00 26.28 ? 157  LYS A CE    1 
ATOM   1242 N  NZ    . LYS A 1 157 ? 7.629   13.269  -19.211 1.00 28.51 ? 157  LYS A NZ    1 
ATOM   1243 N  N     . GLY A 1 158 ? 2.083   13.472  -13.755 1.00 15.39 ? 158  GLY A N     1 
ATOM   1244 C  CA    . GLY A 1 158 ? 0.791   13.158  -13.172 1.00 14.63 ? 158  GLY A CA    1 
ATOM   1245 C  C     . GLY A 1 158 ? 0.152   11.881  -13.687 1.00 14.16 ? 158  GLY A C     1 
ATOM   1246 O  O     . GLY A 1 158 ? -1.070  11.731  -13.639 1.00 14.78 ? 158  GLY A O     1 
ATOM   1247 N  N     . GLU A 1 159 ? 0.977   10.951  -14.164 1.00 12.80 ? 159  GLU A N     1 
ATOM   1248 C  CA    . GLU A 1 159 ? 0.487   9.696   -14.704 1.00 13.82 ? 159  GLU A CA    1 
ATOM   1249 C  C     . GLU A 1 159 ? 0.391   8.531   -13.721 1.00 12.99 ? 159  GLU A C     1 
ATOM   1250 O  O     . GLU A 1 159 ? -0.117  7.473   -14.077 1.00 13.14 ? 159  GLU A O     1 
ATOM   1251 C  CB    . GLU A 1 159 ? 1.337   9.294   -15.919 1.00 15.49 ? 159  GLU A CB    1 
ATOM   1252 C  CG    . GLU A 1 159 ? 1.190   10.278  -17.066 1.00 20.34 ? 159  GLU A CG    1 
ATOM   1253 C  CD    . GLU A 1 159 ? 1.866   9.812   -18.336 1.00 22.78 ? 159  GLU A CD    1 
ATOM   1254 O  OE1   . GLU A 1 159 ? 1.759   8.611   -18.663 1.00 24.85 ? 159  GLU A OE1   1 
ATOM   1255 O  OE2   . GLU A 1 159 ? 2.494   10.647  -19.014 1.00 26.46 ? 159  GLU A OE2   1 
ATOM   1256 N  N     . ILE A 1 160 ? 0.871   8.718   -12.493 1.00 10.94 ? 160  ILE A N     1 
ATOM   1257 C  CA    . ILE A 1 160 ? 0.801   7.656   -11.479 1.00 11.17 ? 160  ILE A CA    1 
ATOM   1258 C  C     . ILE A 1 160 ? -0.531  7.844   -10.751 1.00 11.13 ? 160  ILE A C     1 
ATOM   1259 O  O     . ILE A 1 160 ? -0.628  8.667   -9.852  1.00 14.34 ? 160  ILE A O     1 
ATOM   1260 C  CB    . ILE A 1 160 ? 1.962   7.778   -10.446 1.00 11.42 ? 160  ILE A CB    1 
ATOM   1261 C  CG1   . ILE A 1 160 ? 3.309   7.717   -11.168 1.00 12.25 ? 160  ILE A CG1   1 
ATOM   1262 C  CG2   . ILE A 1 160 ? 1.883   6.640   -9.409  1.00 10.35 ? 160  ILE A CG2   1 
ATOM   1263 C  CD1   . ILE A 1 160 ? 3.524   6.434   -11.941 1.00 13.36 ? 160  ILE A CD1   1 
ATOM   1264 N  N     . GLN A 1 161 ? -1.540  7.067   -11.128 1.00 9.83  ? 161  GLN A N     1 
ATOM   1265 C  CA    . GLN A 1 161 ? -2.876  7.205   -10.553 1.00 10.12 ? 161  GLN A CA    1 
ATOM   1266 C  C     . GLN A 1 161 ? -3.080  6.588   -9.177  1.00 9.17  ? 161  GLN A C     1 
ATOM   1267 O  O     . GLN A 1 161 ? -3.970  7.008   -8.433  1.00 9.53  ? 161  GLN A O     1 
ATOM   1268 C  CB    . GLN A 1 161 ? -3.910  6.651   -11.536 1.00 11.87 ? 161  GLN A CB    1 
ATOM   1269 C  CG    . GLN A 1 161 ? -4.033  7.513   -12.797 1.00 15.49 ? 161  GLN A CG    1 
ATOM   1270 C  CD    . GLN A 1 161 ? -4.948  6.886   -13.841 1.00 17.52 ? 161  GLN A CD    1 
ATOM   1271 O  OE1   . GLN A 1 161 ? -5.927  6.239   -13.502 1.00 20.66 ? 161  GLN A OE1   1 
ATOM   1272 N  NE2   . GLN A 1 161 ? -4.626  7.083   -15.116 1.00 20.94 ? 161  GLN A NE2   1 
ATOM   1273 N  N     . ASP A 1 162 ? -2.292  5.579   -8.839  1.00 7.34  ? 162  ASP A N     1 
ATOM   1274 C  CA    . ASP A 1 162 ? -2.440  4.975   -7.516  1.00 6.72  ? 162  ASP A CA    1 
ATOM   1275 C  C     . ASP A 1 162 ? -1.825  5.927   -6.491  1.00 6.66  ? 162  ASP A C     1 
ATOM   1276 O  O     . ASP A 1 162 ? -0.617  6.187   -6.521  1.00 6.92  ? 162  ASP A O     1 
ATOM   1277 C  CB    . ASP A 1 162 ? -1.730  3.631   -7.428  1.00 7.86  ? 162  ASP A CB    1 
ATOM   1278 C  CG    . ASP A 1 162 ? -1.854  3.023   -6.048  1.00 7.58  ? 162  ASP A CG    1 
ATOM   1279 O  OD1   . ASP A 1 162 ? -0.811  2.769   -5.408  1.00 8.52  ? 162  ASP A OD1   1 
ATOM   1280 O  OD2   . ASP A 1 162 ? -3.006  2.813   -5.594  1.00 9.20  ? 162  ASP A OD2   1 
ATOM   1281 N  N     . ALA A 1 163 ? -2.646  6.436   -5.573  1.00 6.49  ? 163  ALA A N     1 
ATOM   1282 C  CA    . ALA A 1 163 ? -2.144  7.394   -4.596  1.00 6.63  ? 163  ALA A CA    1 
ATOM   1283 C  C     . ALA A 1 163 ? -1.003  6.893   -3.739  1.00 6.15  ? 163  ALA A C     1 
ATOM   1284 O  O     . ALA A 1 163 ? -0.044  7.612   -3.513  1.00 6.61  ? 163  ALA A O     1 
ATOM   1285 C  CB    . ALA A 1 163 ? -3.276  7.870   -3.684  1.00 7.18  ? 163  ALA A CB    1 
ATOM   1286 N  N     . SER A 1 164 ? -1.111  5.660   -3.256  1.00 6.05  ? 164  SER A N     1 
ATOM   1287 C  CA    . SER A 1 164 ? -0.084  5.127   -2.373  1.00 6.50  ? 164  SER A CA    1 
ATOM   1288 C  C     . SER A 1 164 ? 1.256   4.988   -3.066  1.00 6.58  ? 164  SER A C     1 
ATOM   1289 O  O     . SER A 1 164 ? 2.301   5.264   -2.472  1.00 7.28  ? 164  SER A O     1 
ATOM   1290 C  CB    . SER A 1 164 ? -0.538  3.793   -1.796  1.00 7.28  ? 164  SER A CB    1 
ATOM   1291 O  OG    . SER A 1 164 ? -1.721  3.982   -1.033  1.00 8.46  ? 164  SER A OG    1 
ATOM   1292 N  N     . THR A 1 165 ? 1.219   4.584   -4.327  1.00 6.15  ? 165  THR A N     1 
ATOM   1293 C  CA    . THR A 1 165 ? 2.434   4.452   -5.120  1.00 6.18  ? 165  THR A CA    1 
ATOM   1294 C  C     . THR A 1 165 ? 3.029   5.840   -5.343  1.00 6.82  ? 165  THR A C     1 
ATOM   1295 O  O     . THR A 1 165 ? 4.230   6.040   -5.190  1.00 7.12  ? 165  THR A O     1 
ATOM   1296 C  CB    . THR A 1 165 ? 2.113   3.785   -6.464  1.00 6.70  ? 165  THR A CB    1 
ATOM   1297 O  OG1   . THR A 1 165 ? 1.730   2.426   -6.210  1.00 6.27  ? 165  THR A OG1   1 
ATOM   1298 C  CG2   . THR A 1 165 ? 3.332   3.813   -7.400  1.00 7.17  ? 165  THR A CG2   1 
ATOM   1299 N  N     . ALA A 1 166 ? 2.181   6.806   -5.684  1.00 6.59  ? 166  ALA A N     1 
ATOM   1300 C  CA    . ALA A 1 166 ? 2.674   8.160   -5.898  1.00 7.02  ? 166  ALA A CA    1 
ATOM   1301 C  C     . ALA A 1 166 ? 3.302   8.727   -4.626  1.00 6.47  ? 166  ALA A C     1 
ATOM   1302 O  O     . ALA A 1 166 ? 4.384   9.300   -4.673  1.00 6.87  ? 166  ALA A O     1 
ATOM   1303 C  CB    . ALA A 1 166 ? 1.536   9.078   -6.377  1.00 7.29  ? 166  ALA A CB    1 
ATOM   1304 N  N     . LEU A 1 167 ? 2.627   8.553   -3.489  1.00 6.47  ? 167  LEU A N     1 
ATOM   1305 C  CA    . LEU A 1 167 ? 3.141   9.085   -2.235  1.00 7.09  ? 167  LEU A CA    1 
ATOM   1306 C  C     . LEU A 1 167 ? 4.434   8.396   -1.815  1.00 7.47  ? 167  LEU A C     1 
ATOM   1307 O  O     . LEU A 1 167 ? 5.366   9.047   -1.315  1.00 7.97  ? 167  LEU A O     1 
ATOM   1308 C  CB    . LEU A 1 167 ? 2.069   8.969   -1.143  1.00 7.86  ? 167  LEU A CB    1 
ATOM   1309 C  CG    . LEU A 1 167 ? 2.345   9.625   0.207   1.00 8.36  ? 167  LEU A CG    1 
ATOM   1310 C  CD1   . LEU A 1 167 ? 2.772   11.085  0.021   1.00 8.32  ? 167  LEU A CD1   1 
ATOM   1311 C  CD2   . LEU A 1 167 ? 1.075   9.529   1.053   1.00 8.52  ? 167  LEU A CD2   1 
ATOM   1312 N  N     . THR A 1 168 ? 4.509   7.087   -2.041  1.00 6.77  ? 168  THR A N     1 
ATOM   1313 C  CA    . THR A 1 168 ? 5.720   6.341   -1.710  1.00 7.45  ? 168  THR A CA    1 
ATOM   1314 C  C     . THR A 1 168 ? 6.862   6.912   -2.550  1.00 8.00  ? 168  THR A C     1 
ATOM   1315 O  O     . THR A 1 168 ? 7.963   7.129   -2.048  1.00 7.59  ? 168  THR A O     1 
ATOM   1316 C  CB    . THR A 1 168 ? 5.522   4.838   -1.988  1.00 7.23  ? 168  THR A CB    1 
ATOM   1317 O  OG1   . THR A 1 168 ? 4.531   4.332   -1.081  1.00 7.95  ? 168  THR A OG1   1 
ATOM   1318 C  CG2   . THR A 1 168 ? 6.831   4.055   -1.782  1.00 7.41  ? 168  THR A CG2   1 
ATOM   1319 N  N     . LEU A 1 169 ? 6.604   7.175   -3.828  1.00 7.32  ? 169  LEU A N     1 
ATOM   1320 C  CA    . LEU A 1 169 ? 7.653   7.743   -4.675  1.00 7.87  ? 169  LEU A CA    1 
ATOM   1321 C  C     . LEU A 1 169 ? 8.106   9.117   -4.181  1.00 8.33  ? 169  LEU A C     1 
ATOM   1322 O  O     . LEU A 1 169 ? 9.299   9.419   -4.171  1.00 8.33  ? 169  LEU A O     1 
ATOM   1323 C  CB    . LEU A 1 169 ? 7.184   7.847   -6.133  1.00 7.56  ? 169  LEU A CB    1 
ATOM   1324 C  CG    . LEU A 1 169 ? 7.024   6.511   -6.868  1.00 8.40  ? 169  LEU A CG    1 
ATOM   1325 C  CD1   . LEU A 1 169 ? 6.201   6.734   -8.130  1.00 8.75  ? 169  LEU A CD1   1 
ATOM   1326 C  CD2   . LEU A 1 169 ? 8.391   5.931   -7.230  1.00 9.87  ? 169  LEU A CD2   1 
ATOM   1327 N  N     . PHE A 1 170 ? 7.167   9.958   -3.763  1.00 7.38  ? 170  PHE A N     1 
ATOM   1328 C  CA    . PHE A 1 170 ? 7.560   11.275  -3.279  1.00 6.89  ? 170  PHE A CA    1 
ATOM   1329 C  C     . PHE A 1 170 ? 8.403   11.166  -2.003  1.00 7.84  ? 170  PHE A C     1 
ATOM   1330 O  O     . PHE A 1 170 ? 9.413   11.871  -1.854  1.00 9.12  ? 170  PHE A O     1 
ATOM   1331 C  CB    . PHE A 1 170 ? 6.321   12.152  -3.029  1.00 7.13  ? 170  PHE A CB    1 
ATOM   1332 C  CG    . PHE A 1 170 ? 5.819   12.872  -4.265  1.00 7.84  ? 170  PHE A CG    1 
ATOM   1333 C  CD1   . PHE A 1 170 ? 6.617   13.813  -4.916  1.00 8.76  ? 170  PHE A CD1   1 
ATOM   1334 C  CD2   . PHE A 1 170 ? 4.538   12.618  -4.758  1.00 8.02  ? 170  PHE A CD2   1 
ATOM   1335 C  CE1   . PHE A 1 170 ? 6.145   14.496  -6.046  1.00 9.89  ? 170  PHE A CE1   1 
ATOM   1336 C  CE2   . PHE A 1 170 ? 4.056   13.287  -5.880  1.00 8.37  ? 170  PHE A CE2   1 
ATOM   1337 C  CZ    . PHE A 1 170 ? 4.861   14.230  -6.528  1.00 9.64  ? 170  PHE A CZ    1 
ATOM   1338 N  N     . TYR A 1 171 ? 8.009   10.286  -1.090  1.00 7.78  ? 171  TYR A N     1 
ATOM   1339 C  CA    . TYR A 1 171 ? 8.778   10.129  0.145   1.00 6.88  ? 171  TYR A CA    1 
ATOM   1340 C  C     . TYR A 1 171 ? 10.150  9.501   -0.119  1.00 8.21  ? 171  TYR A C     1 
ATOM   1341 O  O     . TYR A 1 171 ? 11.123  9.798   0.581   1.00 8.41  ? 171  TYR A O     1 
ATOM   1342 C  CB    . TYR A 1 171 ? 8.027   9.259   1.162   1.00 7.72  ? 171  TYR A CB    1 
ATOM   1343 C  CG    . TYR A 1 171 ? 6.896   9.968   1.868   1.00 6.67  ? 171  TYR A CG    1 
ATOM   1344 C  CD1   . TYR A 1 171 ? 7.054   11.262  2.350   1.00 6.96  ? 171  TYR A CD1   1 
ATOM   1345 C  CD2   . TYR A 1 171 ? 5.695   9.307   2.123   1.00 6.74  ? 171  TYR A CD2   1 
ATOM   1346 C  CE1   . TYR A 1 171 ? 6.041   11.889  3.079   1.00 8.69  ? 171  TYR A CE1   1 
ATOM   1347 C  CE2   . TYR A 1 171 ? 4.679   9.920   2.861   1.00 8.98  ? 171  TYR A CE2   1 
ATOM   1348 C  CZ    . TYR A 1 171 ? 4.864   11.210  3.333   1.00 8.18  ? 171  TYR A CZ    1 
ATOM   1349 O  OH    . TYR A 1 171 ? 3.868   11.798  4.084   1.00 9.12  ? 171  TYR A OH    1 
ATOM   1350 N  N     . ALA A 1 172 ? 10.230  8.643   -1.129  1.00 8.63  ? 172  ALA A N     1 
ATOM   1351 C  CA    . ALA A 1 172 ? 11.493  7.973   -1.442  1.00 8.65  ? 172  ALA A CA    1 
ATOM   1352 C  C     . ALA A 1 172 ? 12.521  8.838   -2.154  1.00 9.09  ? 172  ALA A C     1 
ATOM   1353 O  O     . ALA A 1 172 ? 13.731  8.615   -2.028  1.00 9.08  ? 172  ALA A O     1 
ATOM   1354 C  CB    . ALA A 1 172 ? 11.229  6.723   -2.297  1.00 8.77  ? 172  ALA A CB    1 
ATOM   1355 N  N     . GLU A 1 173 ? 12.032  9.817   -2.909  1.00 9.02  ? 173  GLU A N     1 
ATOM   1356 C  CA    . GLU A 1 173 ? 12.892  10.663  -3.720  1.00 10.60 ? 173  GLU A CA    1 
ATOM   1357 C  C     . GLU A 1 173 ? 14.151  11.221  -3.042  1.00 10.73 ? 173  GLU A C     1 
ATOM   1358 O  O     . GLU A 1 173 ? 15.254  11.014  -3.540  1.00 11.09 ? 173  GLU A O     1 
ATOM   1359 C  CB    . GLU A 1 173 ? 12.068  11.791  -4.351  1.00 11.22 ? 173  GLU A CB    1 
ATOM   1360 C  CG    . GLU A 1 173 ? 12.821  12.537  -5.444  1.00 13.76 ? 173  GLU A CG    1 
ATOM   1361 C  CD    . GLU A 1 173 ? 11.969  13.546  -6.181  1.00 16.78 ? 173  GLU A CD    1 
ATOM   1362 O  OE1   . GLU A 1 173 ? 10.773  13.688  -5.856  1.00 16.55 ? 173  GLU A OE1   1 
ATOM   1363 O  OE2   . GLU A 1 173 ? 12.506  14.196  -7.101  1.00 18.38 ? 173  GLU A OE2   1 
ATOM   1364 N  N     . PRO A 1 174 ? 14.009  11.914  -1.902  1.00 11.44 ? 174  PRO A N     1 
ATOM   1365 C  CA    . PRO A 1 174 ? 15.217  12.454  -1.249  1.00 11.84 ? 174  PRO A CA    1 
ATOM   1366 C  C     . PRO A 1 174 ? 16.247  11.384  -0.878  1.00 11.61 ? 174  PRO A C     1 
ATOM   1367 O  O     . PRO A 1 174 ? 17.459  11.620  -0.969  1.00 10.89 ? 174  PRO A O     1 
ATOM   1368 C  CB    . PRO A 1 174 ? 14.661  13.189  -0.027  1.00 12.78 ? 174  PRO A CB    1 
ATOM   1369 C  CG    . PRO A 1 174 ? 13.339  12.482  0.241   1.00 14.09 ? 174  PRO A CG    1 
ATOM   1370 C  CD    . PRO A 1 174 ? 12.796  12.288  -1.156  1.00 11.49 ? 174  PRO A CD    1 
ATOM   1371 N  N     . HIS A 1 175 ? 15.765  10.218  -0.461  1.00 10.88 ? 175  HIS A N     1 
ATOM   1372 C  CA    . HIS A 1 175 ? 16.648  9.113   -0.098  1.00 10.89 ? 175  HIS A CA    1 
ATOM   1373 C  C     . HIS A 1 175 ? 17.386  8.622   -1.335  1.00 11.17 ? 175  HIS A C     1 
ATOM   1374 O  O     . HIS A 1 175 ? 18.585  8.351   -1.293  1.00 10.43 ? 175  HIS A O     1 
ATOM   1375 C  CB    . HIS A 1 175 ? 15.845  7.954   0.489   1.00 12.24 ? 175  HIS A CB    1 
ATOM   1376 C  CG    . HIS A 1 175 ? 15.271  8.244   1.836   1.00 12.62 ? 175  HIS A CG    1 
ATOM   1377 N  ND1   . HIS A 1 175 ? 16.018  8.175   2.992   1.00 13.74 ? 175  HIS A ND1   1 
ATOM   1378 C  CD2   . HIS A 1 175 ? 14.025  8.620   2.212   1.00 14.04 ? 175  HIS A CD2   1 
ATOM   1379 C  CE1   . HIS A 1 175 ? 15.256  8.497   4.024   1.00 14.56 ? 175  HIS A CE1   1 
ATOM   1380 N  NE2   . HIS A 1 175 ? 14.042  8.772   3.578   1.00 14.92 ? 175  HIS A NE2   1 
ATOM   1381 N  N     . LEU A 1 176 ? 16.659  8.480   -2.437  1.00 10.50 ? 176  LEU A N     1 
ATOM   1382 C  CA    . LEU A 1 176 ? 17.277  8.021   -3.677  1.00 11.09 ? 176  LEU A CA    1 
ATOM   1383 C  C     . LEU A 1 176 ? 18.352  8.995   -4.160  1.00 11.33 ? 176  LEU A C     1 
ATOM   1384 O  O     . LEU A 1 176 ? 19.408  8.573   -4.637  1.00 11.53 ? 176  LEU A O     1 
ATOM   1385 C  CB    . LEU A 1 176 ? 16.214  7.821   -4.758  1.00 10.63 ? 176  LEU A CB    1 
ATOM   1386 C  CG    . LEU A 1 176 ? 15.266  6.651   -4.458  1.00 10.39 ? 176  LEU A CG    1 
ATOM   1387 C  CD1   . LEU A 1 176 ? 14.150  6.597   -5.496  1.00 11.37 ? 176  LEU A CD1   1 
ATOM   1388 C  CD2   . LEU A 1 176 ? 16.054  5.335   -4.472  1.00 11.13 ? 176  LEU A CD2   1 
ATOM   1389 N  N     . LYS A 1 177 ? 18.096  10.291  -4.027  1.00 11.37 ? 177  LYS A N     1 
ATOM   1390 C  CA    . LYS A 1 177 ? 19.090  11.273  -4.451  1.00 12.27 ? 177  LYS A CA    1 
ATOM   1391 C  C     . LYS A 1 177 ? 20.307  11.205  -3.530  1.00 12.87 ? 177  LYS A C     1 
ATOM   1392 O  O     . LYS A 1 177 ? 21.451  11.268  -3.989  1.00 12.98 ? 177  LYS A O     1 
ATOM   1393 C  CB    . LYS A 1 177 ? 18.474  12.671  -4.462  1.00 13.98 ? 177  LYS A CB    1 
ATOM   1394 C  CG    . LYS A 1 177 ? 17.458  12.832  -5.596  1.00 15.85 ? 177  LYS A CG    1 
ATOM   1395 C  CD    . LYS A 1 177 ? 16.831  14.212  -5.652  1.00 18.83 ? 177  LYS A CD    1 
ATOM   1396 C  CE    . LYS A 1 177 ? 15.872  14.303  -6.833  1.00 20.88 ? 177  LYS A CE    1 
ATOM   1397 N  NZ    . LYS A 1 177 ? 15.301  15.665  -7.020  1.00 22.53 ? 177  LYS A NZ    1 
ATOM   1398 N  N     . ARG A 1 178 ? 20.054  11.032  -2.237  1.00 12.23 ? 178  ARG A N     1 
ATOM   1399 C  CA    . ARG A 1 178 ? 21.117  10.946  -1.233  1.00 12.87 ? 178  ARG A CA    1 
ATOM   1400 C  C     . ARG A 1 178 ? 22.008  9.737   -1.478  1.00 13.80 ? 178  ARG A C     1 
ATOM   1401 O  O     . ARG A 1 178 ? 23.234  9.812   -1.356  1.00 13.36 ? 178  ARG A O     1 
ATOM   1402 C  CB    . ARG A 1 178 ? 20.490  10.861  0.169   1.00 14.20 ? 178  ARG A CB    1 
ATOM   1403 C  CG    . ARG A 1 178 ? 21.437  10.505  1.298   1.00 15.90 ? 178  ARG A CG    1 
ATOM   1404 C  CD    . ARG A 1 178 ? 20.707  10.552  2.649   1.00 17.58 ? 178  ARG A CD    1 
ATOM   1405 N  NE    . ARG A 1 178 ? 19.674  9.519   2.794   1.00 18.03 ? 178  ARG A NE    1 
ATOM   1406 C  CZ    . ARG A 1 178 ? 19.924  8.237   3.050   1.00 18.49 ? 178  ARG A CZ    1 
ATOM   1407 N  NH1   . ARG A 1 178 ? 21.175  7.820   3.188   1.00 19.49 ? 178  ARG A NH1   1 
ATOM   1408 N  NH2   . ARG A 1 178 ? 18.920  7.371   3.196   1.00 18.42 ? 178  ARG A NH2   1 
ATOM   1409 N  N     . LEU A 1 179 ? 21.382  8.624   -1.838  1.00 13.17 ? 179  LEU A N     1 
ATOM   1410 C  CA    . LEU A 1 179 ? 22.101  7.385   -2.090  1.00 13.97 ? 179  LEU A CA    1 
ATOM   1411 C  C     . LEU A 1 179 ? 22.774  7.339   -3.461  1.00 14.20 ? 179  LEU A C     1 
ATOM   1412 O  O     . LEU A 1 179 ? 23.549  6.429   -3.738  1.00 15.54 ? 179  LEU A O     1 
ATOM   1413 C  CB    . LEU A 1 179 ? 21.137  6.203   -1.941  1.00 14.03 ? 179  LEU A CB    1 
ATOM   1414 C  CG    . LEU A 1 179 ? 20.575  6.039   -0.525  1.00 14.66 ? 179  LEU A CG    1 
ATOM   1415 C  CD1   . LEU A 1 179 ? 19.396  5.061   -0.554  1.00 15.67 ? 179  LEU A CD1   1 
ATOM   1416 C  CD2   . LEU A 1 179 ? 21.674  5.533   0.407   1.00 16.02 ? 179  LEU A CD2   1 
ATOM   1417 N  N     . GLY A 1 180 ? 22.465  8.310   -4.318  1.00 14.03 ? 180  GLY A N     1 
ATOM   1418 C  CA    . GLY A 1 180 ? 23.076  8.358   -5.638  1.00 14.41 ? 180  GLY A CA    1 
ATOM   1419 C  C     . GLY A 1 180 ? 22.412  7.474   -6.680  1.00 14.76 ? 180  GLY A C     1 
ATOM   1420 O  O     . GLY A 1 180 ? 23.001  7.167   -7.716  1.00 14.58 ? 180  GLY A O     1 
ATOM   1421 N  N     . LEU A 1 181 ? 21.177  7.067   -6.409  1.00 14.41 ? 181  LEU A N     1 
ATOM   1422 C  CA    . LEU A 1 181 ? 20.438  6.213   -7.329  1.00 14.65 ? 181  LEU A CA    1 
ATOM   1423 C  C     . LEU A 1 181 ? 19.531  7.028   -8.248  1.00 15.64 ? 181  LEU A C     1 
ATOM   1424 O  O     . LEU A 1 181 ? 18.971  6.493   -9.207  1.00 16.64 ? 181  LEU A O     1 
ATOM   1425 C  CB    . LEU A 1 181 ? 19.605  5.205   -6.533  1.00 15.82 ? 181  LEU A CB    1 
ATOM   1426 C  CG    . LEU A 1 181 ? 20.431  4.210   -5.710  1.00 16.37 ? 181  LEU A CG    1 
ATOM   1427 C  CD1   . LEU A 1 181 ? 19.581  3.570   -4.613  1.00 16.56 ? 181  LEU A CD1   1 
ATOM   1428 C  CD2   . LEU A 1 181 ? 21.000  3.158   -6.638  1.00 17.52 ? 181  LEU A CD2   1 
ATOM   1429 N  N     . LEU A 1 182 ? 19.405  8.319   -7.957  1.00 16.00 ? 182  LEU A N     1 
ATOM   1430 C  CA    . LEU A 1 182 ? 18.565  9.224   -8.732  1.00 16.97 ? 182  LEU A CA    1 
ATOM   1431 C  C     . LEU A 1 182 ? 19.203  10.608  -8.784  1.00 17.85 ? 182  LEU A C     1 
ATOM   1432 O  O     . LEU A 1 182 ? 19.988  10.926  -7.866  1.00 18.22 ? 182  LEU A O     1 
ATOM   1433 C  CB    . LEU A 1 182 ? 17.178  9.322   -8.076  1.00 16.65 ? 182  LEU A CB    1 
ATOM   1434 C  CG    . LEU A 1 182 ? 16.119  10.164  -8.797  1.00 17.23 ? 182  LEU A CG    1 
ATOM   1435 C  CD1   . LEU A 1 182 ? 15.825  9.507   -10.142 1.00 16.65 ? 182  LEU A CD1   1 
ATOM   1436 C  CD2   . LEU A 1 182 ? 14.851  10.266  -7.955  1.00 17.41 ? 182  LEU A CD2   1 
ATOM   1437 O  OXT   . LEU A 1 182 ? 18.891  11.376  -9.716  1.00 19.13 ? 182  LEU A OXT   1 
HETATM 1438 MG MG    . MG  B 2 .   ? -0.126  -9.551  -2.831  1.00 8.44  ? 1001 MG  A MG    1 
HETATM 1439 MG MG    . MG  C 2 .   ? -0.674  -6.485  -3.548  1.00 6.63  ? 1002 MG  A MG    1 
HETATM 1440 MG MG    . MG  D 2 .   ? -1.281  -10.387 0.523   1.00 7.80  ? 1003 MG  A MG    1 
HETATM 1441 P  P     . AMP E 3 .   ? -2.592  -8.030  -1.278  1.00 7.68  ? 2001 AMP A P     1 
HETATM 1442 O  O1P   . AMP E 3 .   ? -1.403  -8.023  -2.251  1.00 7.89  ? 2001 AMP A O1P   1 
HETATM 1443 O  O2P   . AMP E 3 .   ? -3.129  -6.649  -1.139  1.00 9.45  ? 2001 AMP A O2P   1 
HETATM 1444 O  O3P   . AMP E 3 .   ? -2.195  -8.575  0.112   1.00 8.01  ? 2001 AMP A O3P   1 
HETATM 1445 O  "O5'" . AMP E 3 .   ? -3.870  -8.827  -1.841  1.00 12.73 ? 2001 AMP A "O5'" 1 
HETATM 1446 C  "C5'" . AMP E 3 .   ? -3.983  -10.135 -2.131  1.00 18.03 ? 2001 AMP A "C5'" 1 
HETATM 1447 C  "C4'" . AMP E 3 .   ? -5.461  -10.520 -2.422  1.00 17.83 ? 2001 AMP A "C4'" 1 
HETATM 1448 O  "O4'" . AMP E 3 .   ? -6.564  -9.972  -1.604  1.00 17.47 ? 2001 AMP A "O4'" 1 
HETATM 1449 C  "C3'" . AMP E 3 .   ? -5.856  -10.339 -3.884  1.00 20.26 ? 2001 AMP A "C3'" 1 
HETATM 1450 O  "O3'" . AMP E 3 .   ? -5.943  -11.567 -4.548  1.00 21.24 ? 2001 AMP A "O3'" 1 
HETATM 1451 C  "C2'" . AMP E 3 .   ? -7.169  -9.597  -3.868  1.00 19.22 ? 2001 AMP A "C2'" 1 
HETATM 1452 O  "O2'" . AMP E 3 .   ? -8.112  -10.072 -4.811  1.00 23.42 ? 2001 AMP A "O2'" 1 
HETATM 1453 C  "C1'" . AMP E 3 .   ? -7.687  -9.682  -2.445  1.00 16.58 ? 2001 AMP A "C1'" 1 
HETATM 1454 N  N9    . AMP E 3 .   ? -8.497  -8.459  -2.130  1.00 13.04 ? 2001 AMP A N9    1 
HETATM 1455 C  C8    . AMP E 3 .   ? -8.067  -7.187  -1.832  1.00 11.88 ? 2001 AMP A C8    1 
HETATM 1456 N  N7    . AMP E 3 .   ? -9.159  -6.369  -1.671  1.00 11.24 ? 2001 AMP A N7    1 
HETATM 1457 C  C5    . AMP E 3 .   ? -10.269 -7.122  -1.869  1.00 10.80 ? 2001 AMP A C5    1 
HETATM 1458 C  C6    . AMP E 3 .   ? -11.627 -6.776  -1.847  1.00 10.54 ? 2001 AMP A C6    1 
HETATM 1459 N  N6    . AMP E 3 .   ? -11.994 -5.522  -1.613  1.00 9.71  ? 2001 AMP A N6    1 
HETATM 1460 N  N1    . AMP E 3 .   ? -12.565 -7.802  -2.098  1.00 9.33  ? 2001 AMP A N1    1 
HETATM 1461 C  C2    . AMP E 3 .   ? -12.178 -9.115  -2.357  1.00 9.04  ? 2001 AMP A C2    1 
HETATM 1462 N  N3    . AMP E 3 .   ? -10.820 -9.447  -2.388  1.00 10.29 ? 2001 AMP A N3    1 
HETATM 1463 C  C4    . AMP E 3 .   ? -9.884  -8.442  -2.144  1.00 11.57 ? 2001 AMP A C4    1 
HETATM 1464 O  O     . HOH F 4 .   ? 0.070   -5.309  -4.947  1.00 6.93  ? 2002 HOH A O     1 
HETATM 1465 O  O     . HOH F 4 .   ? 0.911   -11.269 -3.391  1.00 7.37  ? 2003 HOH A O     1 
HETATM 1466 O  O     . HOH F 4 .   ? -1.314  -10.861 -1.579  1.00 7.45  ? 2004 HOH A O     1 
HETATM 1467 O  O     . HOH F 4 .   ? -7.217  4.903   5.875   1.00 6.42  ? 2005 HOH A O     1 
HETATM 1468 O  O     . HOH F 4 .   ? -2.083  -5.079  -2.843  1.00 7.02  ? 2006 HOH A O     1 
HETATM 1469 O  O     . HOH F 4 .   ? -0.391  -12.359 0.574   1.00 9.30  ? 2007 HOH A O     1 
HETATM 1470 O  O     . HOH F 4 .   ? 0.332   -2.547  -5.135  1.00 8.37  ? 2008 HOH A O     1 
HETATM 1471 O  O     . HOH F 4 .   ? -2.026  -7.272  -4.890  1.00 7.33  ? 2009 HOH A O     1 
HETATM 1472 O  O     . HOH F 4 .   ? 4.160   13.791  6.052   1.00 10.56 ? 2010 HOH A O     1 
HETATM 1473 O  O     . HOH F 4 .   ? -1.367  -10.241 2.568   1.00 10.52 ? 2011 HOH A O     1 
HETATM 1474 O  O     . HOH F 4 .   ? -10.711 10.290  3.722   1.00 8.52  ? 2012 HOH A O     1 
HETATM 1475 O  O     . HOH F 4 .   ? -3.410  3.937   -3.161  1.00 10.79 ? 2013 HOH A O     1 
HETATM 1476 O  O     . HOH F 4 .   ? -0.777  4.125   -10.905 1.00 11.43 ? 2014 HOH A O     1 
HETATM 1477 O  O     . HOH F 4 .   ? -9.343  -3.819  -0.667  1.00 10.67 ? 2015 HOH A O     1 
HETATM 1478 O  O     . HOH F 4 .   ? -3.249  0.202   -4.937  1.00 11.36 ? 2016 HOH A O     1 
HETATM 1479 O  O     . HOH F 4 .   ? 11.519  -10.103 -0.427  1.00 12.88 ? 2017 HOH A O     1 
HETATM 1480 O  O     . HOH F 4 .   ? 13.666  -9.253  1.038   1.00 11.94 ? 2018 HOH A O     1 
HETATM 1481 O  O     . HOH F 4 .   ? 7.314   -15.907 -5.106  1.00 13.02 ? 2019 HOH A O     1 
HETATM 1482 O  O     . HOH F 4 .   ? -5.776  0.265   11.718  1.00 13.59 ? 2020 HOH A O     1 
HETATM 1483 O  O     . HOH F 4 .   ? 6.938   2.498   6.968   1.00 14.30 ? 2021 HOH A O     1 
HETATM 1484 O  O     . HOH F 4 .   ? -9.234  -0.744  3.876   1.00 11.97 ? 2022 HOH A O     1 
HETATM 1485 O  O     . HOH F 4 .   ? 4.962   -10.672 -11.325 1.00 14.45 ? 2023 HOH A O     1 
HETATM 1486 O  O     . HOH F 4 .   ? -15.360 11.444  8.564   1.00 14.39 ? 2024 HOH A O     1 
HETATM 1487 O  O     . HOH F 4 .   ? -20.861 -6.237  15.844  1.00 15.80 ? 2025 HOH A O     1 
HETATM 1488 O  O     . HOH F 4 .   ? -3.527  -6.081  8.856   1.00 14.72 ? 2026 HOH A O     1 
HETATM 1489 O  O     . HOH F 4 .   ? -3.189  -11.382 0.669   1.00 16.63 ? 2027 HOH A O     1 
HETATM 1490 O  O     . HOH F 4 .   ? 17.328  5.810   -13.798 1.00 17.20 ? 2028 HOH A O     1 
HETATM 1491 O  O     . HOH F 4 .   ? 8.487   -3.392  10.479  1.00 16.75 ? 2029 HOH A O     1 
HETATM 1492 O  O     . HOH F 4 .   ? -1.387  3.697   -13.736 1.00 14.92 ? 2030 HOH A O     1 
HETATM 1493 O  O     . HOH F 4 .   ? 2.188   10.296  5.309   1.00 12.47 ? 2031 HOH A O     1 
HETATM 1494 O  O     . HOH F 4 .   ? 8.756   -11.693 5.324   1.00 14.98 ? 2032 HOH A O     1 
HETATM 1495 O  O     . HOH F 4 .   ? 6.681   -10.827 11.287  1.00 18.36 ? 2033 HOH A O     1 
HETATM 1496 O  O     . HOH F 4 .   ? -5.242  -5.361  -2.521  1.00 15.36 ? 2034 HOH A O     1 
HETATM 1497 O  O     . HOH F 4 .   ? -6.228  -0.122  -17.797 1.00 20.38 ? 2035 HOH A O     1 
HETATM 1498 O  O     . HOH F 4 .   ? -25.581 -7.371  9.694   1.00 19.05 ? 2036 HOH A O     1 
HETATM 1499 O  O     . HOH F 4 .   ? 25.695  7.688   -8.036  1.00 16.58 ? 2037 HOH A O     1 
HETATM 1500 O  O     . HOH F 4 .   ? 19.832  -0.395  -4.772  1.00 13.73 ? 2038 HOH A O     1 
HETATM 1501 O  O     . HOH F 4 .   ? -8.684  -6.362  -8.731  1.00 16.31 ? 2039 HOH A O     1 
HETATM 1502 O  O     . HOH F 4 .   ? 6.177   -12.914 7.007   1.00 18.18 ? 2040 HOH A O     1 
HETATM 1503 O  O     . HOH F 4 .   ? 4.338   -15.991 0.757   1.00 18.19 ? 2041 HOH A O     1 
HETATM 1504 O  O     . HOH F 4 .   ? 9.848   14.186  -3.195  1.00 18.09 ? 2042 HOH A O     1 
HETATM 1505 O  O     . HOH F 4 .   ? -12.938 10.160  1.516   1.00 23.59 ? 2043 HOH A O     1 
HETATM 1506 O  O     . HOH F 4 .   ? -5.065  -7.709  -8.885  1.00 18.21 ? 2044 HOH A O     1 
HETATM 1507 O  O     . HOH F 4 .   ? 1.729   -17.113 -9.456  1.00 29.32 ? 2045 HOH A O     1 
HETATM 1508 O  O     . HOH F 4 .   ? 17.264  11.496  2.647   1.00 24.05 ? 2046 HOH A O     1 
HETATM 1509 O  O     . HOH F 4 .   ? -1.811  -1.478  -3.604  1.00 20.14 ? 2047 HOH A O     1 
HETATM 1510 O  O     . HOH F 4 .   ? -3.797  -15.021 -10.029 1.00 22.49 ? 2048 HOH A O     1 
HETATM 1511 O  O     . HOH F 4 .   ? -16.990 0.522   -9.948  1.00 18.99 ? 2049 HOH A O     1 
HETATM 1512 O  O     . HOH F 4 .   ? 15.144  -19.224 -6.294  1.00 18.56 ? 2050 HOH A O     1 
HETATM 1513 O  O     . HOH F 4 .   ? 16.366  -3.344  6.530   1.00 21.49 ? 2051 HOH A O     1 
HETATM 1514 O  O     . HOH F 4 .   ? 20.070  -5.199  -7.460  1.00 24.92 ? 2052 HOH A O     1 
HETATM 1515 O  O     . HOH F 4 .   ? 0.926   5.122   -14.595 1.00 24.67 ? 2053 HOH A O     1 
HETATM 1516 O  O     . HOH F 4 .   ? -18.416 15.170  21.284  1.00 18.98 ? 2054 HOH A O     1 
HETATM 1517 O  O     . HOH F 4 .   ? 5.147   -10.690 -14.553 1.00 25.87 ? 2055 HOH A O     1 
HETATM 1518 O  O     . HOH F 4 .   ? 3.230   9.291   9.323   1.00 23.43 ? 2056 HOH A O     1 
HETATM 1519 O  O     . HOH F 4 .   ? 12.913  -20.521 -7.562  1.00 20.76 ? 2057 HOH A O     1 
HETATM 1520 O  O     . HOH F 4 .   ? -10.460 -12.342 -1.976  1.00 26.27 ? 2058 HOH A O     1 
HETATM 1521 O  O     . HOH F 4 .   ? -27.205 8.790   9.625   1.00 24.89 ? 2059 HOH A O     1 
HETATM 1522 O  O     . HOH F 4 .   ? -14.916 -3.003  -13.038 1.00 22.48 ? 2060 HOH A O     1 
HETATM 1523 O  O     . HOH F 4 .   ? -5.335  -6.345  0.700   1.00 21.34 ? 2061 HOH A O     1 
HETATM 1524 O  O     . HOH F 4 .   ? 5.370   7.051   10.164  1.00 30.70 ? 2062 HOH A O     1 
HETATM 1525 O  O     . HOH F 4 .   ? 11.530  9.954   4.982   1.00 26.61 ? 2063 HOH A O     1 
HETATM 1526 O  O     . HOH F 4 .   ? -16.706 3.689   18.181  1.00 24.78 ? 2064 HOH A O     1 
HETATM 1527 O  O     . HOH F 4 .   ? 9.464   -10.664 -11.645 1.00 24.37 ? 2065 HOH A O     1 
HETATM 1528 O  O     . HOH F 4 .   ? 0.530   -15.291 1.151   1.00 28.81 ? 2066 HOH A O     1 
HETATM 1529 O  O     . HOH F 4 .   ? 10.490  -7.867  11.065  1.00 35.96 ? 2067 HOH A O     1 
HETATM 1530 O  O     . HOH F 4 .   ? 2.081   -14.711 6.629   1.00 38.76 ? 2068 HOH A O     1 
HETATM 1531 O  O     . HOH F 4 .   ? -25.302 8.728   7.977   1.00 29.52 ? 2069 HOH A O     1 
HETATM 1532 O  O     . HOH F 4 .   ? 18.108  6.568   -16.454 1.00 34.42 ? 2070 HOH A O     1 
HETATM 1533 O  O     . HOH F 4 .   ? -6.089  -13.806 -1.475  1.00 36.20 ? 2071 HOH A O     1 
HETATM 1534 O  O     . HOH F 4 .   ? 16.957  -8.463  -10.687 1.00 29.83 ? 2072 HOH A O     1 
HETATM 1535 O  O     . HOH F 4 .   ? 0.389   -7.475  12.861  1.00 33.58 ? 2073 HOH A O     1 
HETATM 1536 O  O     . HOH F 4 .   ? -18.895 -12.527 1.168   1.00 26.45 ? 2074 HOH A O     1 
HETATM 1537 O  O     . HOH F 4 .   ? 18.337  -12.295 -2.265  1.00 31.15 ? 2075 HOH A O     1 
HETATM 1538 O  O     . HOH F 4 .   ? -19.930 -3.219  20.136  1.00 26.38 ? 2076 HOH A O     1 
HETATM 1539 O  O     . HOH F 4 .   ? 18.695  7.192   -11.823 1.00 27.75 ? 2077 HOH A O     1 
HETATM 1540 O  O     . HOH F 4 .   ? 10.292  -5.220  -17.529 1.00 27.94 ? 2078 HOH A O     1 
HETATM 1541 O  O     . HOH F 4 .   ? 13.619  6.079   7.820   1.00 29.63 ? 2079 HOH A O     1 
HETATM 1542 O  O     . HOH F 4 .   ? -1.993  7.302   -15.961 1.00 28.60 ? 2080 HOH A O     1 
HETATM 1543 O  O     . HOH F 4 .   ? 2.950   -12.040 -12.791 1.00 27.42 ? 2081 HOH A O     1 
HETATM 1544 O  O     . HOH F 4 .   ? 0.534   -15.247 -2.704  1.00 29.16 ? 2082 HOH A O     1 
HETATM 1545 O  O     . HOH F 4 .   ? -5.200  8.884   -0.663  1.00 29.23 ? 2083 HOH A O     1 
HETATM 1546 O  O     . HOH F 4 .   ? 19.817  5.107   4.614   1.00 33.97 ? 2084 HOH A O     1 
HETATM 1547 O  O     . HOH F 4 .   ? -19.663 -12.210 5.789   1.00 32.03 ? 2085 HOH A O     1 
HETATM 1548 O  O     . HOH F 4 .   ? 13.037  12.166  -14.087 1.00 26.48 ? 2086 HOH A O     1 
HETATM 1549 O  O     . HOH F 4 .   ? -11.403 -5.764  12.523  1.00 39.58 ? 2087 HOH A O     1 
HETATM 1550 O  O     . HOH F 4 .   ? -0.874  -13.924 2.801   1.00 39.51 ? 2088 HOH A O     1 
HETATM 1551 O  O     . HOH F 4 .   ? -12.737 7.202   18.770  1.00 30.22 ? 2089 HOH A O     1 
HETATM 1552 O  O     . HOH F 4 .   ? -18.552 -7.202  14.955  1.00 29.25 ? 2090 HOH A O     1 
HETATM 1553 O  O     . HOH F 4 .   ? -27.417 2.003   12.044  1.00 32.44 ? 2091 HOH A O     1 
HETATM 1554 O  O     . HOH F 4 .   ? 8.595   -18.945 -6.406  1.00 27.30 ? 2092 HOH A O     1 
HETATM 1555 O  O     . HOH F 4 .   ? -6.797  3.678   12.120  1.00 27.53 ? 2093 HOH A O     1 
HETATM 1556 O  O     . HOH F 4 .   ? 2.440   -5.148  12.730  1.00 29.37 ? 2094 HOH A O     1 
HETATM 1557 O  O     . HOH F 4 .   ? -22.750 10.724  23.662  1.00 33.93 ? 2095 HOH A O     1 
HETATM 1558 O  O     . HOH F 4 .   ? -27.568 -1.596  13.095  1.00 32.69 ? 2096 HOH A O     1 
HETATM 1559 O  O     . HOH F 4 .   ? 11.575  -8.525  8.322   1.00 36.33 ? 2097 HOH A O     1 
HETATM 1560 O  O     . HOH F 4 .   ? -25.777 0.370   13.350  1.00 32.72 ? 2098 HOH A O     1 
HETATM 1561 O  O     . HOH F 4 .   ? -25.974 -8.490  7.273   1.00 35.49 ? 2099 HOH A O     1 
HETATM 1562 O  O     . HOH F 4 .   ? 11.074  -11.000 6.912   1.00 32.63 ? 2100 HOH A O     1 
HETATM 1563 O  O     . HOH F 4 .   ? -14.672 3.486   0.210   1.00 19.45 ? 2101 HOH A O     1 
HETATM 1564 O  O     . HOH F 4 .   ? 8.775   4.473   -19.218 1.00 41.15 ? 2102 HOH A O     1 
HETATM 1565 O  O     . HOH F 4 .   ? 21.415  -2.365  1.239   1.00 24.72 ? 2103 HOH A O     1 
HETATM 1566 O  O     . HOH F 4 .   ? -0.149  -0.866  11.620  1.00 19.53 ? 2104 HOH A O     1 
HETATM 1567 O  O     . HOH F 4 .   ? 6.229   1.579   9.417   1.00 36.82 ? 2105 HOH A O     1 
HETATM 1568 O  O     . HOH F 4 .   ? -21.600 12.452  22.112  1.00 40.44 ? 2106 HOH A O     1 
HETATM 1569 O  O     . HOH F 4 .   ? -17.887 4.722   22.440  1.00 35.41 ? 2107 HOH A O     1 
HETATM 1570 O  O     . HOH F 4 .   ? -15.992 5.816   19.759  1.00 33.45 ? 2108 HOH A O     1 
HETATM 1571 O  O     . HOH F 4 .   ? -19.286 -5.751  18.308  1.00 33.66 ? 2109 HOH A O     1 
HETATM 1572 O  O     . HOH F 4 .   ? -30.714 12.032  16.377  1.00 36.63 ? 2110 HOH A O     1 
HETATM 1573 O  O     . HOH F 4 .   ? -26.362 13.523  13.101  1.00 37.45 ? 2111 HOH A O     1 
HETATM 1574 O  O     . HOH F 4 .   ? -14.495 2.979   16.453  1.00 39.05 ? 2112 HOH A O     1 
HETATM 1575 O  O     . HOH F 4 .   ? -10.578 -7.110  10.208  1.00 33.57 ? 2113 HOH A O     1 
HETATM 1576 O  O     . HOH F 4 .   ? -1.768  -5.562  11.183  1.00 33.55 ? 2114 HOH A O     1 
HETATM 1577 O  O     . HOH F 4 .   ? 22.379  0.411   -3.977  1.00 25.09 ? 2115 HOH A O     1 
HETATM 1578 O  O     . HOH F 4 .   ? -4.773  2.708   -16.464 1.00 37.48 ? 2116 HOH A O     1 
HETATM 1579 O  O     . HOH F 4 .   ? 2.634   -1.885  -17.759 1.00 34.24 ? 2117 HOH A O     1 
HETATM 1580 O  O     . HOH F 4 .   ? 6.942   -12.877 9.643   1.00 32.81 ? 2118 HOH A O     1 
HETATM 1581 O  O     . HOH F 4 .   ? 9.933   -1.450  10.068  1.00 32.03 ? 2119 HOH A O     1 
HETATM 1582 O  O     . HOH F 4 .   ? 12.834  -0.985  8.035   1.00 36.28 ? 2120 HOH A O     1 
HETATM 1583 O  O     . HOH F 4 .   ? 9.759   -12.958 2.758   1.00 28.78 ? 2121 HOH A O     1 
HETATM 1584 O  O     . HOH F 4 .   ? 15.138  -11.213 2.052   1.00 32.02 ? 2122 HOH A O     1 
HETATM 1585 O  O     . HOH F 4 .   ? -12.719 14.345  1.292   1.00 19.12 ? 2123 HOH A O     1 
HETATM 1586 O  O     . HOH F 4 .   ? -12.768 12.146  2.716   1.00 28.77 ? 2124 HOH A O     1 
HETATM 1587 O  O     . HOH F 4 .   ? -11.540 2.760   1.093   0.50 24.60 ? 2125 HOH A O     1 
HETATM 1588 O  O     . HOH F 4 .   ? -2.890  -0.759  11.886  1.00 32.58 ? 2126 HOH A O     1 
HETATM 1589 O  O     . HOH F 4 .   ? -2.801  -3.228  12.249  1.00 31.16 ? 2127 HOH A O     1 
HETATM 1590 O  O     . HOH F 4 .   ? 23.589  -7.684  -4.032  1.00 33.81 ? 2128 HOH A O     1 
HETATM 1591 O  O     . HOH F 4 .   ? 20.269  -8.047  -2.752  1.00 26.90 ? 2129 HOH A O     1 
HETATM 1592 O  O     . HOH F 4 .   ? -24.558 15.431  14.193  1.00 31.16 ? 2130 HOH A O     1 
HETATM 1593 O  O     . HOH F 4 .   ? -0.385  -11.584 -15.971 1.00 33.65 ? 2131 HOH A O     1 
HETATM 1594 O  O     . HOH F 4 .   ? 11.205  11.395  2.766   1.00 30.52 ? 2132 HOH A O     1 
HETATM 1595 O  O     . HOH F 4 .   ? 18.459  14.112  -0.748  1.00 26.36 ? 2133 HOH A O     1 
HETATM 1596 O  O     . HOH F 4 .   ? 18.816  13.950  1.855   1.00 29.56 ? 2134 HOH A O     1 
HETATM 1597 O  O     . HOH F 4 .   ? 20.986  14.781  -1.974  1.00 35.92 ? 2135 HOH A O     1 
HETATM 1598 O  O     . HOH F 4 .   ? -9.987  -3.129  1.956   1.00 28.60 ? 2136 HOH A O     1 
HETATM 1599 O  O     . HOH F 4 .   ? -7.703  -13.010 -3.321  1.00 37.55 ? 2137 HOH A O     1 
HETATM 1600 O  O     . HOH F 4 .   ? 24.729  4.416   -1.806  1.00 34.88 ? 2138 HOH A O     1 
HETATM 1601 O  O     . HOH F 4 .   ? 19.813  -10.272 -1.325  1.00 44.48 ? 2139 HOH A O     1 
# 
loop_
_pdbx_poly_seq_scheme.asym_id 
_pdbx_poly_seq_scheme.entity_id 
_pdbx_poly_seq_scheme.seq_id 
_pdbx_poly_seq_scheme.mon_id 
_pdbx_poly_seq_scheme.ndb_seq_num 
_pdbx_poly_seq_scheme.pdb_seq_num 
_pdbx_poly_seq_scheme.auth_seq_num 
_pdbx_poly_seq_scheme.pdb_mon_id 
_pdbx_poly_seq_scheme.auth_mon_id 
_pdbx_poly_seq_scheme.pdb_strand_id 
_pdbx_poly_seq_scheme.pdb_ins_code 
_pdbx_poly_seq_scheme.hetero 
A 1 1   MET 1   1   1   MET MET A . n 
A 1 2   SER 2   2   2   SER SER A . n 
A 1 3   PRO 3   3   3   PRO PRO A . n 
A 1 4   TRP 4   4   4   TRP TRP A . n 
A 1 5   GLU 5   5   5   GLU GLU A . n 
A 1 6   ARG 6   6   6   ARG ARG A . n 
A 1 7   ILE 7   7   7   ILE ILE A . n 
A 1 8   LEU 8   8   8   LEU LEU A . n 
A 1 9   LEU 9   9   9   LEU LEU A . n 
A 1 10  GLU 10  10  10  GLU GLU A . n 
A 1 11  GLU 11  11  11  GLU GLU A . n 
A 1 12  ILE 12  12  12  ILE ILE A . n 
A 1 13  LEU 13  13  13  LEU LEU A . n 
A 1 14  SER 14  14  14  SER SER A . n 
A 1 15  GLU 15  15  15  GLU GLU A . n 
A 1 16  PRO 16  16  16  PRO PRO A . n 
A 1 17  VAL 17  17  17  VAL VAL A . n 
A 1 18  ARG 18  18  18  ARG ARG A . n 
A 1 19  LEU 19  19  19  LEU LEU A . n 
A 1 20  VAL 20  20  20  VAL VAL A . n 
A 1 21  LYS 21  21  21  LYS LYS A . n 
A 1 22  GLU 22  22  22  GLU GLU A . n 
A 1 23  ARG 23  23  23  ARG ARG A . n 
A 1 24  VAL 24  24  24  VAL VAL A . n 
A 1 25  ARG 25  25  25  ARG ARG A . n 
A 1 26  THR 26  26  26  THR THR A . n 
A 1 27  HIS 27  27  27  HIS HIS A . n 
A 1 28  THR 28  28  28  THR THR A . n 
A 1 29  GLY 29  29  29  GLY GLY A . n 
A 1 30  ARG 30  30  30  ARG ARG A . n 
A 1 31  GLU 31  31  31  GLU GLU A . n 
A 1 32  LEU 32  32  32  LEU LEU A . n 
A 1 33  THR 33  33  33  THR THR A . n 
A 1 34  TYR 34  34  34  TYR TYR A . n 
A 1 35  VAL 35  35  35  VAL VAL A . n 
A 1 36  TYR 36  36  36  TYR TYR A . n 
A 1 37  ARG 37  37  37  ARG ARG A . n 
A 1 38  PRO 38  38  38  PRO PRO A . n 
A 1 39  GLY 39  39  39  GLY GLY A . n 
A 1 40  PRO 40  40  40  PRO PRO A . n 
A 1 41  VAL 41  41  41  VAL VAL A . n 
A 1 42  ALA 42  42  42  ALA ALA A . n 
A 1 43  ALA 43  43  43  ALA ALA A . n 
A 1 44  SER 44  44  44  SER SER A . n 
A 1 45  PHE 45  45  45  PHE PHE A . n 
A 1 46  VAL 46  46  46  VAL VAL A . n 
A 1 47  LEU 47  47  47  LEU LEU A . n 
A 1 48  PRO 48  48  48  PRO PRO A . n 
A 1 49  VAL 49  49  49  VAL VAL A . n 
A 1 50  THR 50  50  50  THR THR A . n 
A 1 51  GLU 51  51  51  GLU GLU A . n 
A 1 52  ARG 52  52  52  ARG ARG A . n 
A 1 53  GLY 53  53  53  GLY GLY A . n 
A 1 54  THR 54  54  54  THR THR A . n 
A 1 55  ALA 55  55  55  ALA ALA A . n 
A 1 56  LEU 56  56  56  LEU LEU A . n 
A 1 57  LEU 57  57  57  LEU LEU A . n 
A 1 58  VAL 58  58  58  VAL VAL A . n 
A 1 59  ARG 59  59  59  ARG ARG A . n 
A 1 60  GLN 60  60  60  GLN GLN A . n 
A 1 61  TYR 61  61  61  TYR TYR A . n 
A 1 62  ARG 62  62  62  ARG ARG A . n 
A 1 63  HIS 63  63  63  HIS HIS A . n 
A 1 64  PRO 64  64  64  PRO PRO A . n 
A 1 65  THR 65  65  65  THR THR A . n 
A 1 66  GLY 66  66  66  GLY GLY A . n 
A 1 67  LYS 67  67  67  LYS LYS A . n 
A 1 68  PHE 68  68  68  PHE PHE A . n 
A 1 69  LEU 69  69  69  LEU LEU A . n 
A 1 70  LEU 70  70  70  LEU LEU A . n 
A 1 71  GLU 71  71  71  GLU GLU A . n 
A 1 72  VAL 72  72  72  VAL VAL A . n 
A 1 73  PRO 73  73  73  PRO PRO A . n 
A 1 74  ALA 74  74  74  ALA ALA A . n 
A 1 75  GLY 75  75  75  GLY GLY A . n 
A 1 76  LYS 76  76  76  LYS LYS A . n 
A 1 77  VAL 77  77  77  VAL VAL A . n 
A 1 78  ASP 78  78  78  ASP ASP A . n 
A 1 79  GLU 79  79  79  GLU GLU A . n 
A 1 80  GLY 80  80  80  GLY GLY A . n 
A 1 81  GLU 81  81  81  GLU GLU A . n 
A 1 82  THR 82  82  82  THR THR A . n 
A 1 83  PRO 83  83  83  PRO PRO A . n 
A 1 84  GLU 84  84  84  GLU GLU A . n 
A 1 85  ALA 85  85  85  ALA ALA A . n 
A 1 86  ALA 86  86  86  ALA ALA A . n 
A 1 87  ALA 87  87  87  ALA ALA A . n 
A 1 88  ARG 88  88  88  ARG ARG A . n 
A 1 89  ARG 89  89  89  ARG ARG A . n 
A 1 90  GLU 90  90  90  GLU GLU A . n 
A 1 91  LEU 91  91  91  LEU LEU A . n 
A 1 92  ARG 92  92  92  ARG ARG A . n 
A 1 93  GLU 93  93  93  GLU GLU A . n 
A 1 94  GLU 94  94  94  GLU GLU A . n 
A 1 95  VAL 95  95  95  VAL VAL A . n 
A 1 96  GLY 96  96  96  GLY GLY A . n 
A 1 97  ALA 97  97  97  ALA ALA A . n 
A 1 98  GLU 98  98  98  GLU GLU A . n 
A 1 99  ALA 99  99  99  ALA ALA A . n 
A 1 100 GLU 100 100 100 GLU GLU A . n 
A 1 101 THR 101 101 101 THR THR A . n 
A 1 102 LEU 102 102 102 LEU LEU A . n 
A 1 103 ILE 103 103 103 ILE ILE A . n 
A 1 104 PRO 104 104 104 PRO PRO A . n 
A 1 105 LEU 105 105 105 LEU LEU A . n 
A 1 106 PRO 106 106 106 PRO PRO A . n 
A 1 107 SER 107 107 107 SER SER A . n 
A 1 108 PHE 108 108 108 PHE PHE A . n 
A 1 109 HIS 109 109 109 HIS HIS A . n 
A 1 110 PRO 110 110 110 PRO PRO A . n 
A 1 111 GLN 111 111 111 GLN GLN A . n 
A 1 112 PRO 112 112 112 PRO PRO A . n 
A 1 113 SER 113 113 113 SER SER A . n 
A 1 114 PHE 114 114 114 PHE PHE A . n 
A 1 115 THR 115 115 115 THR THR A . n 
A 1 116 ALA 116 116 116 ALA ALA A . n 
A 1 117 VAL 117 117 117 VAL VAL A . n 
A 1 118 VAL 118 118 118 VAL VAL A . n 
A 1 119 PHE 119 119 119 PHE PHE A . n 
A 1 120 HIS 120 120 120 HIS HIS A . n 
A 1 121 PRO 121 121 121 PRO PRO A . n 
A 1 122 PHE 122 122 122 PHE PHE A . n 
A 1 123 LEU 123 123 123 LEU LEU A . n 
A 1 124 ALA 124 124 124 ALA ALA A . n 
A 1 125 LEU 125 125 125 LEU LEU A . n 
A 1 126 LYS 126 126 126 LYS LYS A . n 
A 1 127 ALA 127 127 127 ALA ALA A . n 
A 1 128 ARG 128 128 128 ARG ARG A . n 
A 1 129 VAL 129 129 129 VAL VAL A . n 
A 1 130 VAL 130 130 130 VAL VAL A . n 
A 1 131 THR 131 131 131 THR THR A . n 
A 1 132 PRO 132 132 132 PRO PRO A . n 
A 1 133 PRO 133 133 133 PRO PRO A . n 
A 1 134 THR 134 134 134 THR THR A . n 
A 1 135 LEU 135 135 135 LEU LEU A . n 
A 1 136 GLU 136 136 136 GLU GLU A . n 
A 1 137 GLU 137 137 137 GLU GLU A . n 
A 1 138 GLY 138 138 138 GLY GLY A . n 
A 1 139 GLU 139 139 139 GLU GLU A . n 
A 1 140 LEU 140 140 140 LEU LEU A . n 
A 1 141 LEU 141 141 141 LEU LEU A . n 
A 1 142 GLU 142 142 142 GLU GLU A . n 
A 1 143 SER 143 143 143 SER SER A . n 
A 1 144 LEU 144 144 144 LEU LEU A . n 
A 1 145 GLU 145 145 145 GLU GLU A . n 
A 1 146 LEU 146 146 146 LEU LEU A . n 
A 1 147 PRO 147 147 147 PRO PRO A . n 
A 1 148 LEU 148 148 148 LEU LEU A . n 
A 1 149 THR 149 149 149 THR THR A . n 
A 1 150 GLU 150 150 150 GLU GLU A . n 
A 1 151 VAL 151 151 151 VAL VAL A . n 
A 1 152 TYR 152 152 152 TYR TYR A . n 
A 1 153 ALA 153 153 153 ALA ALA A . n 
A 1 154 LEU 154 154 154 LEU LEU A . n 
A 1 155 LEU 155 155 155 LEU LEU A . n 
A 1 156 ALA 156 156 156 ALA ALA A . n 
A 1 157 LYS 157 157 157 LYS LYS A . n 
A 1 158 GLY 158 158 158 GLY GLY A . n 
A 1 159 GLU 159 159 159 GLU GLU A . n 
A 1 160 ILE 160 160 160 ILE ILE A . n 
A 1 161 GLN 161 161 161 GLN GLN A . n 
A 1 162 ASP 162 162 162 ASP ASP A . n 
A 1 163 ALA 163 163 163 ALA ALA A . n 
A 1 164 SER 164 164 164 SER SER A . n 
A 1 165 THR 165 165 165 THR THR A . n 
A 1 166 ALA 166 166 166 ALA ALA A . n 
A 1 167 LEU 167 167 167 LEU LEU A . n 
A 1 168 THR 168 168 168 THR THR A . n 
A 1 169 LEU 169 169 169 LEU LEU A . n 
A 1 170 PHE 170 170 170 PHE PHE A . n 
A 1 171 TYR 171 171 171 TYR TYR A . n 
A 1 172 ALA 172 172 172 ALA ALA A . n 
A 1 173 GLU 173 173 173 GLU GLU A . n 
A 1 174 PRO 174 174 174 PRO PRO A . n 
A 1 175 HIS 175 175 175 HIS HIS A . n 
A 1 176 LEU 176 176 176 LEU LEU A . n 
A 1 177 LYS 177 177 177 LYS LYS A . n 
A 1 178 ARG 178 178 178 ARG ARG A . n 
A 1 179 LEU 179 179 179 LEU LEU A . n 
A 1 180 GLY 180 180 180 GLY GLY A . n 
A 1 181 LEU 181 181 181 LEU LEU A . n 
A 1 182 LEU 182 182 182 LEU LEU A . n 
# 
_pdbx_SG_project.id                    1 
_pdbx_SG_project.project_name          'NPPSFA, National Project on Protein Structural and Functional Analyses' 
_pdbx_SG_project.full_name_of_center   'RIKEN Structural Genomics/Proteomics Initiative' 
_pdbx_SG_project.initial_of_center     RSGI 
# 
loop_
_pdbx_nonpoly_scheme.asym_id 
_pdbx_nonpoly_scheme.entity_id 
_pdbx_nonpoly_scheme.mon_id 
_pdbx_nonpoly_scheme.ndb_seq_num 
_pdbx_nonpoly_scheme.pdb_seq_num 
_pdbx_nonpoly_scheme.auth_seq_num 
_pdbx_nonpoly_scheme.pdb_mon_id 
_pdbx_nonpoly_scheme.auth_mon_id 
_pdbx_nonpoly_scheme.pdb_strand_id 
_pdbx_nonpoly_scheme.pdb_ins_code 
B 2 MG  1   1001 1001 MG  MG  A . 
C 2 MG  1   1002 1002 MG  MG  A . 
D 2 MG  1   1003 1003 MG  MG  A . 
E 3 AMP 1   2001 2001 AMP AMP A . 
F 4 HOH 1   2002 1    HOH HOH A . 
F 4 HOH 2   2003 2    HOH HOH A . 
F 4 HOH 3   2004 3    HOH HOH A . 
F 4 HOH 4   2005 4    HOH HOH A . 
F 4 HOH 5   2006 5    HOH HOH A . 
F 4 HOH 6   2007 6    HOH HOH A . 
F 4 HOH 7   2008 7    HOH HOH A . 
F 4 HOH 8   2009 8    HOH HOH A . 
F 4 HOH 9   2010 9    HOH HOH A . 
F 4 HOH 10  2011 10   HOH HOH A . 
F 4 HOH 11  2012 11   HOH HOH A . 
F 4 HOH 12  2013 12   HOH HOH A . 
F 4 HOH 13  2014 13   HOH HOH A . 
F 4 HOH 14  2015 14   HOH HOH A . 
F 4 HOH 15  2016 15   HOH HOH A . 
F 4 HOH 16  2017 16   HOH HOH A . 
F 4 HOH 17  2018 17   HOH HOH A . 
F 4 HOH 18  2019 18   HOH HOH A . 
F 4 HOH 19  2020 19   HOH HOH A . 
F 4 HOH 20  2021 20   HOH HOH A . 
F 4 HOH 21  2022 21   HOH HOH A . 
F 4 HOH 22  2023 22   HOH HOH A . 
F 4 HOH 23  2024 23   HOH HOH A . 
F 4 HOH 24  2025 24   HOH HOH A . 
F 4 HOH 25  2026 25   HOH HOH A . 
F 4 HOH 26  2027 26   HOH HOH A . 
F 4 HOH 27  2028 27   HOH HOH A . 
F 4 HOH 28  2029 28   HOH HOH A . 
F 4 HOH 29  2030 29   HOH HOH A . 
F 4 HOH 30  2031 30   HOH HOH A . 
F 4 HOH 31  2032 31   HOH HOH A . 
F 4 HOH 32  2033 32   HOH HOH A . 
F 4 HOH 33  2034 33   HOH HOH A . 
F 4 HOH 34  2035 34   HOH HOH A . 
F 4 HOH 35  2036 35   HOH HOH A . 
F 4 HOH 36  2037 36   HOH HOH A . 
F 4 HOH 37  2038 37   HOH HOH A . 
F 4 HOH 38  2039 38   HOH HOH A . 
F 4 HOH 39  2040 39   HOH HOH A . 
F 4 HOH 40  2041 40   HOH HOH A . 
F 4 HOH 41  2042 41   HOH HOH A . 
F 4 HOH 42  2043 42   HOH HOH A . 
F 4 HOH 43  2044 43   HOH HOH A . 
F 4 HOH 44  2045 44   HOH HOH A . 
F 4 HOH 45  2046 45   HOH HOH A . 
F 4 HOH 46  2047 46   HOH HOH A . 
F 4 HOH 47  2048 47   HOH HOH A . 
F 4 HOH 48  2049 48   HOH HOH A . 
F 4 HOH 49  2050 49   HOH HOH A . 
F 4 HOH 50  2051 50   HOH HOH A . 
F 4 HOH 51  2052 51   HOH HOH A . 
F 4 HOH 52  2053 52   HOH HOH A . 
F 4 HOH 53  2054 53   HOH HOH A . 
F 4 HOH 54  2055 54   HOH HOH A . 
F 4 HOH 55  2056 55   HOH HOH A . 
F 4 HOH 56  2057 56   HOH HOH A . 
F 4 HOH 57  2058 57   HOH HOH A . 
F 4 HOH 58  2059 58   HOH HOH A . 
F 4 HOH 59  2060 59   HOH HOH A . 
F 4 HOH 60  2061 60   HOH HOH A . 
F 4 HOH 61  2062 61   HOH HOH A . 
F 4 HOH 62  2063 62   HOH HOH A . 
F 4 HOH 63  2064 63   HOH HOH A . 
F 4 HOH 64  2065 64   HOH HOH A . 
F 4 HOH 65  2066 65   HOH HOH A . 
F 4 HOH 66  2067 66   HOH HOH A . 
F 4 HOH 67  2068 67   HOH HOH A . 
F 4 HOH 68  2069 68   HOH HOH A . 
F 4 HOH 69  2070 69   HOH HOH A . 
F 4 HOH 70  2071 70   HOH HOH A . 
F 4 HOH 71  2072 71   HOH HOH A . 
F 4 HOH 72  2073 72   HOH HOH A . 
F 4 HOH 73  2074 73   HOH HOH A . 
F 4 HOH 74  2075 74   HOH HOH A . 
F 4 HOH 75  2076 75   HOH HOH A . 
F 4 HOH 76  2077 76   HOH HOH A . 
F 4 HOH 77  2078 77   HOH HOH A . 
F 4 HOH 78  2079 78   HOH HOH A . 
F 4 HOH 79  2080 79   HOH HOH A . 
F 4 HOH 80  2081 80   HOH HOH A . 
F 4 HOH 81  2082 81   HOH HOH A . 
F 4 HOH 82  2083 82   HOH HOH A . 
F 4 HOH 83  2084 83   HOH HOH A . 
F 4 HOH 84  2085 84   HOH HOH A . 
F 4 HOH 85  2086 85   HOH HOH A . 
F 4 HOH 86  2087 86   HOH HOH A . 
F 4 HOH 87  2088 87   HOH HOH A . 
F 4 HOH 88  2089 88   HOH HOH A . 
F 4 HOH 89  2090 89   HOH HOH A . 
F 4 HOH 90  2091 90   HOH HOH A . 
F 4 HOH 91  2092 91   HOH HOH A . 
F 4 HOH 92  2093 92   HOH HOH A . 
F 4 HOH 93  2094 93   HOH HOH A . 
F 4 HOH 94  2095 94   HOH HOH A . 
F 4 HOH 95  2096 95   HOH HOH A . 
F 4 HOH 96  2097 96   HOH HOH A . 
F 4 HOH 97  2098 97   HOH HOH A . 
F 4 HOH 98  2099 98   HOH HOH A . 
F 4 HOH 99  2100 99   HOH HOH A . 
F 4 HOH 100 2101 100  HOH HOH A . 
F 4 HOH 101 2102 101  HOH HOH A . 
F 4 HOH 102 2103 102  HOH HOH A . 
F 4 HOH 103 2104 103  HOH HOH A . 
F 4 HOH 104 2105 104  HOH HOH A . 
F 4 HOH 105 2106 105  HOH HOH A . 
F 4 HOH 106 2107 106  HOH HOH A . 
F 4 HOH 107 2108 107  HOH HOH A . 
F 4 HOH 108 2109 108  HOH HOH A . 
F 4 HOH 109 2110 109  HOH HOH A . 
F 4 HOH 110 2111 110  HOH HOH A . 
F 4 HOH 111 2112 111  HOH HOH A . 
F 4 HOH 112 2113 112  HOH HOH A . 
F 4 HOH 113 2114 113  HOH HOH A . 
F 4 HOH 114 2115 114  HOH HOH A . 
F 4 HOH 115 2116 115  HOH HOH A . 
F 4 HOH 116 2117 116  HOH HOH A . 
F 4 HOH 117 2118 117  HOH HOH A . 
F 4 HOH 118 2119 118  HOH HOH A . 
F 4 HOH 119 2120 119  HOH HOH A . 
F 4 HOH 120 2121 120  HOH HOH A . 
F 4 HOH 121 2122 121  HOH HOH A . 
F 4 HOH 122 2123 122  HOH HOH A . 
F 4 HOH 123 2124 123  HOH HOH A . 
F 4 HOH 124 2125 124  HOH HOH A . 
F 4 HOH 125 2126 125  HOH HOH A . 
F 4 HOH 126 2127 126  HOH HOH A . 
F 4 HOH 127 2128 127  HOH HOH A . 
F 4 HOH 128 2129 128  HOH HOH A . 
F 4 HOH 129 2130 129  HOH HOH A . 
F 4 HOH 130 2131 130  HOH HOH A . 
F 4 HOH 131 2132 131  HOH HOH A . 
F 4 HOH 132 2133 132  HOH HOH A . 
F 4 HOH 133 2134 133  HOH HOH A . 
F 4 HOH 134 2135 134  HOH HOH A . 
F 4 HOH 135 2136 135  HOH HOH A . 
F 4 HOH 136 2137 136  HOH HOH A . 
F 4 HOH 137 2138 137  HOH HOH A . 
F 4 HOH 138 2139 138  HOH HOH A . 
# 
_pdbx_struct_assembly.id                   1 
_pdbx_struct_assembly.details              author_and_software_defined_assembly 
_pdbx_struct_assembly.method_details       PISA,PQS 
_pdbx_struct_assembly.oligomeric_details   dimeric 
_pdbx_struct_assembly.oligomeric_count     2 
# 
_pdbx_struct_assembly_gen.assembly_id       1 
_pdbx_struct_assembly_gen.oper_expression   1,2 
_pdbx_struct_assembly_gen.asym_id_list      A,B,C,D,E,F 
# 
loop_
_pdbx_struct_assembly_prop.biol_id 
_pdbx_struct_assembly_prop.type 
_pdbx_struct_assembly_prop.value 
_pdbx_struct_assembly_prop.details 
1 'ABSA (A^2)' 7030  ? 
1 MORE         -106  ? 
1 'SSA (A^2)'  15480 ? 
# 
loop_
_pdbx_struct_oper_list.id 
_pdbx_struct_oper_list.type 
_pdbx_struct_oper_list.name 
_pdbx_struct_oper_list.symmetry_operation 
_pdbx_struct_oper_list.matrix[1][1] 
_pdbx_struct_oper_list.matrix[1][2] 
_pdbx_struct_oper_list.matrix[1][3] 
_pdbx_struct_oper_list.vector[1] 
_pdbx_struct_oper_list.matrix[2][1] 
_pdbx_struct_oper_list.matrix[2][2] 
_pdbx_struct_oper_list.matrix[2][3] 
_pdbx_struct_oper_list.vector[2] 
_pdbx_struct_oper_list.matrix[3][1] 
_pdbx_struct_oper_list.matrix[3][2] 
_pdbx_struct_oper_list.matrix[3][3] 
_pdbx_struct_oper_list.vector[3] 
1 'identity operation'         1_555 x,y,z         1.0000000000 0.0000000000 0.0000000000  0.0000000000  0.0000000000 1.0000000000  0.0000000000  0.0000000000  0.0000000000  0.0000000000  1.0000000000  0.0000000000  
2 'crystal symmetry operation' 3_656 -x+1,y,-z+3/2 0.3270279583 0.8866402372 -0.3269889973 -9.8599214907 0.8866402372 -0.4076003409 -0.2184743737 14.3644991973 -0.3269889973 -0.2184743737 -0.9194276174 -1.0650159875 
# 
_pdbx_struct_special_symmetry.id              1 
_pdbx_struct_special_symmetry.PDB_model_num   1 
_pdbx_struct_special_symmetry.auth_asym_id    A 
_pdbx_struct_special_symmetry.auth_comp_id    HOH 
_pdbx_struct_special_symmetry.auth_seq_id     2125 
_pdbx_struct_special_symmetry.PDB_ins_code    ? 
_pdbx_struct_special_symmetry.label_asym_id   F 
_pdbx_struct_special_symmetry.label_comp_id   HOH 
_pdbx_struct_special_symmetry.label_seq_id    . 
# 
loop_
_pdbx_audit_revision_history.ordinal 
_pdbx_audit_revision_history.data_content_type 
_pdbx_audit_revision_history.major_revision 
_pdbx_audit_revision_history.minor_revision 
_pdbx_audit_revision_history.revision_date 
1 'Structure model' 1 0 2008-02-26 
2 'Structure model' 1 1 2011-07-13 
3 'Structure model' 1 2 2023-10-25 
# 
_pdbx_audit_revision_details.ordinal             1 
_pdbx_audit_revision_details.revision_ordinal    1 
_pdbx_audit_revision_details.data_content_type   'Structure model' 
_pdbx_audit_revision_details.provider            repository 
_pdbx_audit_revision_details.type                'Initial release' 
_pdbx_audit_revision_details.description         ? 
_pdbx_audit_revision_details.details             ? 
# 
loop_
_pdbx_audit_revision_group.ordinal 
_pdbx_audit_revision_group.revision_ordinal 
_pdbx_audit_revision_group.data_content_type 
_pdbx_audit_revision_group.group 
1 2 'Structure model' 'Derived calculations'      
2 2 'Structure model' 'Source and taxonomy'       
3 2 'Structure model' 'Version format compliance' 
4 3 'Structure model' 'Data collection'           
5 3 'Structure model' 'Database references'       
6 3 'Structure model' 'Derived calculations'      
7 3 'Structure model' 'Refinement description'    
# 
loop_
_pdbx_audit_revision_category.ordinal 
_pdbx_audit_revision_category.revision_ordinal 
_pdbx_audit_revision_category.data_content_type 
_pdbx_audit_revision_category.category 
1 3 'Structure model' chem_comp_atom                
2 3 'Structure model' chem_comp_bond                
3 3 'Structure model' database_2                    
4 3 'Structure model' pdbx_initial_refinement_model 
5 3 'Structure model' struct_site                   
# 
loop_
_pdbx_audit_revision_item.ordinal 
_pdbx_audit_revision_item.revision_ordinal 
_pdbx_audit_revision_item.data_content_type 
_pdbx_audit_revision_item.item 
1 3 'Structure model' '_database_2.pdbx_DOI'                
2 3 'Structure model' '_database_2.pdbx_database_accession' 
3 3 'Structure model' '_struct_site.pdbx_auth_asym_id'      
4 3 'Structure model' '_struct_site.pdbx_auth_comp_id'      
5 3 'Structure model' '_struct_site.pdbx_auth_seq_id'       
# 
loop_
_software.name 
_software.classification 
_software.version 
_software.citation_id 
_software.pdbx_ordinal 
MLPHARE   phasing           .   ? 1 
CNS       refinement        1.1 ? 2 
HKL-2000  'data collection' .   ? 3 
HKL-2000  'data reduction'  .   ? 4 
SCALEPACK 'data scaling'    .   ? 5 
# 
loop_
_pdbx_validate_torsion.id 
_pdbx_validate_torsion.PDB_model_num 
_pdbx_validate_torsion.auth_comp_id 
_pdbx_validate_torsion.auth_asym_id 
_pdbx_validate_torsion.auth_seq_id 
_pdbx_validate_torsion.PDB_ins_code 
_pdbx_validate_torsion.label_alt_id 
_pdbx_validate_torsion.phi 
_pdbx_validate_torsion.psi 
1 1 GLU A 100 ? ? -95.35  -103.57 
2 1 GLN A 111 ? ? -154.90 77.70   
# 
loop_
_chem_comp_atom.comp_id 
_chem_comp_atom.atom_id 
_chem_comp_atom.type_symbol 
_chem_comp_atom.pdbx_aromatic_flag 
_chem_comp_atom.pdbx_stereo_config 
_chem_comp_atom.pdbx_ordinal 
ALA N      N  N N 1   
ALA CA     C  N S 2   
ALA C      C  N N 3   
ALA O      O  N N 4   
ALA CB     C  N N 5   
ALA OXT    O  N N 6   
ALA H      H  N N 7   
ALA H2     H  N N 8   
ALA HA     H  N N 9   
ALA HB1    H  N N 10  
ALA HB2    H  N N 11  
ALA HB3    H  N N 12  
ALA HXT    H  N N 13  
AMP P      P  N N 14  
AMP O1P    O  N N 15  
AMP O2P    O  N N 16  
AMP O3P    O  N N 17  
AMP "O5'"  O  N N 18  
AMP "C5'"  C  N N 19  
AMP "C4'"  C  N R 20  
AMP "O4'"  O  N N 21  
AMP "C3'"  C  N S 22  
AMP "O3'"  O  N N 23  
AMP "C2'"  C  N R 24  
AMP "O2'"  O  N N 25  
AMP "C1'"  C  N R 26  
AMP N9     N  Y N 27  
AMP C8     C  Y N 28  
AMP N7     N  Y N 29  
AMP C5     C  Y N 30  
AMP C6     C  Y N 31  
AMP N6     N  N N 32  
AMP N1     N  Y N 33  
AMP C2     C  Y N 34  
AMP N3     N  Y N 35  
AMP C4     C  Y N 36  
AMP HOP2   H  N N 37  
AMP HOP3   H  N N 38  
AMP "H5'1" H  N N 39  
AMP "H5'2" H  N N 40  
AMP "H4'"  H  N N 41  
AMP "H3'"  H  N N 42  
AMP "HO3'" H  N N 43  
AMP "H2'"  H  N N 44  
AMP "HO2'" H  N N 45  
AMP "H1'"  H  N N 46  
AMP H8     H  N N 47  
AMP HN61   H  N N 48  
AMP HN62   H  N N 49  
AMP H2     H  N N 50  
ARG N      N  N N 51  
ARG CA     C  N S 52  
ARG C      C  N N 53  
ARG O      O  N N 54  
ARG CB     C  N N 55  
ARG CG     C  N N 56  
ARG CD     C  N N 57  
ARG NE     N  N N 58  
ARG CZ     C  N N 59  
ARG NH1    N  N N 60  
ARG NH2    N  N N 61  
ARG OXT    O  N N 62  
ARG H      H  N N 63  
ARG H2     H  N N 64  
ARG HA     H  N N 65  
ARG HB2    H  N N 66  
ARG HB3    H  N N 67  
ARG HG2    H  N N 68  
ARG HG3    H  N N 69  
ARG HD2    H  N N 70  
ARG HD3    H  N N 71  
ARG HE     H  N N 72  
ARG HH11   H  N N 73  
ARG HH12   H  N N 74  
ARG HH21   H  N N 75  
ARG HH22   H  N N 76  
ARG HXT    H  N N 77  
ASP N      N  N N 78  
ASP CA     C  N S 79  
ASP C      C  N N 80  
ASP O      O  N N 81  
ASP CB     C  N N 82  
ASP CG     C  N N 83  
ASP OD1    O  N N 84  
ASP OD2    O  N N 85  
ASP OXT    O  N N 86  
ASP H      H  N N 87  
ASP H2     H  N N 88  
ASP HA     H  N N 89  
ASP HB2    H  N N 90  
ASP HB3    H  N N 91  
ASP HD2    H  N N 92  
ASP HXT    H  N N 93  
GLN N      N  N N 94  
GLN CA     C  N S 95  
GLN C      C  N N 96  
GLN O      O  N N 97  
GLN CB     C  N N 98  
GLN CG     C  N N 99  
GLN CD     C  N N 100 
GLN OE1    O  N N 101 
GLN NE2    N  N N 102 
GLN OXT    O  N N 103 
GLN H      H  N N 104 
GLN H2     H  N N 105 
GLN HA     H  N N 106 
GLN HB2    H  N N 107 
GLN HB3    H  N N 108 
GLN HG2    H  N N 109 
GLN HG3    H  N N 110 
GLN HE21   H  N N 111 
GLN HE22   H  N N 112 
GLN HXT    H  N N 113 
GLU N      N  N N 114 
GLU CA     C  N S 115 
GLU C      C  N N 116 
GLU O      O  N N 117 
GLU CB     C  N N 118 
GLU CG     C  N N 119 
GLU CD     C  N N 120 
GLU OE1    O  N N 121 
GLU OE2    O  N N 122 
GLU OXT    O  N N 123 
GLU H      H  N N 124 
GLU H2     H  N N 125 
GLU HA     H  N N 126 
GLU HB2    H  N N 127 
GLU HB3    H  N N 128 
GLU HG2    H  N N 129 
GLU HG3    H  N N 130 
GLU HE2    H  N N 131 
GLU HXT    H  N N 132 
GLY N      N  N N 133 
GLY CA     C  N N 134 
GLY C      C  N N 135 
GLY O      O  N N 136 
GLY OXT    O  N N 137 
GLY H      H  N N 138 
GLY H2     H  N N 139 
GLY HA2    H  N N 140 
GLY HA3    H  N N 141 
GLY HXT    H  N N 142 
HIS N      N  N N 143 
HIS CA     C  N S 144 
HIS C      C  N N 145 
HIS O      O  N N 146 
HIS CB     C  N N 147 
HIS CG     C  Y N 148 
HIS ND1    N  Y N 149 
HIS CD2    C  Y N 150 
HIS CE1    C  Y N 151 
HIS NE2    N  Y N 152 
HIS OXT    O  N N 153 
HIS H      H  N N 154 
HIS H2     H  N N 155 
HIS HA     H  N N 156 
HIS HB2    H  N N 157 
HIS HB3    H  N N 158 
HIS HD1    H  N N 159 
HIS HD2    H  N N 160 
HIS HE1    H  N N 161 
HIS HE2    H  N N 162 
HIS HXT    H  N N 163 
HOH O      O  N N 164 
HOH H1     H  N N 165 
HOH H2     H  N N 166 
ILE N      N  N N 167 
ILE CA     C  N S 168 
ILE C      C  N N 169 
ILE O      O  N N 170 
ILE CB     C  N S 171 
ILE CG1    C  N N 172 
ILE CG2    C  N N 173 
ILE CD1    C  N N 174 
ILE OXT    O  N N 175 
ILE H      H  N N 176 
ILE H2     H  N N 177 
ILE HA     H  N N 178 
ILE HB     H  N N 179 
ILE HG12   H  N N 180 
ILE HG13   H  N N 181 
ILE HG21   H  N N 182 
ILE HG22   H  N N 183 
ILE HG23   H  N N 184 
ILE HD11   H  N N 185 
ILE HD12   H  N N 186 
ILE HD13   H  N N 187 
ILE HXT    H  N N 188 
LEU N      N  N N 189 
LEU CA     C  N S 190 
LEU C      C  N N 191 
LEU O      O  N N 192 
LEU CB     C  N N 193 
LEU CG     C  N N 194 
LEU CD1    C  N N 195 
LEU CD2    C  N N 196 
LEU OXT    O  N N 197 
LEU H      H  N N 198 
LEU H2     H  N N 199 
LEU HA     H  N N 200 
LEU HB2    H  N N 201 
LEU HB3    H  N N 202 
LEU HG     H  N N 203 
LEU HD11   H  N N 204 
LEU HD12   H  N N 205 
LEU HD13   H  N N 206 
LEU HD21   H  N N 207 
LEU HD22   H  N N 208 
LEU HD23   H  N N 209 
LEU HXT    H  N N 210 
LYS N      N  N N 211 
LYS CA     C  N S 212 
LYS C      C  N N 213 
LYS O      O  N N 214 
LYS CB     C  N N 215 
LYS CG     C  N N 216 
LYS CD     C  N N 217 
LYS CE     C  N N 218 
LYS NZ     N  N N 219 
LYS OXT    O  N N 220 
LYS H      H  N N 221 
LYS H2     H  N N 222 
LYS HA     H  N N 223 
LYS HB2    H  N N 224 
LYS HB3    H  N N 225 
LYS HG2    H  N N 226 
LYS HG3    H  N N 227 
LYS HD2    H  N N 228 
LYS HD3    H  N N 229 
LYS HE2    H  N N 230 
LYS HE3    H  N N 231 
LYS HZ1    H  N N 232 
LYS HZ2    H  N N 233 
LYS HZ3    H  N N 234 
LYS HXT    H  N N 235 
MET N      N  N N 236 
MET CA     C  N S 237 
MET C      C  N N 238 
MET O      O  N N 239 
MET CB     C  N N 240 
MET CG     C  N N 241 
MET SD     S  N N 242 
MET CE     C  N N 243 
MET OXT    O  N N 244 
MET H      H  N N 245 
MET H2     H  N N 246 
MET HA     H  N N 247 
MET HB2    H  N N 248 
MET HB3    H  N N 249 
MET HG2    H  N N 250 
MET HG3    H  N N 251 
MET HE1    H  N N 252 
MET HE2    H  N N 253 
MET HE3    H  N N 254 
MET HXT    H  N N 255 
MG  MG     MG N N 256 
PHE N      N  N N 257 
PHE CA     C  N S 258 
PHE C      C  N N 259 
PHE O      O  N N 260 
PHE CB     C  N N 261 
PHE CG     C  Y N 262 
PHE CD1    C  Y N 263 
PHE CD2    C  Y N 264 
PHE CE1    C  Y N 265 
PHE CE2    C  Y N 266 
PHE CZ     C  Y N 267 
PHE OXT    O  N N 268 
PHE H      H  N N 269 
PHE H2     H  N N 270 
PHE HA     H  N N 271 
PHE HB2    H  N N 272 
PHE HB3    H  N N 273 
PHE HD1    H  N N 274 
PHE HD2    H  N N 275 
PHE HE1    H  N N 276 
PHE HE2    H  N N 277 
PHE HZ     H  N N 278 
PHE HXT    H  N N 279 
PRO N      N  N N 280 
PRO CA     C  N S 281 
PRO C      C  N N 282 
PRO O      O  N N 283 
PRO CB     C  N N 284 
PRO CG     C  N N 285 
PRO CD     C  N N 286 
PRO OXT    O  N N 287 
PRO H      H  N N 288 
PRO HA     H  N N 289 
PRO HB2    H  N N 290 
PRO HB3    H  N N 291 
PRO HG2    H  N N 292 
PRO HG3    H  N N 293 
PRO HD2    H  N N 294 
PRO HD3    H  N N 295 
PRO HXT    H  N N 296 
SER N      N  N N 297 
SER CA     C  N S 298 
SER C      C  N N 299 
SER O      O  N N 300 
SER CB     C  N N 301 
SER OG     O  N N 302 
SER OXT    O  N N 303 
SER H      H  N N 304 
SER H2     H  N N 305 
SER HA     H  N N 306 
SER HB2    H  N N 307 
SER HB3    H  N N 308 
SER HG     H  N N 309 
SER HXT    H  N N 310 
THR N      N  N N 311 
THR CA     C  N S 312 
THR C      C  N N 313 
THR O      O  N N 314 
THR CB     C  N R 315 
THR OG1    O  N N 316 
THR CG2    C  N N 317 
THR OXT    O  N N 318 
THR H      H  N N 319 
THR H2     H  N N 320 
THR HA     H  N N 321 
THR HB     H  N N 322 
THR HG1    H  N N 323 
THR HG21   H  N N 324 
THR HG22   H  N N 325 
THR HG23   H  N N 326 
THR HXT    H  N N 327 
TRP N      N  N N 328 
TRP CA     C  N S 329 
TRP C      C  N N 330 
TRP O      O  N N 331 
TRP CB     C  N N 332 
TRP CG     C  Y N 333 
TRP CD1    C  Y N 334 
TRP CD2    C  Y N 335 
TRP NE1    N  Y N 336 
TRP CE2    C  Y N 337 
TRP CE3    C  Y N 338 
TRP CZ2    C  Y N 339 
TRP CZ3    C  Y N 340 
TRP CH2    C  Y N 341 
TRP OXT    O  N N 342 
TRP H      H  N N 343 
TRP H2     H  N N 344 
TRP HA     H  N N 345 
TRP HB2    H  N N 346 
TRP HB3    H  N N 347 
TRP HD1    H  N N 348 
TRP HE1    H  N N 349 
TRP HE3    H  N N 350 
TRP HZ2    H  N N 351 
TRP HZ3    H  N N 352 
TRP HH2    H  N N 353 
TRP HXT    H  N N 354 
TYR N      N  N N 355 
TYR CA     C  N S 356 
TYR C      C  N N 357 
TYR O      O  N N 358 
TYR CB     C  N N 359 
TYR CG     C  Y N 360 
TYR CD1    C  Y N 361 
TYR CD2    C  Y N 362 
TYR CE1    C  Y N 363 
TYR CE2    C  Y N 364 
TYR CZ     C  Y N 365 
TYR OH     O  N N 366 
TYR OXT    O  N N 367 
TYR H      H  N N 368 
TYR H2     H  N N 369 
TYR HA     H  N N 370 
TYR HB2    H  N N 371 
TYR HB3    H  N N 372 
TYR HD1    H  N N 373 
TYR HD2    H  N N 374 
TYR HE1    H  N N 375 
TYR HE2    H  N N 376 
TYR HH     H  N N 377 
TYR HXT    H  N N 378 
VAL N      N  N N 379 
VAL CA     C  N S 380 
VAL C      C  N N 381 
VAL O      O  N N 382 
VAL CB     C  N N 383 
VAL CG1    C  N N 384 
VAL CG2    C  N N 385 
VAL OXT    O  N N 386 
VAL H      H  N N 387 
VAL H2     H  N N 388 
VAL HA     H  N N 389 
VAL HB     H  N N 390 
VAL HG11   H  N N 391 
VAL HG12   H  N N 392 
VAL HG13   H  N N 393 
VAL HG21   H  N N 394 
VAL HG22   H  N N 395 
VAL HG23   H  N N 396 
VAL HXT    H  N N 397 
# 
loop_
_chem_comp_bond.comp_id 
_chem_comp_bond.atom_id_1 
_chem_comp_bond.atom_id_2 
_chem_comp_bond.value_order 
_chem_comp_bond.pdbx_aromatic_flag 
_chem_comp_bond.pdbx_stereo_config 
_chem_comp_bond.pdbx_ordinal 
ALA N     CA     sing N N 1   
ALA N     H      sing N N 2   
ALA N     H2     sing N N 3   
ALA CA    C      sing N N 4   
ALA CA    CB     sing N N 5   
ALA CA    HA     sing N N 6   
ALA C     O      doub N N 7   
ALA C     OXT    sing N N 8   
ALA CB    HB1    sing N N 9   
ALA CB    HB2    sing N N 10  
ALA CB    HB3    sing N N 11  
ALA OXT   HXT    sing N N 12  
AMP P     O1P    doub N N 13  
AMP P     O2P    sing N N 14  
AMP P     O3P    sing N N 15  
AMP P     "O5'"  sing N N 16  
AMP O2P   HOP2   sing N N 17  
AMP O3P   HOP3   sing N N 18  
AMP "O5'" "C5'"  sing N N 19  
AMP "C5'" "C4'"  sing N N 20  
AMP "C5'" "H5'1" sing N N 21  
AMP "C5'" "H5'2" sing N N 22  
AMP "C4'" "O4'"  sing N N 23  
AMP "C4'" "C3'"  sing N N 24  
AMP "C4'" "H4'"  sing N N 25  
AMP "O4'" "C1'"  sing N N 26  
AMP "C3'" "O3'"  sing N N 27  
AMP "C3'" "C2'"  sing N N 28  
AMP "C3'" "H3'"  sing N N 29  
AMP "O3'" "HO3'" sing N N 30  
AMP "C2'" "O2'"  sing N N 31  
AMP "C2'" "C1'"  sing N N 32  
AMP "C2'" "H2'"  sing N N 33  
AMP "O2'" "HO2'" sing N N 34  
AMP "C1'" N9     sing N N 35  
AMP "C1'" "H1'"  sing N N 36  
AMP N9    C8     sing Y N 37  
AMP N9    C4     sing Y N 38  
AMP C8    N7     doub Y N 39  
AMP C8    H8     sing N N 40  
AMP N7    C5     sing Y N 41  
AMP C5    C6     sing Y N 42  
AMP C5    C4     doub Y N 43  
AMP C6    N6     sing N N 44  
AMP C6    N1     doub Y N 45  
AMP N6    HN61   sing N N 46  
AMP N6    HN62   sing N N 47  
AMP N1    C2     sing Y N 48  
AMP C2    N3     doub Y N 49  
AMP C2    H2     sing N N 50  
AMP N3    C4     sing Y N 51  
ARG N     CA     sing N N 52  
ARG N     H      sing N N 53  
ARG N     H2     sing N N 54  
ARG CA    C      sing N N 55  
ARG CA    CB     sing N N 56  
ARG CA    HA     sing N N 57  
ARG C     O      doub N N 58  
ARG C     OXT    sing N N 59  
ARG CB    CG     sing N N 60  
ARG CB    HB2    sing N N 61  
ARG CB    HB3    sing N N 62  
ARG CG    CD     sing N N 63  
ARG CG    HG2    sing N N 64  
ARG CG    HG3    sing N N 65  
ARG CD    NE     sing N N 66  
ARG CD    HD2    sing N N 67  
ARG CD    HD3    sing N N 68  
ARG NE    CZ     sing N N 69  
ARG NE    HE     sing N N 70  
ARG CZ    NH1    sing N N 71  
ARG CZ    NH2    doub N N 72  
ARG NH1   HH11   sing N N 73  
ARG NH1   HH12   sing N N 74  
ARG NH2   HH21   sing N N 75  
ARG NH2   HH22   sing N N 76  
ARG OXT   HXT    sing N N 77  
ASP N     CA     sing N N 78  
ASP N     H      sing N N 79  
ASP N     H2     sing N N 80  
ASP CA    C      sing N N 81  
ASP CA    CB     sing N N 82  
ASP CA    HA     sing N N 83  
ASP C     O      doub N N 84  
ASP C     OXT    sing N N 85  
ASP CB    CG     sing N N 86  
ASP CB    HB2    sing N N 87  
ASP CB    HB3    sing N N 88  
ASP CG    OD1    doub N N 89  
ASP CG    OD2    sing N N 90  
ASP OD2   HD2    sing N N 91  
ASP OXT   HXT    sing N N 92  
GLN N     CA     sing N N 93  
GLN N     H      sing N N 94  
GLN N     H2     sing N N 95  
GLN CA    C      sing N N 96  
GLN CA    CB     sing N N 97  
GLN CA    HA     sing N N 98  
GLN C     O      doub N N 99  
GLN C     OXT    sing N N 100 
GLN CB    CG     sing N N 101 
GLN CB    HB2    sing N N 102 
GLN CB    HB3    sing N N 103 
GLN CG    CD     sing N N 104 
GLN CG    HG2    sing N N 105 
GLN CG    HG3    sing N N 106 
GLN CD    OE1    doub N N 107 
GLN CD    NE2    sing N N 108 
GLN NE2   HE21   sing N N 109 
GLN NE2   HE22   sing N N 110 
GLN OXT   HXT    sing N N 111 
GLU N     CA     sing N N 112 
GLU N     H      sing N N 113 
GLU N     H2     sing N N 114 
GLU CA    C      sing N N 115 
GLU CA    CB     sing N N 116 
GLU CA    HA     sing N N 117 
GLU C     O      doub N N 118 
GLU C     OXT    sing N N 119 
GLU CB    CG     sing N N 120 
GLU CB    HB2    sing N N 121 
GLU CB    HB3    sing N N 122 
GLU CG    CD     sing N N 123 
GLU CG    HG2    sing N N 124 
GLU CG    HG3    sing N N 125 
GLU CD    OE1    doub N N 126 
GLU CD    OE2    sing N N 127 
GLU OE2   HE2    sing N N 128 
GLU OXT   HXT    sing N N 129 
GLY N     CA     sing N N 130 
GLY N     H      sing N N 131 
GLY N     H2     sing N N 132 
GLY CA    C      sing N N 133 
GLY CA    HA2    sing N N 134 
GLY CA    HA3    sing N N 135 
GLY C     O      doub N N 136 
GLY C     OXT    sing N N 137 
GLY OXT   HXT    sing N N 138 
HIS N     CA     sing N N 139 
HIS N     H      sing N N 140 
HIS N     H2     sing N N 141 
HIS CA    C      sing N N 142 
HIS CA    CB     sing N N 143 
HIS CA    HA     sing N N 144 
HIS C     O      doub N N 145 
HIS C     OXT    sing N N 146 
HIS CB    CG     sing N N 147 
HIS CB    HB2    sing N N 148 
HIS CB    HB3    sing N N 149 
HIS CG    ND1    sing Y N 150 
HIS CG    CD2    doub Y N 151 
HIS ND1   CE1    doub Y N 152 
HIS ND1   HD1    sing N N 153 
HIS CD2   NE2    sing Y N 154 
HIS CD2   HD2    sing N N 155 
HIS CE1   NE2    sing Y N 156 
HIS CE1   HE1    sing N N 157 
HIS NE2   HE2    sing N N 158 
HIS OXT   HXT    sing N N 159 
HOH O     H1     sing N N 160 
HOH O     H2     sing N N 161 
ILE N     CA     sing N N 162 
ILE N     H      sing N N 163 
ILE N     H2     sing N N 164 
ILE CA    C      sing N N 165 
ILE CA    CB     sing N N 166 
ILE CA    HA     sing N N 167 
ILE C     O      doub N N 168 
ILE C     OXT    sing N N 169 
ILE CB    CG1    sing N N 170 
ILE CB    CG2    sing N N 171 
ILE CB    HB     sing N N 172 
ILE CG1   CD1    sing N N 173 
ILE CG1   HG12   sing N N 174 
ILE CG1   HG13   sing N N 175 
ILE CG2   HG21   sing N N 176 
ILE CG2   HG22   sing N N 177 
ILE CG2   HG23   sing N N 178 
ILE CD1   HD11   sing N N 179 
ILE CD1   HD12   sing N N 180 
ILE CD1   HD13   sing N N 181 
ILE OXT   HXT    sing N N 182 
LEU N     CA     sing N N 183 
LEU N     H      sing N N 184 
LEU N     H2     sing N N 185 
LEU CA    C      sing N N 186 
LEU CA    CB     sing N N 187 
LEU CA    HA     sing N N 188 
LEU C     O      doub N N 189 
LEU C     OXT    sing N N 190 
LEU CB    CG     sing N N 191 
LEU CB    HB2    sing N N 192 
LEU CB    HB3    sing N N 193 
LEU CG    CD1    sing N N 194 
LEU CG    CD2    sing N N 195 
LEU CG    HG     sing N N 196 
LEU CD1   HD11   sing N N 197 
LEU CD1   HD12   sing N N 198 
LEU CD1   HD13   sing N N 199 
LEU CD2   HD21   sing N N 200 
LEU CD2   HD22   sing N N 201 
LEU CD2   HD23   sing N N 202 
LEU OXT   HXT    sing N N 203 
LYS N     CA     sing N N 204 
LYS N     H      sing N N 205 
LYS N     H2     sing N N 206 
LYS CA    C      sing N N 207 
LYS CA    CB     sing N N 208 
LYS CA    HA     sing N N 209 
LYS C     O      doub N N 210 
LYS C     OXT    sing N N 211 
LYS CB    CG     sing N N 212 
LYS CB    HB2    sing N N 213 
LYS CB    HB3    sing N N 214 
LYS CG    CD     sing N N 215 
LYS CG    HG2    sing N N 216 
LYS CG    HG3    sing N N 217 
LYS CD    CE     sing N N 218 
LYS CD    HD2    sing N N 219 
LYS CD    HD3    sing N N 220 
LYS CE    NZ     sing N N 221 
LYS CE    HE2    sing N N 222 
LYS CE    HE3    sing N N 223 
LYS NZ    HZ1    sing N N 224 
LYS NZ    HZ2    sing N N 225 
LYS NZ    HZ3    sing N N 226 
LYS OXT   HXT    sing N N 227 
MET N     CA     sing N N 228 
MET N     H      sing N N 229 
MET N     H2     sing N N 230 
MET CA    C      sing N N 231 
MET CA    CB     sing N N 232 
MET CA    HA     sing N N 233 
MET C     O      doub N N 234 
MET C     OXT    sing N N 235 
MET CB    CG     sing N N 236 
MET CB    HB2    sing N N 237 
MET CB    HB3    sing N N 238 
MET CG    SD     sing N N 239 
MET CG    HG2    sing N N 240 
MET CG    HG3    sing N N 241 
MET SD    CE     sing N N 242 
MET CE    HE1    sing N N 243 
MET CE    HE2    sing N N 244 
MET CE    HE3    sing N N 245 
MET OXT   HXT    sing N N 246 
PHE N     CA     sing N N 247 
PHE N     H      sing N N 248 
PHE N     H2     sing N N 249 
PHE CA    C      sing N N 250 
PHE CA    CB     sing N N 251 
PHE CA    HA     sing N N 252 
PHE C     O      doub N N 253 
PHE C     OXT    sing N N 254 
PHE CB    CG     sing N N 255 
PHE CB    HB2    sing N N 256 
PHE CB    HB3    sing N N 257 
PHE CG    CD1    doub Y N 258 
PHE CG    CD2    sing Y N 259 
PHE CD1   CE1    sing Y N 260 
PHE CD1   HD1    sing N N 261 
PHE CD2   CE2    doub Y N 262 
PHE CD2   HD2    sing N N 263 
PHE CE1   CZ     doub Y N 264 
PHE CE1   HE1    sing N N 265 
PHE CE2   CZ     sing Y N 266 
PHE CE2   HE2    sing N N 267 
PHE CZ    HZ     sing N N 268 
PHE OXT   HXT    sing N N 269 
PRO N     CA     sing N N 270 
PRO N     CD     sing N N 271 
PRO N     H      sing N N 272 
PRO CA    C      sing N N 273 
PRO CA    CB     sing N N 274 
PRO CA    HA     sing N N 275 
PRO C     O      doub N N 276 
PRO C     OXT    sing N N 277 
PRO CB    CG     sing N N 278 
PRO CB    HB2    sing N N 279 
PRO CB    HB3    sing N N 280 
PRO CG    CD     sing N N 281 
PRO CG    HG2    sing N N 282 
PRO CG    HG3    sing N N 283 
PRO CD    HD2    sing N N 284 
PRO CD    HD3    sing N N 285 
PRO OXT   HXT    sing N N 286 
SER N     CA     sing N N 287 
SER N     H      sing N N 288 
SER N     H2     sing N N 289 
SER CA    C      sing N N 290 
SER CA    CB     sing N N 291 
SER CA    HA     sing N N 292 
SER C     O      doub N N 293 
SER C     OXT    sing N N 294 
SER CB    OG     sing N N 295 
SER CB    HB2    sing N N 296 
SER CB    HB3    sing N N 297 
SER OG    HG     sing N N 298 
SER OXT   HXT    sing N N 299 
THR N     CA     sing N N 300 
THR N     H      sing N N 301 
THR N     H2     sing N N 302 
THR CA    C      sing N N 303 
THR CA    CB     sing N N 304 
THR CA    HA     sing N N 305 
THR C     O      doub N N 306 
THR C     OXT    sing N N 307 
THR CB    OG1    sing N N 308 
THR CB    CG2    sing N N 309 
THR CB    HB     sing N N 310 
THR OG1   HG1    sing N N 311 
THR CG2   HG21   sing N N 312 
THR CG2   HG22   sing N N 313 
THR CG2   HG23   sing N N 314 
THR OXT   HXT    sing N N 315 
TRP N     CA     sing N N 316 
TRP N     H      sing N N 317 
TRP N     H2     sing N N 318 
TRP CA    C      sing N N 319 
TRP CA    CB     sing N N 320 
TRP CA    HA     sing N N 321 
TRP C     O      doub N N 322 
TRP C     OXT    sing N N 323 
TRP CB    CG     sing N N 324 
TRP CB    HB2    sing N N 325 
TRP CB    HB3    sing N N 326 
TRP CG    CD1    doub Y N 327 
TRP CG    CD2    sing Y N 328 
TRP CD1   NE1    sing Y N 329 
TRP CD1   HD1    sing N N 330 
TRP CD2   CE2    doub Y N 331 
TRP CD2   CE3    sing Y N 332 
TRP NE1   CE2    sing Y N 333 
TRP NE1   HE1    sing N N 334 
TRP CE2   CZ2    sing Y N 335 
TRP CE3   CZ3    doub Y N 336 
TRP CE3   HE3    sing N N 337 
TRP CZ2   CH2    doub Y N 338 
TRP CZ2   HZ2    sing N N 339 
TRP CZ3   CH2    sing Y N 340 
TRP CZ3   HZ3    sing N N 341 
TRP CH2   HH2    sing N N 342 
TRP OXT   HXT    sing N N 343 
TYR N     CA     sing N N 344 
TYR N     H      sing N N 345 
TYR N     H2     sing N N 346 
TYR CA    C      sing N N 347 
TYR CA    CB     sing N N 348 
TYR CA    HA     sing N N 349 
TYR C     O      doub N N 350 
TYR C     OXT    sing N N 351 
TYR CB    CG     sing N N 352 
TYR CB    HB2    sing N N 353 
TYR CB    HB3    sing N N 354 
TYR CG    CD1    doub Y N 355 
TYR CG    CD2    sing Y N 356 
TYR CD1   CE1    sing Y N 357 
TYR CD1   HD1    sing N N 358 
TYR CD2   CE2    doub Y N 359 
TYR CD2   HD2    sing N N 360 
TYR CE1   CZ     doub Y N 361 
TYR CE1   HE1    sing N N 362 
TYR CE2   CZ     sing Y N 363 
TYR CE2   HE2    sing N N 364 
TYR CZ    OH     sing N N 365 
TYR OH    HH     sing N N 366 
TYR OXT   HXT    sing N N 367 
VAL N     CA     sing N N 368 
VAL N     H      sing N N 369 
VAL N     H2     sing N N 370 
VAL CA    C      sing N N 371 
VAL CA    CB     sing N N 372 
VAL CA    HA     sing N N 373 
VAL C     O      doub N N 374 
VAL C     OXT    sing N N 375 
VAL CB    CG1    sing N N 376 
VAL CB    CG2    sing N N 377 
VAL CB    HB     sing N N 378 
VAL CG1   HG11   sing N N 379 
VAL CG1   HG12   sing N N 380 
VAL CG1   HG13   sing N N 381 
VAL CG2   HG21   sing N N 382 
VAL CG2   HG22   sing N N 383 
VAL CG2   HG23   sing N N 384 
VAL OXT   HXT    sing N N 385 
# 
loop_
_pdbx_entity_nonpoly.entity_id 
_pdbx_entity_nonpoly.name 
_pdbx_entity_nonpoly.comp_id 
2 'MAGNESIUM ION'           MG  
3 'ADENOSINE MONOPHOSPHATE' AMP 
4 water                     HOH 
# 
_pdbx_initial_refinement_model.id               1 
_pdbx_initial_refinement_model.entity_id_list   ? 
_pdbx_initial_refinement_model.type             'experimental model' 
_pdbx_initial_refinement_model.source_name      PDB 
_pdbx_initial_refinement_model.accession_code   2YVM 
_pdbx_initial_refinement_model.details          'PDB ENTRY 2YVM' 
# 
